data_2D92
#
_entry.id   2D92
#
_entity_poly.entity_id   1
_entity_poly.type   'polypeptide(L)'
_entity_poly.pdbx_seq_one_letter_code
;GSSGSSGELALWSPEVKIVELVKDCKGLGFSILDYQDPLDPTRSVIVIRSLVADGVAERSGGLLPGDRLVSVNEYCLDNT
SLAEAVEILKAVPPGLVHLGICSGPSSG
;
_entity_poly.pdbx_strand_id   A
#
# COMPACT_ATOMS: atom_id res chain seq x y z
N GLY A 1 -12.05 -28.47 -10.28
CA GLY A 1 -11.91 -27.10 -9.78
C GLY A 1 -12.30 -26.98 -8.32
N SER A 2 -11.56 -27.64 -7.45
CA SER A 2 -11.84 -27.59 -6.02
C SER A 2 -11.03 -26.49 -5.35
N SER A 3 -11.63 -25.31 -5.23
CA SER A 3 -10.96 -24.17 -4.60
C SER A 3 -10.53 -24.51 -3.19
N GLY A 4 -9.47 -23.85 -2.73
CA GLY A 4 -8.96 -24.10 -1.39
C GLY A 4 -9.88 -23.55 -0.32
N SER A 5 -10.08 -24.33 0.74
CA SER A 5 -10.95 -23.93 1.84
C SER A 5 -10.15 -23.34 2.99
N SER A 6 -10.61 -22.22 3.53
CA SER A 6 -9.94 -21.56 4.63
C SER A 6 -8.43 -21.50 4.38
N GLY A 7 -8.05 -21.06 3.19
CA GLY A 7 -6.65 -20.96 2.85
C GLY A 7 -6.33 -19.72 2.02
N GLU A 8 -6.84 -19.70 0.79
CA GLU A 8 -6.62 -18.57 -0.11
C GLU A 8 -6.61 -17.26 0.67
N LEU A 9 -5.64 -16.39 0.34
CA LEU A 9 -5.52 -15.10 1.00
C LEU A 9 -6.83 -14.31 0.92
N ALA A 10 -7.53 -14.20 2.05
CA ALA A 10 -8.79 -13.48 2.09
C ALA A 10 -8.61 -12.12 2.76
N LEU A 11 -7.67 -12.05 3.70
CA LEU A 11 -7.41 -10.80 4.42
C LEU A 11 -7.57 -9.60 3.50
N TRP A 12 -7.22 -9.78 2.23
CA TRP A 12 -7.33 -8.71 1.25
C TRP A 12 -8.24 -9.12 0.09
N SER A 13 -8.55 -8.16 -0.77
CA SER A 13 -9.40 -8.42 -1.93
C SER A 13 -8.57 -8.61 -3.20
N PRO A 14 -9.01 -9.56 -4.05
CA PRO A 14 -8.33 -9.85 -5.31
C PRO A 14 -8.46 -8.72 -6.33
N GLU A 15 -9.13 -7.64 -5.92
CA GLU A 15 -9.33 -6.50 -6.79
C GLU A 15 -8.74 -5.23 -6.18
N VAL A 16 -7.65 -4.74 -6.75
CA VAL A 16 -6.99 -3.54 -6.25
C VAL A 16 -7.73 -2.29 -6.71
N LYS A 17 -7.59 -1.22 -5.93
CA LYS A 17 -8.24 0.05 -6.25
C LYS A 17 -7.22 1.17 -6.37
N ILE A 18 -7.27 1.91 -7.48
CA ILE A 18 -6.35 3.00 -7.72
C ILE A 18 -6.87 4.30 -7.10
N VAL A 19 -6.16 4.79 -6.08
CA VAL A 19 -6.56 6.02 -5.41
C VAL A 19 -5.73 7.21 -5.89
N GLU A 20 -6.42 8.27 -6.31
CA GLU A 20 -5.74 9.46 -6.80
C GLU A 20 -5.32 10.36 -5.64
N LEU A 21 -4.03 10.36 -5.34
CA LEU A 21 -3.48 11.17 -4.25
C LEU A 21 -2.63 12.31 -4.80
N VAL A 22 -2.92 13.53 -4.36
CA VAL A 22 -2.19 14.71 -4.80
C VAL A 22 -1.03 15.00 -3.87
N LYS A 23 0.19 14.65 -4.29
CA LYS A 23 1.38 14.87 -3.48
C LYS A 23 1.67 16.37 -3.37
N ASP A 24 2.43 16.73 -2.35
CA ASP A 24 2.79 18.13 -2.11
C ASP A 24 4.29 18.28 -1.86
N CYS A 25 4.71 19.50 -1.53
CA CYS A 25 6.11 19.77 -1.27
C CYS A 25 6.71 18.71 -0.34
N LYS A 26 6.15 18.59 0.86
CA LYS A 26 6.62 17.61 1.84
C LYS A 26 6.46 16.19 1.30
N GLY A 27 5.45 15.99 0.46
CA GLY A 27 5.20 14.68 -0.09
C GLY A 27 3.80 14.17 0.19
N LEU A 28 3.71 12.94 0.69
CA LEU A 28 2.42 12.34 1.01
C LEU A 28 2.04 12.60 2.46
N GLY A 29 0.92 12.02 2.89
CA GLY A 29 0.47 12.19 4.26
C GLY A 29 0.19 10.88 4.95
N PHE A 30 0.87 9.82 4.51
CA PHE A 30 0.68 8.49 5.09
C PHE A 30 2.01 7.78 5.26
N SER A 31 1.97 6.60 5.89
CA SER A 31 3.18 5.83 6.12
C SER A 31 3.00 4.39 5.63
N ILE A 32 4.08 3.62 5.68
CA ILE A 32 4.04 2.22 5.24
C ILE A 32 4.99 1.36 6.06
N LEU A 33 4.72 0.06 6.10
CA LEU A 33 5.55 -0.87 6.85
C LEU A 33 5.64 -2.21 6.13
N ASP A 34 6.52 -3.08 6.62
CA ASP A 34 6.71 -4.40 6.03
C ASP A 34 5.88 -5.45 6.77
N TYR A 35 5.15 -6.26 6.01
CA TYR A 35 4.31 -7.30 6.60
C TYR A 35 4.74 -8.69 6.11
N GLN A 36 4.37 -9.72 6.86
CA GLN A 36 4.72 -11.08 6.51
C GLN A 36 3.50 -11.99 6.59
N ASP A 37 3.20 -12.68 5.49
CA ASP A 37 2.05 -13.58 5.44
C ASP A 37 2.15 -14.64 6.53
N PRO A 38 1.01 -14.94 7.15
CA PRO A 38 0.93 -15.94 8.23
C PRO A 38 1.14 -17.37 7.71
N LEU A 39 0.94 -17.55 6.41
CA LEU A 39 1.12 -18.86 5.79
C LEU A 39 2.43 -18.94 5.03
N ASP A 40 2.88 -17.81 4.51
CA ASP A 40 4.13 -17.74 3.77
C ASP A 40 5.08 -16.72 4.38
N PRO A 41 6.00 -17.20 5.23
CA PRO A 41 6.99 -16.34 5.90
C PRO A 41 8.03 -15.79 4.94
N THR A 42 8.27 -16.52 3.85
CA THR A 42 9.24 -16.09 2.86
C THR A 42 8.66 -15.03 1.93
N ARG A 43 7.45 -14.58 2.25
CA ARG A 43 6.78 -13.56 1.44
C ARG A 43 6.40 -12.36 2.31
N SER A 44 6.73 -11.16 1.84
CA SER A 44 6.42 -9.94 2.56
C SER A 44 5.61 -8.98 1.69
N VAL A 45 4.85 -8.10 2.34
CA VAL A 45 4.04 -7.12 1.63
C VAL A 45 3.99 -5.79 2.37
N ILE A 46 3.79 -4.71 1.63
CA ILE A 46 3.72 -3.38 2.22
C ILE A 46 2.29 -3.02 2.58
N VAL A 47 2.09 -2.54 3.80
CA VAL A 47 0.77 -2.15 4.27
C VAL A 47 0.72 -0.66 4.61
N ILE A 48 -0.49 -0.15 4.78
CA ILE A 48 -0.68 1.27 5.11
C ILE A 48 -0.53 1.51 6.60
N ARG A 49 0.69 1.81 7.03
CA ARG A 49 0.97 2.08 8.44
C ARG A 49 -0.15 2.90 9.07
N SER A 50 -0.31 4.13 8.59
CA SER A 50 -1.34 5.02 9.11
C SER A 50 -1.44 6.29 8.26
N LEU A 51 -2.59 6.96 8.34
CA LEU A 51 -2.81 8.18 7.58
C LEU A 51 -2.65 9.41 8.47
N VAL A 52 -1.65 10.22 8.18
CA VAL A 52 -1.38 11.43 8.95
C VAL A 52 -2.63 12.30 9.03
N ALA A 53 -2.83 12.92 10.19
CA ALA A 53 -3.98 13.79 10.40
C ALA A 53 -4.16 14.77 9.25
N ASP A 54 -5.26 14.64 8.53
CA ASP A 54 -5.55 15.50 7.39
C ASP A 54 -4.46 15.39 6.33
N GLY A 55 -3.89 14.19 6.20
CA GLY A 55 -2.84 13.97 5.22
C GLY A 55 -3.40 13.64 3.85
N VAL A 56 -2.62 13.90 2.81
CA VAL A 56 -3.03 13.64 1.44
C VAL A 56 -3.87 12.37 1.37
N ALA A 57 -3.45 11.33 2.10
CA ALA A 57 -4.16 10.07 2.12
C ALA A 57 -5.60 10.25 2.60
N GLU A 58 -5.75 10.78 3.81
CA GLU A 58 -7.07 11.00 4.39
C GLU A 58 -7.88 11.95 3.53
N ARG A 59 -7.28 13.09 3.17
CA ARG A 59 -7.95 14.08 2.34
C ARG A 59 -8.70 13.42 1.20
N SER A 60 -7.97 12.70 0.35
CA SER A 60 -8.57 12.03 -0.79
C SER A 60 -9.75 11.15 -0.35
N GLY A 61 -9.52 10.34 0.68
CA GLY A 61 -10.57 9.47 1.17
C GLY A 61 -10.60 8.13 0.45
N GLY A 62 -9.43 7.56 0.22
CA GLY A 62 -9.34 6.27 -0.45
C GLY A 62 -8.43 5.30 0.25
N LEU A 63 -7.42 5.84 0.95
CA LEU A 63 -6.48 5.00 1.67
C LEU A 63 -6.95 4.75 3.10
N LEU A 64 -6.45 3.67 3.70
CA LEU A 64 -6.82 3.33 5.06
C LEU A 64 -5.72 2.50 5.74
N PRO A 65 -5.59 2.65 7.06
CA PRO A 65 -4.59 1.93 7.85
C PRO A 65 -4.89 0.44 7.95
N GLY A 66 -4.02 -0.39 7.37
CA GLY A 66 -4.21 -1.82 7.41
C GLY A 66 -4.33 -2.43 6.03
N ASP A 67 -4.58 -1.59 5.03
CA ASP A 67 -4.70 -2.05 3.65
C ASP A 67 -3.33 -2.32 3.04
N ARG A 68 -3.27 -3.31 2.15
CA ARG A 68 -2.02 -3.66 1.50
C ARG A 68 -1.81 -2.83 0.23
N LEU A 69 -0.71 -2.09 0.20
CA LEU A 69 -0.38 -1.25 -0.95
C LEU A 69 0.21 -2.08 -2.08
N VAL A 70 -0.33 -1.90 -3.28
CA VAL A 70 0.15 -2.63 -4.45
C VAL A 70 1.35 -1.93 -5.08
N SER A 71 1.14 -0.70 -5.53
CA SER A 71 2.19 0.08 -6.17
C SER A 71 1.94 1.57 -6.02
N VAL A 72 2.97 2.37 -6.27
CA VAL A 72 2.85 3.82 -6.16
C VAL A 72 3.39 4.51 -7.41
N ASN A 73 2.49 5.07 -8.20
CA ASN A 73 2.88 5.77 -9.42
C ASN A 73 3.54 4.80 -10.41
N GLU A 74 2.97 3.61 -10.54
CA GLU A 74 3.50 2.60 -11.45
C GLU A 74 4.82 2.04 -10.92
N TYR A 75 4.82 1.63 -9.66
CA TYR A 75 6.03 1.08 -9.04
C TYR A 75 5.71 -0.21 -8.30
N CYS A 76 6.14 -1.34 -8.86
CA CYS A 76 5.90 -2.64 -8.26
C CYS A 76 6.50 -2.70 -6.86
N LEU A 77 5.64 -2.61 -5.85
CA LEU A 77 6.08 -2.64 -4.45
C LEU A 77 5.88 -4.04 -3.87
N ASP A 78 5.70 -5.02 -4.74
CA ASP A 78 5.51 -6.40 -4.30
C ASP A 78 6.77 -6.95 -3.65
N ASN A 79 6.58 -7.71 -2.57
CA ASN A 79 7.71 -8.29 -1.85
C ASN A 79 8.88 -7.31 -1.77
N THR A 80 8.56 -6.05 -1.51
CA THR A 80 9.58 -5.01 -1.42
C THR A 80 9.96 -4.73 0.03
N SER A 81 11.22 -4.41 0.26
CA SER A 81 11.71 -4.13 1.61
C SER A 81 11.30 -2.73 2.05
N LEU A 82 10.83 -2.62 3.29
CA LEU A 82 10.40 -1.33 3.83
C LEU A 82 11.30 -0.20 3.32
N ALA A 83 12.60 -0.36 3.52
CA ALA A 83 13.57 0.64 3.07
C ALA A 83 13.33 1.03 1.62
N GLU A 84 13.14 0.02 0.77
CA GLU A 84 12.91 0.26 -0.65
C GLU A 84 11.57 0.96 -0.87
N ALA A 85 10.53 0.49 -0.18
CA ALA A 85 9.21 1.08 -0.30
C ALA A 85 9.23 2.56 0.06
N VAL A 86 9.87 2.89 1.17
CA VAL A 86 9.96 4.27 1.62
C VAL A 86 10.68 5.13 0.59
N GLU A 87 11.79 4.63 0.07
CA GLU A 87 12.57 5.36 -0.92
C GLU A 87 11.75 5.60 -2.19
N ILE A 88 10.89 4.64 -2.52
CA ILE A 88 10.05 4.75 -3.71
C ILE A 88 9.04 5.88 -3.55
N LEU A 89 8.46 6.00 -2.37
CA LEU A 89 7.48 7.04 -2.09
C LEU A 89 8.14 8.41 -1.99
N LYS A 90 9.43 8.40 -1.68
CA LYS A 90 10.19 9.65 -1.56
C LYS A 90 10.73 10.08 -2.91
N ALA A 91 11.08 9.12 -3.75
CA ALA A 91 11.61 9.40 -5.07
C ALA A 91 10.50 9.79 -6.04
N VAL A 92 9.27 9.35 -5.74
CA VAL A 92 8.12 9.65 -6.57
C VAL A 92 7.92 11.16 -6.71
N PRO A 93 7.64 11.61 -7.94
CA PRO A 93 7.41 13.03 -8.23
C PRO A 93 6.10 13.54 -7.64
N PRO A 94 6.03 14.86 -7.43
CA PRO A 94 4.83 15.50 -6.87
C PRO A 94 3.65 15.49 -7.84
N GLY A 95 2.49 15.93 -7.36
CA GLY A 95 1.31 15.95 -8.20
C GLY A 95 0.46 14.71 -8.04
N LEU A 96 -0.39 14.44 -9.03
CA LEU A 96 -1.26 13.28 -9.00
C LEU A 96 -0.46 12.01 -8.69
N VAL A 97 -0.98 11.20 -7.77
CA VAL A 97 -0.32 9.97 -7.38
C VAL A 97 -1.24 8.77 -7.57
N HIS A 98 -0.98 7.99 -8.61
CA HIS A 98 -1.80 6.81 -8.90
C HIS A 98 -1.23 5.58 -8.20
N LEU A 99 -1.80 5.26 -7.05
CA LEU A 99 -1.35 4.10 -6.27
C LEU A 99 -2.52 3.17 -5.96
N GLY A 100 -2.30 1.87 -6.08
CA GLY A 100 -3.33 0.91 -5.80
C GLY A 100 -3.38 0.50 -4.35
N ILE A 101 -4.52 -0.02 -3.90
CA ILE A 101 -4.68 -0.45 -2.53
C ILE A 101 -5.54 -1.70 -2.43
N CYS A 102 -5.23 -2.57 -1.47
CA CYS A 102 -5.98 -3.81 -1.28
C CYS A 102 -6.72 -3.78 0.05
N SER A 103 -8.04 -3.55 -0.02
CA SER A 103 -8.87 -3.49 1.18
C SER A 103 -8.51 -4.63 2.13
N GLY A 104 -8.09 -4.26 3.35
CA GLY A 104 -7.72 -5.27 4.34
C GLY A 104 -8.60 -5.21 5.57
N PRO A 105 -8.09 -5.73 6.69
CA PRO A 105 -8.83 -5.77 7.96
C PRO A 105 -8.98 -4.38 8.57
N SER A 106 -10.04 -3.67 8.18
CA SER A 106 -10.30 -2.33 8.68
C SER A 106 -11.24 -2.37 9.88
N SER A 107 -11.00 -1.49 10.85
CA SER A 107 -11.83 -1.43 12.04
C SER A 107 -12.85 -0.29 11.94
N GLY A 108 -13.07 0.19 10.73
CA GLY A 108 -14.01 1.27 10.52
C GLY A 108 -15.38 0.78 10.06
N GLY A 1 4.55 -26.67 -13.16
CA GLY A 1 4.42 -25.37 -12.51
C GLY A 1 4.67 -24.21 -13.46
N SER A 2 3.59 -23.69 -14.04
CA SER A 2 3.69 -22.58 -14.98
C SER A 2 3.57 -21.25 -14.26
N SER A 3 4.51 -20.34 -14.52
CA SER A 3 4.51 -19.03 -13.90
C SER A 3 3.32 -18.20 -14.38
N GLY A 4 2.67 -17.51 -13.45
CA GLY A 4 1.53 -16.69 -13.80
C GLY A 4 0.75 -16.24 -12.58
N SER A 5 1.00 -15.01 -12.12
CA SER A 5 0.31 -14.47 -10.96
C SER A 5 0.04 -15.56 -9.94
N SER A 6 1.02 -16.44 -9.74
CA SER A 6 0.87 -17.54 -8.78
C SER A 6 0.83 -17.02 -7.35
N GLY A 7 0.04 -17.67 -6.51
CA GLY A 7 -0.07 -17.26 -5.12
C GLY A 7 -1.26 -16.35 -4.88
N GLU A 8 -2.25 -16.86 -4.14
CA GLU A 8 -3.45 -16.09 -3.84
C GLU A 8 -3.44 -15.60 -2.40
N LEU A 9 -3.93 -14.39 -2.19
CA LEU A 9 -3.97 -13.81 -0.84
C LEU A 9 -5.35 -13.98 -0.21
N ALA A 10 -5.36 -14.22 1.09
CA ALA A 10 -6.62 -14.41 1.81
C ALA A 10 -6.92 -13.21 2.71
N LEU A 11 -5.88 -12.63 3.29
CA LEU A 11 -6.05 -11.47 4.16
C LEU A 11 -6.63 -10.29 3.40
N TRP A 12 -6.11 -10.06 2.20
CA TRP A 12 -6.58 -8.95 1.37
C TRP A 12 -7.41 -9.48 0.20
N SER A 13 -7.84 -8.56 -0.67
CA SER A 13 -8.64 -8.93 -1.83
C SER A 13 -7.85 -8.78 -3.12
N PRO A 14 -8.08 -9.68 -4.08
CA PRO A 14 -7.39 -9.67 -5.37
C PRO A 14 -7.83 -8.50 -6.25
N GLU A 15 -8.73 -7.68 -5.71
CA GLU A 15 -9.24 -6.52 -6.45
C GLU A 15 -8.53 -5.24 -6.00
N VAL A 16 -7.57 -4.79 -6.81
CA VAL A 16 -6.81 -3.58 -6.50
C VAL A 16 -7.60 -2.33 -6.90
N LYS A 17 -7.54 -1.30 -6.06
CA LYS A 17 -8.23 -0.05 -6.32
C LYS A 17 -7.25 1.11 -6.39
N ILE A 18 -7.32 1.87 -7.48
CA ILE A 18 -6.43 3.02 -7.67
C ILE A 18 -6.98 4.25 -6.95
N VAL A 19 -6.11 4.92 -6.19
CA VAL A 19 -6.50 6.11 -5.45
C VAL A 19 -5.70 7.33 -5.92
N GLU A 20 -6.41 8.39 -6.28
CA GLU A 20 -5.78 9.62 -6.74
C GLU A 20 -5.34 10.48 -5.56
N LEU A 21 -4.04 10.50 -5.29
CA LEU A 21 -3.49 11.29 -4.19
C LEU A 21 -2.66 12.46 -4.72
N VAL A 22 -2.99 13.67 -4.26
CA VAL A 22 -2.27 14.87 -4.69
C VAL A 22 -1.10 15.16 -3.75
N LYS A 23 0.09 14.72 -4.16
CA LYS A 23 1.29 14.94 -3.36
C LYS A 23 1.58 16.44 -3.21
N ASP A 24 2.33 16.78 -2.16
CA ASP A 24 2.68 18.17 -1.91
C ASP A 24 4.18 18.33 -1.70
N CYS A 25 4.61 19.54 -1.36
CA CYS A 25 6.02 19.82 -1.13
C CYS A 25 6.67 18.71 -0.31
N LYS A 26 6.20 18.54 0.93
CA LYS A 26 6.73 17.52 1.82
C LYS A 26 6.58 16.13 1.20
N GLY A 27 5.47 15.92 0.52
CA GLY A 27 5.22 14.63 -0.11
C GLY A 27 3.83 14.10 0.16
N LEU A 28 3.75 12.90 0.74
CA LEU A 28 2.47 12.29 1.07
C LEU A 28 2.09 12.54 2.52
N GLY A 29 0.98 11.95 2.95
CA GLY A 29 0.53 12.13 4.32
C GLY A 29 0.23 10.81 5.00
N PHE A 30 0.91 9.74 4.56
CA PHE A 30 0.71 8.42 5.13
C PHE A 30 2.04 7.69 5.28
N SER A 31 2.00 6.53 5.93
CA SER A 31 3.21 5.74 6.15
C SER A 31 2.99 4.29 5.69
N ILE A 32 4.07 3.52 5.69
CA ILE A 32 4.01 2.12 5.28
C ILE A 32 4.95 1.26 6.11
N LEU A 33 4.62 -0.02 6.22
CA LEU A 33 5.43 -0.96 6.99
C LEU A 33 5.56 -2.30 6.28
N ASP A 34 6.39 -3.18 6.81
CA ASP A 34 6.60 -4.50 6.22
C ASP A 34 5.75 -5.55 6.93
N TYR A 35 5.03 -6.34 6.15
CA TYR A 35 4.16 -7.38 6.71
C TYR A 35 4.64 -8.76 6.27
N GLN A 36 4.32 -9.78 7.07
CA GLN A 36 4.70 -11.15 6.76
C GLN A 36 3.50 -12.08 6.79
N ASP A 37 3.20 -12.68 5.65
CA ASP A 37 2.06 -13.60 5.55
C ASP A 37 2.12 -14.67 6.64
N PRO A 38 0.95 -14.97 7.24
CA PRO A 38 0.85 -15.96 8.31
C PRO A 38 1.07 -17.39 7.79
N LEU A 39 0.92 -17.56 6.49
CA LEU A 39 1.10 -18.88 5.88
C LEU A 39 2.43 -18.95 5.15
N ASP A 40 2.88 -17.82 4.62
CA ASP A 40 4.15 -17.76 3.90
C ASP A 40 5.07 -16.70 4.49
N PRO A 41 5.99 -17.14 5.38
CA PRO A 41 6.93 -16.25 6.05
C PRO A 41 7.98 -15.70 5.08
N THR A 42 8.23 -16.43 4.00
CA THR A 42 9.20 -16.02 3.00
C THR A 42 8.63 -14.96 2.07
N ARG A 43 7.40 -14.55 2.33
CA ARG A 43 6.73 -13.55 1.52
C ARG A 43 6.33 -12.34 2.37
N SER A 44 6.76 -11.15 1.95
CA SER A 44 6.44 -9.93 2.67
C SER A 44 5.60 -8.99 1.82
N VAL A 45 4.77 -8.19 2.47
CA VAL A 45 3.91 -7.25 1.77
C VAL A 45 3.79 -5.93 2.53
N ILE A 46 3.89 -4.82 1.80
CA ILE A 46 3.80 -3.50 2.41
C ILE A 46 2.35 -3.13 2.71
N VAL A 47 2.11 -2.62 3.91
CA VAL A 47 0.75 -2.22 4.31
C VAL A 47 0.70 -0.73 4.63
N ILE A 48 -0.51 -0.22 4.84
CA ILE A 48 -0.70 1.19 5.16
C ILE A 48 -0.56 1.44 6.66
N ARG A 49 0.66 1.74 7.09
CA ARG A 49 0.92 2.01 8.50
C ARG A 49 -0.20 2.84 9.12
N SER A 50 -0.35 4.07 8.62
CA SER A 50 -1.37 4.97 9.13
C SER A 50 -1.45 6.24 8.27
N LEU A 51 -2.59 6.92 8.36
CA LEU A 51 -2.79 8.15 7.59
C LEU A 51 -2.65 9.38 8.48
N VAL A 52 -1.61 10.18 8.23
CA VAL A 52 -1.37 11.39 9.00
C VAL A 52 -2.61 12.27 9.05
N ALA A 53 -2.78 12.97 10.16
CA ALA A 53 -3.93 13.86 10.34
C ALA A 53 -4.05 14.84 9.17
N ASP A 54 -5.13 14.73 8.42
CA ASP A 54 -5.36 15.61 7.28
C ASP A 54 -4.28 15.42 6.22
N GLY A 55 -3.72 14.22 6.17
CA GLY A 55 -2.67 13.93 5.20
C GLY A 55 -3.22 13.60 3.83
N VAL A 56 -2.45 13.90 2.79
CA VAL A 56 -2.87 13.63 1.42
C VAL A 56 -3.69 12.34 1.34
N ALA A 57 -3.29 11.35 2.12
CA ALA A 57 -3.99 10.06 2.14
C ALA A 57 -5.43 10.23 2.58
N GLU A 58 -5.62 10.66 3.83
CA GLU A 58 -6.96 10.86 4.36
C GLU A 58 -7.74 11.86 3.53
N ARG A 59 -7.09 12.98 3.19
CA ARG A 59 -7.73 14.02 2.40
C ARG A 59 -8.52 13.41 1.24
N SER A 60 -7.81 12.75 0.34
CA SER A 60 -8.45 12.12 -0.81
C SER A 60 -9.64 11.27 -0.39
N GLY A 61 -9.43 10.44 0.62
CA GLY A 61 -10.49 9.58 1.11
C GLY A 61 -10.54 8.24 0.40
N GLY A 62 -9.37 7.65 0.18
CA GLY A 62 -9.30 6.37 -0.50
C GLY A 62 -8.41 5.38 0.22
N LEU A 63 -7.39 5.90 0.90
CA LEU A 63 -6.45 5.04 1.63
C LEU A 63 -6.92 4.84 3.07
N LEU A 64 -6.44 3.76 3.70
CA LEU A 64 -6.80 3.45 5.07
C LEU A 64 -5.73 2.58 5.74
N PRO A 65 -5.61 2.71 7.06
CA PRO A 65 -4.64 1.93 7.84
C PRO A 65 -4.99 0.45 7.91
N GLY A 66 -4.13 -0.38 7.34
CA GLY A 66 -4.36 -1.82 7.35
C GLY A 66 -4.39 -2.41 5.96
N ASP A 67 -4.68 -1.57 4.96
CA ASP A 67 -4.73 -2.01 3.58
C ASP A 67 -3.32 -2.25 3.03
N ARG A 68 -3.22 -3.16 2.06
CA ARG A 68 -1.93 -3.48 1.45
C ARG A 68 -1.69 -2.62 0.21
N LEU A 69 -0.48 -2.08 0.09
CA LEU A 69 -0.13 -1.24 -1.04
C LEU A 69 0.47 -2.07 -2.18
N VAL A 70 -0.19 -2.05 -3.34
CA VAL A 70 0.28 -2.80 -4.49
C VAL A 70 1.42 -2.08 -5.19
N SER A 71 1.20 -0.82 -5.55
CA SER A 71 2.21 -0.01 -6.22
C SER A 71 1.95 1.47 -6.01
N VAL A 72 2.94 2.29 -6.38
CA VAL A 72 2.81 3.74 -6.25
C VAL A 72 3.35 4.46 -7.48
N ASN A 73 2.46 5.03 -8.28
CA ASN A 73 2.85 5.75 -9.48
C ASN A 73 3.55 4.82 -10.46
N GLU A 74 3.02 3.61 -10.61
CA GLU A 74 3.61 2.64 -11.52
C GLU A 74 4.90 2.06 -10.94
N TYR A 75 4.83 1.59 -9.70
CA TYR A 75 6.00 1.03 -9.03
C TYR A 75 5.64 -0.25 -8.30
N CYS A 76 6.07 -1.38 -8.85
CA CYS A 76 5.79 -2.69 -8.24
C CYS A 76 6.46 -2.80 -6.88
N LEU A 77 5.66 -2.69 -5.82
CA LEU A 77 6.18 -2.78 -4.46
C LEU A 77 5.99 -4.19 -3.90
N ASP A 78 5.60 -5.12 -4.77
CA ASP A 78 5.38 -6.50 -4.36
C ASP A 78 6.65 -7.09 -3.75
N ASN A 79 6.49 -7.78 -2.63
CA ASN A 79 7.62 -8.39 -1.93
C ASN A 79 8.81 -7.44 -1.90
N THR A 80 8.54 -6.17 -1.59
CA THR A 80 9.59 -5.16 -1.52
C THR A 80 9.97 -4.86 -0.08
N SER A 81 11.23 -4.49 0.13
CA SER A 81 11.72 -4.18 1.47
C SER A 81 11.27 -2.79 1.91
N LEU A 82 10.82 -2.69 3.15
CA LEU A 82 10.36 -1.41 3.69
C LEU A 82 11.23 -0.26 3.20
N ALA A 83 12.54 -0.39 3.42
CA ALA A 83 13.48 0.65 2.99
C ALA A 83 13.26 1.03 1.54
N GLU A 84 13.06 0.02 0.70
CA GLU A 84 12.84 0.24 -0.73
C GLU A 84 11.51 0.95 -0.97
N ALA A 85 10.46 0.48 -0.30
CA ALA A 85 9.14 1.07 -0.43
C ALA A 85 9.16 2.56 -0.10
N VAL A 86 9.77 2.89 1.04
CA VAL A 86 9.86 4.28 1.48
C VAL A 86 10.59 5.13 0.45
N GLU A 87 11.73 4.64 -0.02
CA GLU A 87 12.52 5.36 -1.01
C GLU A 87 11.71 5.63 -2.26
N ILE A 88 10.83 4.69 -2.62
CA ILE A 88 9.99 4.83 -3.80
C ILE A 88 8.96 5.94 -3.61
N LEU A 89 8.37 6.00 -2.42
CA LEU A 89 7.37 7.00 -2.11
C LEU A 89 8.01 8.38 -1.98
N LYS A 90 9.31 8.40 -1.70
CA LYS A 90 10.04 9.65 -1.55
C LYS A 90 10.60 10.12 -2.90
N ALA A 91 10.94 9.17 -3.75
CA ALA A 91 11.48 9.48 -5.07
C ALA A 91 10.37 9.84 -6.05
N VAL A 92 9.13 9.53 -5.67
CA VAL A 92 7.98 9.82 -6.51
C VAL A 92 7.76 11.33 -6.66
N PRO A 93 7.48 11.77 -7.89
CA PRO A 93 7.24 13.19 -8.18
C PRO A 93 5.93 13.69 -7.60
N PRO A 94 5.87 15.02 -7.34
CA PRO A 94 4.68 15.65 -6.77
C PRO A 94 3.52 15.69 -7.75
N GLY A 95 2.34 16.01 -7.24
CA GLY A 95 1.15 16.08 -8.09
C GLY A 95 0.28 14.84 -7.97
N LEU A 96 -0.51 14.58 -9.00
CA LEU A 96 -1.41 13.42 -9.00
C LEU A 96 -0.63 12.13 -8.74
N VAL A 97 -1.05 11.39 -7.74
CA VAL A 97 -0.40 10.12 -7.39
C VAL A 97 -1.36 8.94 -7.56
N HIS A 98 -1.13 8.15 -8.60
CA HIS A 98 -1.97 6.98 -8.88
C HIS A 98 -1.36 5.73 -8.27
N LEU A 99 -1.91 5.30 -7.14
CA LEU A 99 -1.43 4.11 -6.45
C LEU A 99 -2.57 3.14 -6.15
N GLY A 100 -2.33 1.85 -6.36
CA GLY A 100 -3.34 0.85 -6.10
C GLY A 100 -3.34 0.38 -4.65
N ILE A 101 -4.52 0.05 -4.15
CA ILE A 101 -4.66 -0.42 -2.77
C ILE A 101 -5.45 -1.72 -2.71
N CYS A 102 -5.29 -2.45 -1.61
CA CYS A 102 -5.98 -3.72 -1.42
C CYS A 102 -6.68 -3.77 -0.07
N SER A 103 -8.01 -3.83 -0.09
CA SER A 103 -8.79 -3.88 1.14
C SER A 103 -8.24 -4.92 2.10
N GLY A 104 -7.74 -4.46 3.24
CA GLY A 104 -7.19 -5.36 4.23
C GLY A 104 -7.95 -5.32 5.55
N PRO A 105 -7.27 -5.74 6.64
CA PRO A 105 -7.87 -5.75 7.97
C PRO A 105 -8.07 -4.36 8.53
N SER A 106 -9.28 -3.83 8.35
CA SER A 106 -9.60 -2.49 8.84
C SER A 106 -9.60 -2.45 10.37
N SER A 107 -8.67 -1.67 10.92
CA SER A 107 -8.55 -1.54 12.37
C SER A 107 -8.64 -0.08 12.79
N GLY A 108 -9.62 0.24 13.64
CA GLY A 108 -9.79 1.60 14.11
C GLY A 108 -11.21 2.10 13.95
N GLY A 1 -8.16 -26.42 -2.22
CA GLY A 1 -7.23 -27.25 -2.96
C GLY A 1 -6.02 -26.48 -3.45
N SER A 2 -4.85 -26.79 -2.90
CA SER A 2 -3.62 -26.12 -3.28
C SER A 2 -2.42 -27.07 -3.18
N SER A 3 -1.46 -26.89 -4.08
CA SER A 3 -0.27 -27.72 -4.11
C SER A 3 0.99 -26.88 -4.25
N GLY A 4 2.13 -27.49 -3.96
CA GLY A 4 3.40 -26.78 -4.07
C GLY A 4 3.69 -25.94 -2.84
N SER A 5 3.21 -24.69 -2.86
CA SER A 5 3.43 -23.79 -1.73
C SER A 5 2.25 -22.82 -1.57
N SER A 6 2.02 -22.37 -0.35
CA SER A 6 0.93 -21.45 -0.07
C SER A 6 0.96 -20.26 -1.01
N GLY A 7 -0.22 -19.78 -1.40
CA GLY A 7 -0.30 -18.65 -2.30
C GLY A 7 -1.57 -17.83 -2.10
N GLU A 8 -2.71 -18.53 -2.02
CA GLU A 8 -3.99 -17.86 -1.83
C GLU A 8 -3.88 -16.77 -0.76
N LEU A 9 -4.49 -15.62 -1.03
CA LEU A 9 -4.47 -14.50 -0.10
C LEU A 9 -5.88 -14.09 0.30
N ALA A 10 -6.18 -14.20 1.59
CA ALA A 10 -7.49 -13.84 2.11
C ALA A 10 -7.45 -12.52 2.87
N LEU A 11 -6.38 -12.32 3.63
CA LEU A 11 -6.22 -11.10 4.41
C LEU A 11 -6.77 -9.90 3.66
N TRP A 12 -6.46 -9.82 2.37
CA TRP A 12 -6.92 -8.72 1.53
C TRP A 12 -7.82 -9.23 0.40
N SER A 13 -8.38 -8.31 -0.36
CA SER A 13 -9.27 -8.66 -1.46
C SER A 13 -8.49 -8.70 -2.78
N PRO A 14 -8.88 -9.64 -3.66
CA PRO A 14 -8.24 -9.80 -4.97
C PRO A 14 -8.55 -8.64 -5.92
N GLU A 15 -9.29 -7.66 -5.42
CA GLU A 15 -9.65 -6.50 -6.22
C GLU A 15 -8.90 -5.25 -5.74
N VAL A 16 -7.98 -4.77 -6.57
CA VAL A 16 -7.20 -3.58 -6.23
C VAL A 16 -7.83 -2.32 -6.81
N LYS A 17 -7.87 -1.26 -6.00
CA LYS A 17 -8.45 0.00 -6.43
C LYS A 17 -7.38 1.08 -6.54
N ILE A 18 -7.54 1.96 -7.52
CA ILE A 18 -6.58 3.04 -7.73
C ILE A 18 -7.05 4.34 -7.07
N VAL A 19 -6.29 4.81 -6.10
CA VAL A 19 -6.62 6.04 -5.38
C VAL A 19 -5.79 7.22 -5.90
N GLU A 20 -6.48 8.29 -6.27
CA GLU A 20 -5.81 9.48 -6.77
C GLU A 20 -5.37 10.39 -5.63
N LEU A 21 -4.07 10.39 -5.33
CA LEU A 21 -3.52 11.20 -4.27
C LEU A 21 -2.67 12.33 -4.82
N VAL A 22 -2.97 13.56 -4.41
CA VAL A 22 -2.22 14.72 -4.87
C VAL A 22 -1.05 15.03 -3.94
N LYS A 23 0.15 14.67 -4.38
CA LYS A 23 1.35 14.90 -3.58
C LYS A 23 1.65 16.40 -3.48
N ASP A 24 1.91 16.86 -2.27
CA ASP A 24 2.22 18.27 -2.04
C ASP A 24 3.73 18.48 -1.87
N CYS A 25 4.13 19.73 -1.73
CA CYS A 25 5.54 20.06 -1.57
C CYS A 25 6.18 19.21 -0.48
N LYS A 26 5.44 19.00 0.61
CA LYS A 26 5.93 18.20 1.72
C LYS A 26 5.89 16.71 1.38
N GLY A 27 5.07 16.35 0.40
CA GLY A 27 4.96 14.97 -0.01
C GLY A 27 3.61 14.37 0.34
N LEU A 28 3.61 13.11 0.78
CA LEU A 28 2.37 12.43 1.15
C LEU A 28 2.04 12.65 2.62
N GLY A 29 0.98 12.00 3.08
CA GLY A 29 0.58 12.14 4.47
C GLY A 29 0.22 10.81 5.11
N PHE A 30 0.90 9.76 4.68
CA PHE A 30 0.65 8.42 5.22
C PHE A 30 1.96 7.66 5.41
N SER A 31 1.91 6.61 6.22
CA SER A 31 3.09 5.79 6.49
C SER A 31 2.93 4.39 5.90
N ILE A 32 4.02 3.62 5.92
CA ILE A 32 3.99 2.27 5.39
C ILE A 32 4.97 1.36 6.16
N LEU A 33 4.67 0.07 6.17
CA LEU A 33 5.51 -0.90 6.87
C LEU A 33 5.57 -2.22 6.10
N ASP A 34 6.42 -3.12 6.56
CA ASP A 34 6.58 -4.42 5.93
C ASP A 34 5.88 -5.52 6.73
N TYR A 35 4.97 -6.23 6.07
CA TYR A 35 4.23 -7.31 6.72
C TYR A 35 4.65 -8.66 6.18
N GLN A 36 4.44 -9.70 6.99
CA GLN A 36 4.80 -11.06 6.60
C GLN A 36 3.59 -11.99 6.70
N ASP A 37 3.26 -12.65 5.59
CA ASP A 37 2.13 -13.57 5.55
C ASP A 37 2.27 -14.63 6.64
N PRO A 38 1.14 -14.94 7.29
CA PRO A 38 1.10 -15.95 8.37
C PRO A 38 1.31 -17.36 7.84
N LEU A 39 1.10 -17.55 6.55
CA LEU A 39 1.27 -18.85 5.92
C LEU A 39 2.54 -18.91 5.10
N ASP A 40 2.98 -17.75 4.62
CA ASP A 40 4.21 -17.66 3.82
C ASP A 40 5.17 -16.64 4.41
N PRO A 41 6.12 -17.11 5.23
CA PRO A 41 7.11 -16.25 5.87
C PRO A 41 8.12 -15.70 4.87
N THR A 42 8.31 -16.41 3.78
CA THR A 42 9.24 -15.99 2.74
C THR A 42 8.63 -14.94 1.83
N ARG A 43 7.44 -14.47 2.19
CA ARG A 43 6.74 -13.46 1.40
C ARG A 43 6.35 -12.28 2.26
N SER A 44 6.71 -11.08 1.82
CA SER A 44 6.41 -9.86 2.55
C SER A 44 5.55 -8.91 1.70
N VAL A 45 4.75 -8.10 2.38
CA VAL A 45 3.88 -7.15 1.69
C VAL A 45 3.78 -5.84 2.46
N ILE A 46 3.79 -4.73 1.72
CA ILE A 46 3.71 -3.41 2.34
C ILE A 46 2.26 -3.05 2.66
N VAL A 47 2.02 -2.62 3.90
CA VAL A 47 0.69 -2.23 4.32
C VAL A 47 0.63 -0.75 4.69
N ILE A 48 -0.59 -0.21 4.74
CA ILE A 48 -0.77 1.20 5.08
C ILE A 48 -0.63 1.43 6.59
N ARG A 49 0.59 1.73 7.02
CA ARG A 49 0.85 1.98 8.43
C ARG A 49 -0.25 2.82 9.05
N SER A 50 -0.40 4.05 8.56
CA SER A 50 -1.42 4.96 9.08
C SER A 50 -1.49 6.24 8.24
N LEU A 51 -2.62 6.91 8.30
CA LEU A 51 -2.82 8.15 7.54
C LEU A 51 -2.67 9.37 8.44
N VAL A 52 -1.60 10.13 8.22
CA VAL A 52 -1.35 11.33 9.01
C VAL A 52 -2.57 12.23 9.08
N ALA A 53 -2.79 12.84 10.24
CA ALA A 53 -3.93 13.72 10.42
C ALA A 53 -4.04 14.74 9.27
N ASP A 54 -5.10 14.63 8.49
CA ASP A 54 -5.32 15.53 7.37
C ASP A 54 -4.24 15.35 6.31
N GLY A 55 -3.72 14.13 6.21
CA GLY A 55 -2.69 13.85 5.23
C GLY A 55 -3.25 13.54 3.86
N VAL A 56 -2.46 13.82 2.82
CA VAL A 56 -2.90 13.58 1.46
C VAL A 56 -3.73 12.30 1.35
N ALA A 57 -3.32 11.27 2.10
CA ALA A 57 -4.03 10.01 2.10
C ALA A 57 -5.47 10.18 2.56
N GLU A 58 -5.64 10.72 3.76
CA GLU A 58 -6.97 10.94 4.32
C GLU A 58 -7.74 11.96 3.49
N ARG A 59 -7.08 13.06 3.16
CA ARG A 59 -7.71 14.13 2.37
C ARG A 59 -8.53 13.54 1.23
N SER A 60 -7.88 12.78 0.37
CA SER A 60 -8.54 12.16 -0.77
C SER A 60 -9.74 11.32 -0.31
N GLY A 61 -9.52 10.50 0.71
CA GLY A 61 -10.59 9.67 1.23
C GLY A 61 -10.67 8.33 0.51
N GLY A 62 -9.52 7.73 0.26
CA GLY A 62 -9.49 6.44 -0.42
C GLY A 62 -8.60 5.44 0.28
N LEU A 63 -7.51 5.93 0.88
CA LEU A 63 -6.57 5.06 1.58
C LEU A 63 -7.00 4.86 3.03
N LEU A 64 -6.55 3.76 3.64
CA LEU A 64 -6.88 3.46 5.02
C LEU A 64 -5.82 2.57 5.65
N PRO A 65 -5.67 2.67 6.97
CA PRO A 65 -4.69 1.88 7.73
C PRO A 65 -5.06 0.40 7.79
N GLY A 66 -4.21 -0.44 7.21
CA GLY A 66 -4.46 -1.87 7.20
C GLY A 66 -4.48 -2.46 5.80
N ASP A 67 -4.75 -1.61 4.82
CA ASP A 67 -4.79 -2.05 3.42
C ASP A 67 -3.39 -2.25 2.87
N ARG A 68 -3.23 -3.26 2.03
CA ARG A 68 -1.93 -3.55 1.43
C ARG A 68 -1.71 -2.73 0.17
N LEU A 69 -0.53 -2.14 0.05
CA LEU A 69 -0.20 -1.33 -1.12
C LEU A 69 0.43 -2.18 -2.22
N VAL A 70 -0.09 -2.05 -3.43
CA VAL A 70 0.42 -2.81 -4.57
C VAL A 70 1.56 -2.06 -5.26
N SER A 71 1.31 -0.82 -5.64
CA SER A 71 2.31 0.00 -6.31
C SER A 71 2.04 1.49 -6.08
N VAL A 72 3.01 2.32 -6.46
CA VAL A 72 2.88 3.76 -6.30
C VAL A 72 3.46 4.50 -7.49
N ASN A 73 2.58 5.12 -8.29
CA ASN A 73 3.00 5.87 -9.46
C ASN A 73 3.71 4.96 -10.46
N GLU A 74 3.16 3.76 -10.65
CA GLU A 74 3.75 2.79 -11.57
C GLU A 74 5.01 2.17 -10.99
N TYR A 75 4.90 1.65 -9.77
CA TYR A 75 6.04 1.03 -9.10
C TYR A 75 5.60 -0.24 -8.36
N CYS A 76 5.99 -1.39 -8.90
CA CYS A 76 5.65 -2.67 -8.29
C CYS A 76 6.33 -2.83 -6.94
N LEU A 77 5.55 -2.69 -5.87
CA LEU A 77 6.08 -2.82 -4.52
C LEU A 77 5.82 -4.22 -3.96
N ASP A 78 5.77 -5.20 -4.86
CA ASP A 78 5.53 -6.58 -4.46
C ASP A 78 6.79 -7.20 -3.86
N ASN A 79 6.68 -7.71 -2.64
CA ASN A 79 7.81 -8.32 -1.96
C ASN A 79 8.99 -7.36 -1.87
N THR A 80 8.70 -6.11 -1.52
CA THR A 80 9.72 -5.08 -1.41
C THR A 80 10.05 -4.79 0.06
N SER A 81 11.30 -4.46 0.33
CA SER A 81 11.73 -4.16 1.69
C SER A 81 11.29 -2.76 2.10
N LEU A 82 10.81 -2.63 3.33
CA LEU A 82 10.35 -1.34 3.84
C LEU A 82 11.24 -0.21 3.34
N ALA A 83 12.55 -0.36 3.52
CA ALA A 83 13.50 0.65 3.08
C ALA A 83 13.25 1.05 1.63
N GLU A 84 13.14 0.04 0.76
CA GLU A 84 12.90 0.29 -0.65
C GLU A 84 11.57 1.00 -0.87
N ALA A 85 10.53 0.54 -0.17
CA ALA A 85 9.21 1.13 -0.28
C ALA A 85 9.24 2.62 0.07
N VAL A 86 9.83 2.94 1.22
CA VAL A 86 9.93 4.33 1.66
C VAL A 86 10.68 5.17 0.65
N GLU A 87 11.80 4.65 0.15
CA GLU A 87 12.61 5.37 -0.82
C GLU A 87 11.82 5.63 -2.10
N ILE A 88 10.94 4.71 -2.44
CA ILE A 88 10.11 4.82 -3.63
C ILE A 88 9.10 5.95 -3.49
N LEU A 89 8.51 6.06 -2.30
CA LEU A 89 7.51 7.09 -2.02
C LEU A 89 8.17 8.47 -1.94
N LYS A 90 9.45 8.48 -1.62
CA LYS A 90 10.20 9.73 -1.51
C LYS A 90 10.75 10.15 -2.86
N ALA A 91 11.09 9.17 -3.70
CA ALA A 91 11.63 9.45 -5.02
C ALA A 91 10.51 9.80 -6.00
N VAL A 92 9.28 9.43 -5.66
CA VAL A 92 8.13 9.71 -6.51
C VAL A 92 7.91 11.22 -6.66
N PRO A 93 7.63 11.66 -7.89
CA PRO A 93 7.39 13.07 -8.19
C PRO A 93 6.07 13.58 -7.61
N PRO A 94 6.00 14.89 -7.38
CA PRO A 94 4.79 15.53 -6.84
C PRO A 94 3.63 15.51 -7.82
N GLY A 95 2.45 15.92 -7.34
CA GLY A 95 1.28 15.95 -8.19
C GLY A 95 0.42 14.72 -8.04
N LEU A 96 -0.41 14.44 -9.04
CA LEU A 96 -1.29 13.27 -9.01
C LEU A 96 -0.51 12.00 -8.70
N VAL A 97 -1.02 11.21 -7.77
CA VAL A 97 -0.37 9.96 -7.39
C VAL A 97 -1.30 8.77 -7.59
N HIS A 98 -1.04 7.99 -8.64
CA HIS A 98 -1.86 6.83 -8.96
C HIS A 98 -1.28 5.58 -8.29
N LEU A 99 -1.81 5.24 -7.13
CA LEU A 99 -1.35 4.06 -6.39
C LEU A 99 -2.51 3.12 -6.09
N GLY A 100 -2.28 1.82 -6.28
CA GLY A 100 -3.32 0.84 -6.02
C GLY A 100 -3.34 0.40 -4.56
N ILE A 101 -4.52 0.04 -4.09
CA ILE A 101 -4.68 -0.40 -2.70
C ILE A 101 -5.38 -1.76 -2.64
N CYS A 102 -5.26 -2.42 -1.49
CA CYS A 102 -5.87 -3.73 -1.30
C CYS A 102 -6.70 -3.76 -0.01
N SER A 103 -8.02 -3.75 -0.17
CA SER A 103 -8.93 -3.77 0.96
C SER A 103 -8.52 -4.85 1.97
N GLY A 104 -8.20 -4.42 3.19
CA GLY A 104 -7.80 -5.36 4.22
C GLY A 104 -8.50 -5.11 5.54
N PRO A 105 -7.89 -5.58 6.63
CA PRO A 105 -8.45 -5.42 7.98
C PRO A 105 -8.40 -3.97 8.46
N SER A 106 -9.49 -3.24 8.24
CA SER A 106 -9.57 -1.84 8.63
C SER A 106 -10.44 -1.68 9.87
N SER A 107 -10.17 -0.63 10.65
CA SER A 107 -10.93 -0.36 11.86
C SER A 107 -11.40 1.09 11.91
N GLY A 108 -11.42 1.73 10.74
CA GLY A 108 -11.84 3.11 10.66
C GLY A 108 -13.35 3.27 10.81
N GLY A 1 0.39 -33.88 -1.83
CA GLY A 1 1.21 -33.41 -2.93
C GLY A 1 1.30 -31.90 -2.98
N SER A 2 2.51 -31.38 -2.87
CA SER A 2 2.73 -29.93 -2.89
C SER A 2 3.29 -29.50 -4.24
N SER A 3 2.71 -28.45 -4.81
CA SER A 3 3.15 -27.92 -6.09
C SER A 3 3.77 -26.54 -5.94
N GLY A 4 4.33 -26.03 -7.03
CA GLY A 4 4.97 -24.72 -6.99
C GLY A 4 4.06 -23.62 -7.51
N SER A 5 2.95 -23.41 -6.82
CA SER A 5 1.98 -22.38 -7.21
C SER A 5 1.76 -21.38 -6.08
N SER A 6 2.02 -20.11 -6.36
CA SER A 6 1.85 -19.06 -5.37
C SER A 6 0.67 -19.36 -4.46
N GLY A 7 0.82 -19.04 -3.18
CA GLY A 7 -0.25 -19.27 -2.22
C GLY A 7 -1.40 -18.31 -2.38
N GLU A 8 -2.62 -18.79 -2.16
CA GLU A 8 -3.80 -17.96 -2.29
C GLU A 8 -3.88 -16.95 -1.15
N LEU A 9 -4.02 -15.68 -1.50
CA LEU A 9 -4.11 -14.61 -0.49
C LEU A 9 -5.57 -14.36 -0.10
N ALA A 10 -5.83 -14.34 1.21
CA ALA A 10 -7.17 -14.09 1.71
C ALA A 10 -7.22 -12.83 2.56
N LEU A 11 -6.16 -12.59 3.32
CA LEU A 11 -6.09 -11.41 4.18
C LEU A 11 -6.73 -10.21 3.50
N TRP A 12 -6.32 -9.96 2.25
CA TRP A 12 -6.85 -8.84 1.48
C TRP A 12 -7.76 -9.33 0.36
N SER A 13 -8.39 -8.39 -0.34
CA SER A 13 -9.28 -8.72 -1.44
C SER A 13 -8.52 -8.76 -2.76
N PRO A 14 -8.92 -9.70 -3.63
CA PRO A 14 -8.29 -9.87 -4.96
C PRO A 14 -8.60 -8.72 -5.90
N GLU A 15 -9.37 -7.75 -5.40
CA GLU A 15 -9.74 -6.59 -6.21
C GLU A 15 -8.99 -5.34 -5.74
N VAL A 16 -8.10 -4.84 -6.60
CA VAL A 16 -7.32 -3.64 -6.27
C VAL A 16 -8.00 -2.39 -6.79
N LYS A 17 -7.82 -1.29 -6.07
CA LYS A 17 -8.42 -0.01 -6.46
C LYS A 17 -7.36 1.08 -6.53
N ILE A 18 -7.46 1.92 -7.56
CA ILE A 18 -6.50 3.02 -7.73
C ILE A 18 -7.03 4.32 -7.11
N VAL A 19 -6.24 4.91 -6.23
CA VAL A 19 -6.63 6.15 -5.56
C VAL A 19 -5.78 7.31 -6.06
N GLU A 20 -6.44 8.43 -6.37
CA GLU A 20 -5.75 9.61 -6.86
C GLU A 20 -5.34 10.51 -5.69
N LEU A 21 -4.04 10.50 -5.38
CA LEU A 21 -3.51 11.30 -4.30
C LEU A 21 -2.65 12.44 -4.83
N VAL A 22 -2.95 13.67 -4.40
CA VAL A 22 -2.20 14.84 -4.83
C VAL A 22 -1.06 15.14 -3.87
N LYS A 23 0.16 14.81 -4.29
CA LYS A 23 1.34 15.05 -3.47
C LYS A 23 1.74 16.52 -3.51
N ASP A 24 2.28 17.02 -2.41
CA ASP A 24 2.72 18.41 -2.32
C ASP A 24 4.18 18.49 -1.92
N CYS A 25 4.73 19.71 -1.96
CA CYS A 25 6.13 19.93 -1.61
C CYS A 25 6.55 19.00 -0.48
N LYS A 26 5.86 19.08 0.65
CA LYS A 26 6.16 18.24 1.80
C LYS A 26 6.10 16.76 1.43
N GLY A 27 5.14 16.40 0.58
CA GLY A 27 5.00 15.02 0.17
C GLY A 27 3.64 14.44 0.52
N LEU A 28 3.60 13.12 0.72
CA LEU A 28 2.35 12.45 1.06
C LEU A 28 1.98 12.70 2.53
N GLY A 29 0.89 12.08 2.96
CA GLY A 29 0.45 12.25 4.34
C GLY A 29 0.14 10.92 5.01
N PHE A 30 0.85 9.88 4.60
CA PHE A 30 0.65 8.55 5.18
C PHE A 30 1.98 7.84 5.40
N SER A 31 1.92 6.61 5.88
CA SER A 31 3.12 5.82 6.14
C SER A 31 2.94 4.38 5.67
N ILE A 32 4.02 3.60 5.73
CA ILE A 32 3.98 2.21 5.31
C ILE A 32 4.87 1.35 6.20
N LEU A 33 4.66 0.04 6.15
CA LEU A 33 5.44 -0.90 6.95
C LEU A 33 5.59 -2.23 6.23
N ASP A 34 6.42 -3.11 6.78
CA ASP A 34 6.65 -4.42 6.19
C ASP A 34 5.80 -5.49 6.89
N TYR A 35 5.09 -6.28 6.10
CA TYR A 35 4.24 -7.33 6.64
C TYR A 35 4.67 -8.70 6.13
N GLN A 36 4.45 -9.73 6.95
CA GLN A 36 4.82 -11.09 6.58
C GLN A 36 3.60 -12.00 6.58
N ASP A 37 3.39 -12.70 5.47
CA ASP A 37 2.25 -13.61 5.34
C ASP A 37 2.27 -14.65 6.45
N PRO A 38 1.09 -14.93 7.02
CA PRO A 38 0.94 -15.91 8.10
C PRO A 38 1.15 -17.34 7.62
N LEU A 39 1.02 -17.55 6.31
CA LEU A 39 1.19 -18.87 5.72
C LEU A 39 2.55 -18.98 5.02
N ASP A 40 3.05 -17.84 4.55
CA ASP A 40 4.34 -17.81 3.86
C ASP A 40 5.25 -16.75 4.48
N PRO A 41 6.16 -17.21 5.36
CA PRO A 41 7.11 -16.33 6.04
C PRO A 41 8.17 -15.78 5.10
N THR A 42 8.43 -16.52 4.02
CA THR A 42 9.43 -16.11 3.03
C THR A 42 8.86 -15.04 2.10
N ARG A 43 7.64 -14.61 2.37
CA ARG A 43 7.00 -13.58 1.55
C ARG A 43 6.51 -12.43 2.41
N SER A 44 6.80 -11.21 1.98
CA SER A 44 6.40 -10.01 2.71
C SER A 44 5.63 -9.06 1.80
N VAL A 45 4.91 -8.13 2.42
CA VAL A 45 4.12 -7.14 1.67
C VAL A 45 3.99 -5.84 2.45
N ILE A 46 3.99 -4.73 1.72
CA ILE A 46 3.87 -3.41 2.34
C ILE A 46 2.42 -3.06 2.60
N VAL A 47 2.14 -2.58 3.81
CA VAL A 47 0.78 -2.21 4.19
C VAL A 47 0.70 -0.72 4.54
N ILE A 48 -0.53 -0.23 4.72
CA ILE A 48 -0.74 1.17 5.06
C ILE A 48 -0.62 1.40 6.56
N ARG A 49 0.59 1.72 7.02
CA ARG A 49 0.83 1.96 8.43
C ARG A 49 -0.29 2.79 9.04
N SER A 50 -0.43 4.04 8.59
CA SER A 50 -1.45 4.93 9.09
C SER A 50 -1.49 6.22 8.28
N LEU A 51 -2.66 6.85 8.23
CA LEU A 51 -2.83 8.10 7.50
C LEU A 51 -2.67 9.31 8.42
N VAL A 52 -1.64 10.11 8.17
CA VAL A 52 -1.38 11.30 8.98
C VAL A 52 -2.63 12.17 9.07
N ALA A 53 -2.72 12.92 10.17
CA ALA A 53 -3.86 13.81 10.38
C ALA A 53 -4.04 14.77 9.21
N ASP A 54 -5.16 14.64 8.50
CA ASP A 54 -5.44 15.50 7.35
C ASP A 54 -4.36 15.36 6.29
N GLY A 55 -3.77 14.17 6.19
CA GLY A 55 -2.73 13.92 5.22
C GLY A 55 -3.29 13.62 3.84
N VAL A 56 -2.51 13.93 2.81
CA VAL A 56 -2.94 13.70 1.43
C VAL A 56 -3.77 12.43 1.33
N ALA A 57 -3.37 11.40 2.08
CA ALA A 57 -4.09 10.13 2.07
C ALA A 57 -5.53 10.30 2.55
N GLU A 58 -5.69 10.83 3.77
CA GLU A 58 -7.00 11.05 4.34
C GLU A 58 -7.81 12.05 3.52
N ARG A 59 -7.14 13.13 3.11
CA ARG A 59 -7.79 14.17 2.31
C ARG A 59 -8.61 13.54 1.17
N SER A 60 -7.92 12.83 0.28
CA SER A 60 -8.58 12.18 -0.85
C SER A 60 -9.73 11.30 -0.38
N GLY A 61 -9.49 10.53 0.67
CA GLY A 61 -10.52 9.66 1.21
C GLY A 61 -10.57 8.32 0.49
N GLY A 62 -9.41 7.73 0.27
CA GLY A 62 -9.34 6.45 -0.42
C GLY A 62 -8.48 5.44 0.31
N LEU A 63 -7.35 5.90 0.83
CA LEU A 63 -6.43 5.02 1.56
C LEU A 63 -6.92 4.79 2.99
N LEU A 64 -6.44 3.71 3.60
CA LEU A 64 -6.83 3.38 4.97
C LEU A 64 -5.78 2.50 5.63
N PRO A 65 -5.68 2.60 6.96
CA PRO A 65 -4.71 1.82 7.75
C PRO A 65 -5.07 0.34 7.80
N GLY A 66 -4.19 -0.50 7.25
CA GLY A 66 -4.43 -1.93 7.23
C GLY A 66 -4.46 -2.50 5.83
N ASP A 67 -4.72 -1.63 4.85
CA ASP A 67 -4.78 -2.06 3.46
C ASP A 67 -3.38 -2.26 2.88
N ARG A 68 -3.22 -3.26 2.03
CA ARG A 68 -1.93 -3.55 1.41
C ARG A 68 -1.73 -2.73 0.15
N LEU A 69 -0.59 -2.05 0.07
CA LEU A 69 -0.28 -1.22 -1.09
C LEU A 69 0.35 -2.06 -2.20
N VAL A 70 -0.23 -1.97 -3.39
CA VAL A 70 0.28 -2.72 -4.53
C VAL A 70 1.44 -1.99 -5.20
N SER A 71 1.19 -0.76 -5.65
CA SER A 71 2.21 0.04 -6.31
C SER A 71 1.92 1.53 -6.14
N VAL A 72 2.95 2.35 -6.32
CA VAL A 72 2.81 3.80 -6.19
C VAL A 72 3.38 4.51 -7.41
N ASN A 73 2.49 5.08 -8.22
CA ASN A 73 2.91 5.80 -9.42
C ASN A 73 3.63 4.87 -10.39
N GLU A 74 3.08 3.69 -10.60
CA GLU A 74 3.67 2.70 -11.50
C GLU A 74 4.95 2.12 -10.90
N TYR A 75 4.85 1.64 -9.67
CA TYR A 75 6.00 1.06 -8.98
C TYR A 75 5.61 -0.24 -8.27
N CYS A 76 6.10 -1.35 -8.79
CA CYS A 76 5.80 -2.65 -8.21
C CYS A 76 6.39 -2.77 -6.80
N LEU A 77 5.53 -2.70 -5.79
CA LEU A 77 5.96 -2.79 -4.41
C LEU A 77 5.68 -4.17 -3.84
N ASP A 78 5.62 -5.17 -4.71
CA ASP A 78 5.35 -6.54 -4.30
C ASP A 78 6.62 -7.21 -3.77
N ASN A 79 6.53 -7.74 -2.55
CA ASN A 79 7.67 -8.41 -1.93
C ASN A 79 8.87 -7.47 -1.86
N THR A 80 8.61 -6.21 -1.53
CA THR A 80 9.67 -5.21 -1.42
C THR A 80 10.04 -4.94 0.03
N SER A 81 11.26 -4.46 0.26
CA SER A 81 11.73 -4.17 1.60
C SER A 81 11.29 -2.77 2.02
N LEU A 82 10.85 -2.65 3.27
CA LEU A 82 10.40 -1.36 3.81
C LEU A 82 11.30 -0.22 3.31
N ALA A 83 12.60 -0.44 3.39
CA ALA A 83 13.57 0.56 2.94
C ALA A 83 13.32 0.95 1.49
N GLU A 84 13.10 -0.05 0.64
CA GLU A 84 12.85 0.20 -0.78
C GLU A 84 11.52 0.92 -0.98
N ALA A 85 10.48 0.44 -0.31
CA ALA A 85 9.15 1.03 -0.41
C ALA A 85 9.18 2.51 -0.02
N VAL A 86 9.89 2.81 1.07
CA VAL A 86 10.00 4.17 1.56
C VAL A 86 10.74 5.06 0.55
N GLU A 87 11.85 4.56 0.04
CA GLU A 87 12.65 5.30 -0.93
C GLU A 87 11.84 5.59 -2.19
N ILE A 88 10.91 4.70 -2.51
CA ILE A 88 10.07 4.86 -3.69
C ILE A 88 9.08 6.01 -3.50
N LEU A 89 8.48 6.09 -2.31
CA LEU A 89 7.52 7.14 -2.00
C LEU A 89 8.22 8.49 -1.86
N LYS A 90 9.49 8.46 -1.50
CA LYS A 90 10.27 9.68 -1.33
C LYS A 90 10.86 10.14 -2.66
N ALA A 91 11.02 9.20 -3.59
CA ALA A 91 11.56 9.51 -4.91
C ALA A 91 10.45 9.86 -5.90
N VAL A 92 9.22 9.53 -5.52
CA VAL A 92 8.07 9.80 -6.37
C VAL A 92 7.87 11.31 -6.56
N PRO A 93 7.58 11.71 -7.81
CA PRO A 93 7.37 13.12 -8.15
C PRO A 93 6.06 13.66 -7.57
N PRO A 94 5.99 14.98 -7.38
CA PRO A 94 4.81 15.64 -6.83
C PRO A 94 3.64 15.64 -7.82
N GLY A 95 2.46 16.04 -7.34
CA GLY A 95 1.29 16.08 -8.19
C GLY A 95 0.42 14.84 -8.03
N LEU A 96 -0.36 14.54 -9.06
CA LEU A 96 -1.24 13.38 -9.03
C LEU A 96 -0.47 12.10 -8.72
N VAL A 97 -0.98 11.33 -7.77
CA VAL A 97 -0.33 10.07 -7.39
C VAL A 97 -1.27 8.88 -7.57
N HIS A 98 -0.98 8.06 -8.57
CA HIS A 98 -1.80 6.89 -8.86
C HIS A 98 -1.21 5.64 -8.21
N LEU A 99 -1.85 5.19 -7.13
CA LEU A 99 -1.39 4.00 -6.42
C LEU A 99 -2.55 3.06 -6.12
N GLY A 100 -2.29 1.76 -6.23
CA GLY A 100 -3.32 0.78 -5.96
C GLY A 100 -3.35 0.33 -4.52
N ILE A 101 -4.53 0.01 -4.02
CA ILE A 101 -4.68 -0.44 -2.64
C ILE A 101 -5.42 -1.77 -2.57
N CYS A 102 -5.29 -2.47 -1.44
CA CYS A 102 -5.94 -3.75 -1.25
C CYS A 102 -6.70 -3.78 0.08
N SER A 103 -8.02 -3.79 0.00
CA SER A 103 -8.87 -3.81 1.19
C SER A 103 -8.39 -4.88 2.16
N GLY A 104 -7.81 -4.46 3.27
CA GLY A 104 -7.32 -5.40 4.27
C GLY A 104 -8.10 -5.32 5.57
N PRO A 105 -7.47 -5.80 6.66
CA PRO A 105 -8.10 -5.79 7.99
C PRO A 105 -8.22 -4.37 8.56
N SER A 106 -9.26 -3.66 8.14
CA SER A 106 -9.49 -2.30 8.61
C SER A 106 -9.38 -2.21 10.12
N SER A 107 -8.52 -1.32 10.59
CA SER A 107 -8.31 -1.14 12.03
C SER A 107 -9.53 -0.50 12.67
N GLY A 108 -9.83 -0.92 13.91
CA GLY A 108 -10.96 -0.37 14.62
C GLY A 108 -11.88 -1.45 15.16
N GLY A 1 4.08 -24.34 -11.85
CA GLY A 1 3.84 -24.42 -10.42
C GLY A 1 4.98 -23.82 -9.61
N SER A 2 4.81 -23.81 -8.29
CA SER A 2 5.84 -23.26 -7.40
C SER A 2 5.81 -23.96 -6.05
N SER A 3 6.93 -23.92 -5.35
CA SER A 3 7.03 -24.55 -4.03
C SER A 3 6.08 -23.90 -3.04
N GLY A 4 5.15 -24.69 -2.50
CA GLY A 4 4.21 -24.16 -1.55
C GLY A 4 2.77 -24.57 -1.87
N SER A 5 2.11 -25.21 -0.92
CA SER A 5 0.74 -25.66 -1.11
C SER A 5 -0.15 -24.51 -1.58
N SER A 6 -1.27 -24.85 -2.21
CA SER A 6 -2.20 -23.85 -2.70
C SER A 6 -2.99 -23.22 -1.56
N GLY A 7 -3.02 -21.89 -1.53
CA GLY A 7 -3.74 -21.19 -0.49
C GLY A 7 -4.18 -19.81 -0.91
N GLU A 8 -5.48 -19.54 -0.82
CA GLU A 8 -6.02 -18.25 -1.21
C GLU A 8 -5.92 -17.26 -0.06
N LEU A 9 -5.59 -16.01 -0.39
CA LEU A 9 -5.45 -14.96 0.62
C LEU A 9 -6.81 -14.31 0.90
N ALA A 10 -7.17 -14.24 2.18
CA ALA A 10 -8.43 -13.63 2.58
C ALA A 10 -8.20 -12.26 3.21
N LEU A 11 -7.19 -12.18 4.07
CA LEU A 11 -6.86 -10.92 4.75
C LEU A 11 -7.08 -9.74 3.82
N TRP A 12 -6.92 -9.96 2.53
CA TRP A 12 -7.10 -8.90 1.53
C TRP A 12 -7.99 -9.37 0.39
N SER A 13 -8.25 -8.48 -0.55
CA SER A 13 -9.10 -8.80 -1.70
C SER A 13 -8.29 -8.77 -2.99
N PRO A 14 -8.60 -9.69 -3.92
CA PRO A 14 -7.93 -9.78 -5.21
C PRO A 14 -8.26 -8.60 -6.12
N GLU A 15 -9.07 -7.68 -5.62
CA GLU A 15 -9.46 -6.51 -6.39
C GLU A 15 -8.72 -5.26 -5.92
N VAL A 16 -7.81 -4.78 -6.76
CA VAL A 16 -7.03 -3.58 -6.43
C VAL A 16 -7.77 -2.31 -6.83
N LYS A 17 -7.66 -1.29 -6.00
CA LYS A 17 -8.32 -0.02 -6.27
C LYS A 17 -7.29 1.10 -6.40
N ILE A 18 -7.39 1.87 -7.48
CA ILE A 18 -6.47 2.97 -7.72
C ILE A 18 -6.98 4.26 -7.05
N VAL A 19 -6.19 4.79 -6.13
CA VAL A 19 -6.55 6.01 -5.43
C VAL A 19 -5.74 7.19 -5.93
N GLU A 20 -6.43 8.28 -6.28
CA GLU A 20 -5.76 9.47 -6.77
C GLU A 20 -5.31 10.37 -5.62
N LEU A 21 -4.01 10.38 -5.35
CA LEU A 21 -3.45 11.19 -4.28
C LEU A 21 -2.60 12.33 -4.84
N VAL A 22 -2.92 13.54 -4.42
CA VAL A 22 -2.18 14.72 -4.87
C VAL A 22 -1.03 15.05 -3.93
N LYS A 23 0.18 14.70 -4.34
CA LYS A 23 1.37 14.95 -3.53
C LYS A 23 1.70 16.44 -3.50
N ASP A 24 2.42 16.86 -2.46
CA ASP A 24 2.79 18.26 -2.31
C ASP A 24 4.30 18.41 -2.12
N CYS A 25 4.75 19.63 -1.88
CA CYS A 25 6.17 19.90 -1.68
C CYS A 25 6.77 18.91 -0.69
N LYS A 26 6.14 18.79 0.48
CA LYS A 26 6.62 17.88 1.51
C LYS A 26 6.51 16.43 1.06
N GLY A 27 5.36 16.09 0.49
CA GLY A 27 5.15 14.72 0.01
C GLY A 27 3.78 14.19 0.37
N LEU A 28 3.71 12.92 0.72
CA LEU A 28 2.45 12.29 1.08
C LEU A 28 2.10 12.55 2.55
N GLY A 29 1.01 11.95 3.01
CA GLY A 29 0.60 12.13 4.38
C GLY A 29 0.24 10.83 5.06
N PHE A 30 0.91 9.76 4.67
CA PHE A 30 0.67 8.44 5.24
C PHE A 30 1.97 7.67 5.45
N SER A 31 1.91 6.64 6.28
CA SER A 31 3.09 5.83 6.57
C SER A 31 2.95 4.44 5.98
N ILE A 32 4.02 3.65 6.07
CA ILE A 32 4.01 2.29 5.55
C ILE A 32 4.95 1.39 6.34
N LEU A 33 4.65 0.09 6.36
CA LEU A 33 5.47 -0.87 7.08
C LEU A 33 5.58 -2.18 6.31
N ASP A 34 6.44 -3.08 6.78
CA ASP A 34 6.64 -4.36 6.13
C ASP A 34 5.81 -5.44 6.83
N TYR A 35 5.10 -6.23 6.04
CA TYR A 35 4.27 -7.30 6.57
C TYR A 35 4.74 -8.67 6.08
N GLN A 36 4.42 -9.71 6.84
CA GLN A 36 4.82 -11.06 6.48
C GLN A 36 3.62 -12.00 6.53
N ASP A 37 3.34 -12.65 5.40
CA ASP A 37 2.22 -13.59 5.31
C ASP A 37 2.32 -14.65 6.40
N PRO A 38 1.18 -14.96 7.03
CA PRO A 38 1.11 -15.96 8.09
C PRO A 38 1.31 -17.38 7.57
N LEU A 39 1.13 -17.56 6.26
CA LEU A 39 1.30 -18.86 5.63
C LEU A 39 2.62 -18.94 4.88
N ASP A 40 3.09 -17.79 4.40
CA ASP A 40 4.35 -17.73 3.67
C ASP A 40 5.26 -16.66 4.26
N PRO A 41 6.20 -17.08 5.11
CA PRO A 41 7.15 -16.18 5.76
C PRO A 41 8.18 -15.62 4.78
N THR A 42 8.35 -16.31 3.66
CA THR A 42 9.30 -15.88 2.64
C THR A 42 8.69 -14.81 1.73
N ARG A 43 7.46 -14.41 2.04
CA ARG A 43 6.77 -13.40 1.25
C ARG A 43 6.34 -12.22 2.13
N SER A 44 6.74 -11.02 1.73
CA SER A 44 6.40 -9.82 2.49
C SER A 44 5.51 -8.89 1.67
N VAL A 45 4.81 -7.99 2.35
CA VAL A 45 3.92 -7.06 1.69
C VAL A 45 3.82 -5.74 2.47
N ILE A 46 3.88 -4.63 1.76
CA ILE A 46 3.79 -3.32 2.39
C ILE A 46 2.34 -2.94 2.67
N VAL A 47 2.07 -2.57 3.92
CA VAL A 47 0.72 -2.18 4.33
C VAL A 47 0.66 -0.69 4.66
N ILE A 48 -0.55 -0.19 4.84
CA ILE A 48 -0.76 1.22 5.16
C ILE A 48 -0.64 1.47 6.67
N ARG A 49 0.57 1.79 7.11
CA ARG A 49 0.81 2.04 8.53
C ARG A 49 -0.30 2.89 9.12
N SER A 50 -0.42 4.12 8.65
CA SER A 50 -1.45 5.04 9.14
C SER A 50 -1.51 6.30 8.29
N LEU A 51 -2.65 6.97 8.30
CA LEU A 51 -2.84 8.18 7.53
C LEU A 51 -2.68 9.42 8.40
N VAL A 52 -1.61 10.17 8.16
CA VAL A 52 -1.33 11.38 8.93
C VAL A 52 -2.57 12.27 9.01
N ALA A 53 -2.73 12.95 10.14
CA ALA A 53 -3.87 13.84 10.34
C ALA A 53 -4.02 14.80 9.16
N ASP A 54 -5.14 14.68 8.46
CA ASP A 54 -5.42 15.54 7.31
C ASP A 54 -4.32 15.40 6.26
N GLY A 55 -3.76 14.21 6.14
CA GLY A 55 -2.71 13.96 5.17
C GLY A 55 -3.25 13.61 3.80
N VAL A 56 -2.46 13.89 2.77
CA VAL A 56 -2.87 13.60 1.40
C VAL A 56 -3.70 12.32 1.33
N ALA A 57 -3.28 11.31 2.09
CA ALA A 57 -3.98 10.03 2.11
C ALA A 57 -5.44 10.21 2.53
N GLU A 58 -5.64 10.71 3.75
CA GLU A 58 -6.98 10.93 4.27
C GLU A 58 -7.73 11.93 3.41
N ARG A 59 -7.05 13.03 3.06
CA ARG A 59 -7.67 14.06 2.25
C ARG A 59 -8.49 13.46 1.11
N SER A 60 -7.83 12.71 0.24
CA SER A 60 -8.49 12.07 -0.89
C SER A 60 -9.66 11.21 -0.41
N GLY A 61 -9.44 10.42 0.62
CA GLY A 61 -10.48 9.56 1.16
C GLY A 61 -10.54 8.22 0.45
N GLY A 62 -9.38 7.67 0.11
CA GLY A 62 -9.34 6.39 -0.57
C GLY A 62 -8.45 5.39 0.14
N LEU A 63 -7.43 5.89 0.84
CA LEU A 63 -6.51 5.02 1.56
C LEU A 63 -6.96 4.83 3.01
N LEU A 64 -6.50 3.77 3.64
CA LEU A 64 -6.85 3.47 5.02
C LEU A 64 -5.80 2.60 5.68
N PRO A 65 -5.68 2.72 7.01
CA PRO A 65 -4.71 1.94 7.80
C PRO A 65 -5.08 0.46 7.86
N GLY A 66 -4.19 -0.38 7.33
CA GLY A 66 -4.44 -1.81 7.33
C GLY A 66 -4.48 -2.40 5.93
N ASP A 67 -4.75 -1.57 4.95
CA ASP A 67 -4.82 -2.01 3.56
C ASP A 67 -3.42 -2.22 2.99
N ARG A 68 -3.28 -3.23 2.15
CA ARG A 68 -1.99 -3.55 1.54
C ARG A 68 -1.77 -2.73 0.27
N LEU A 69 -0.64 -2.04 0.20
CA LEU A 69 -0.32 -1.22 -0.96
C LEU A 69 0.34 -2.05 -2.06
N VAL A 70 -0.31 -2.11 -3.22
CA VAL A 70 0.21 -2.87 -4.35
C VAL A 70 1.39 -2.15 -5.00
N SER A 71 1.15 -0.92 -5.44
CA SER A 71 2.19 -0.13 -6.08
C SER A 71 1.94 1.37 -5.88
N VAL A 72 2.94 2.18 -6.22
CA VAL A 72 2.82 3.62 -6.09
C VAL A 72 3.43 4.34 -7.29
N ASN A 73 2.57 4.91 -8.12
CA ASN A 73 3.02 5.63 -9.31
C ASN A 73 3.73 4.68 -10.28
N GLU A 74 3.07 3.58 -10.60
CA GLU A 74 3.63 2.59 -11.52
C GLU A 74 4.92 2.00 -10.96
N TYR A 75 4.86 1.55 -9.71
CA TYR A 75 6.02 0.96 -9.05
C TYR A 75 5.64 -0.33 -8.32
N CYS A 76 6.11 -1.45 -8.84
CA CYS A 76 5.83 -2.76 -8.24
C CYS A 76 6.48 -2.87 -6.87
N LEU A 77 5.69 -2.72 -5.82
CA LEU A 77 6.19 -2.81 -4.45
C LEU A 77 5.99 -4.21 -3.90
N ASP A 78 5.67 -5.16 -4.78
CA ASP A 78 5.46 -6.54 -4.38
C ASP A 78 6.70 -7.11 -3.68
N ASN A 79 6.50 -7.78 -2.56
CA ASN A 79 7.60 -8.37 -1.81
C ASN A 79 8.79 -7.41 -1.75
N THR A 80 8.51 -6.14 -1.52
CA THR A 80 9.55 -5.12 -1.43
C THR A 80 9.94 -4.84 0.01
N SER A 81 11.18 -4.44 0.22
CA SER A 81 11.68 -4.15 1.56
C SER A 81 11.23 -2.76 2.01
N LEU A 82 10.72 -2.68 3.24
CA LEU A 82 10.25 -1.42 3.79
C LEU A 82 11.10 -0.25 3.29
N ALA A 83 12.42 -0.41 3.39
CA ALA A 83 13.34 0.64 2.94
C ALA A 83 13.07 1.02 1.49
N GLU A 84 12.96 0.01 0.63
CA GLU A 84 12.71 0.24 -0.79
C GLU A 84 11.37 0.94 -0.99
N ALA A 85 10.36 0.51 -0.24
CA ALA A 85 9.03 1.09 -0.34
C ALA A 85 9.05 2.57 0.03
N VAL A 86 9.75 2.90 1.11
CA VAL A 86 9.85 4.27 1.57
C VAL A 86 10.60 5.14 0.56
N GLU A 87 11.69 4.61 0.04
CA GLU A 87 12.49 5.34 -0.95
C GLU A 87 11.69 5.59 -2.23
N ILE A 88 10.79 4.68 -2.54
CA ILE A 88 9.96 4.80 -3.73
C ILE A 88 8.97 5.94 -3.59
N LEU A 89 8.41 6.09 -2.39
CA LEU A 89 7.45 7.15 -2.13
C LEU A 89 8.14 8.51 -1.98
N LYS A 90 9.41 8.47 -1.59
CA LYS A 90 10.20 9.69 -1.42
C LYS A 90 10.77 10.16 -2.75
N ALA A 91 11.09 9.21 -3.62
CA ALA A 91 11.65 9.53 -4.93
C ALA A 91 10.54 9.89 -5.92
N VAL A 92 9.32 9.46 -5.61
CA VAL A 92 8.18 9.74 -6.48
C VAL A 92 7.95 11.24 -6.62
N PRO A 93 7.68 11.67 -7.87
CA PRO A 93 7.44 13.09 -8.17
C PRO A 93 6.12 13.58 -7.61
N PRO A 94 6.01 14.90 -7.39
CA PRO A 94 4.81 15.53 -6.86
C PRO A 94 3.65 15.50 -7.85
N GLY A 95 2.47 15.91 -7.39
CA GLY A 95 1.30 15.93 -8.26
C GLY A 95 0.44 14.70 -8.09
N LEU A 96 -0.37 14.40 -9.10
CA LEU A 96 -1.25 13.24 -9.05
C LEU A 96 -0.47 11.98 -8.75
N VAL A 97 -0.96 11.20 -7.78
CA VAL A 97 -0.30 9.96 -7.39
C VAL A 97 -1.24 8.77 -7.55
N HIS A 98 -1.02 7.98 -8.59
CA HIS A 98 -1.85 6.80 -8.85
C HIS A 98 -1.28 5.56 -8.16
N LEU A 99 -1.83 5.23 -7.00
CA LEU A 99 -1.37 4.08 -6.23
C LEU A 99 -2.54 3.16 -5.91
N GLY A 100 -2.32 1.85 -6.08
CA GLY A 100 -3.36 0.88 -5.80
C GLY A 100 -3.43 0.51 -4.33
N ILE A 101 -4.57 -0.03 -3.91
CA ILE A 101 -4.75 -0.43 -2.52
C ILE A 101 -5.53 -1.73 -2.42
N CYS A 102 -5.34 -2.46 -1.32
CA CYS A 102 -6.03 -3.72 -1.11
C CYS A 102 -6.86 -3.68 0.17
N SER A 103 -8.17 -3.61 0.02
CA SER A 103 -9.07 -3.56 1.17
C SER A 103 -8.74 -4.65 2.18
N GLY A 104 -8.33 -4.24 3.38
CA GLY A 104 -7.98 -5.20 4.40
C GLY A 104 -8.67 -4.91 5.73
N PRO A 105 -8.10 -5.41 6.83
CA PRO A 105 -8.66 -5.22 8.17
C PRO A 105 -8.53 -3.78 8.64
N SER A 106 -9.53 -2.97 8.31
CA SER A 106 -9.53 -1.56 8.70
C SER A 106 -9.59 -1.41 10.22
N SER A 107 -8.65 -0.68 10.77
CA SER A 107 -8.59 -0.46 12.22
C SER A 107 -7.51 0.56 12.58
N GLY A 108 -7.89 1.56 13.36
CA GLY A 108 -6.95 2.59 13.76
C GLY A 108 -7.63 3.76 14.43
N GLY A 1 -4.08 -13.96 -8.58
CA GLY A 1 -3.65 -15.31 -8.86
C GLY A 1 -3.30 -15.52 -10.32
N SER A 2 -2.05 -15.87 -10.58
CA SER A 2 -1.58 -16.10 -11.94
C SER A 2 -1.40 -17.59 -12.21
N SER A 3 -1.49 -17.97 -13.48
CA SER A 3 -1.35 -19.36 -13.87
C SER A 3 -1.98 -20.30 -12.85
N GLY A 4 -3.17 -19.91 -12.38
CA GLY A 4 -3.87 -20.72 -11.39
C GLY A 4 -4.00 -20.02 -10.06
N SER A 5 -4.33 -20.78 -9.01
CA SER A 5 -4.50 -20.22 -7.68
C SER A 5 -3.38 -20.69 -6.76
N SER A 6 -2.15 -20.69 -7.28
CA SER A 6 -1.00 -21.11 -6.49
C SER A 6 -0.99 -20.46 -5.12
N GLY A 7 -0.99 -19.13 -5.10
CA GLY A 7 -0.98 -18.40 -3.84
C GLY A 7 -2.03 -17.32 -3.80
N GLU A 8 -3.09 -17.55 -3.02
CA GLU A 8 -4.16 -16.58 -2.89
C GLU A 8 -4.20 -15.97 -1.49
N LEU A 9 -4.50 -14.68 -1.42
CA LEU A 9 -4.55 -13.99 -0.14
C LEU A 9 -5.98 -13.95 0.40
N ALA A 10 -6.12 -14.08 1.72
CA ALA A 10 -7.43 -14.06 2.35
C ALA A 10 -7.64 -12.76 3.13
N LEU A 11 -6.58 -12.27 3.75
CA LEU A 11 -6.65 -11.04 4.52
C LEU A 11 -7.12 -9.87 3.65
N TRP A 12 -6.61 -9.81 2.43
CA TRP A 12 -6.99 -8.75 1.50
C TRP A 12 -7.82 -9.29 0.35
N SER A 13 -8.18 -8.41 -0.58
CA SER A 13 -8.99 -8.81 -1.73
C SER A 13 -8.18 -8.73 -3.01
N PRO A 14 -8.47 -9.64 -3.96
CA PRO A 14 -7.78 -9.70 -5.25
C PRO A 14 -8.13 -8.52 -6.14
N GLU A 15 -8.98 -7.63 -5.63
CA GLU A 15 -9.40 -6.46 -6.40
C GLU A 15 -8.67 -5.20 -5.90
N VAL A 16 -7.81 -4.66 -6.75
CA VAL A 16 -7.04 -3.47 -6.41
C VAL A 16 -7.79 -2.20 -6.83
N LYS A 17 -7.69 -1.16 -6.01
CA LYS A 17 -8.34 0.11 -6.30
C LYS A 17 -7.31 1.22 -6.50
N ILE A 18 -7.49 1.99 -7.57
CA ILE A 18 -6.58 3.08 -7.88
C ILE A 18 -7.06 4.39 -7.23
N VAL A 19 -6.32 4.85 -6.22
CA VAL A 19 -6.67 6.08 -5.54
C VAL A 19 -5.82 7.24 -6.03
N GLU A 20 -6.47 8.35 -6.37
CA GLU A 20 -5.78 9.53 -6.86
C GLU A 20 -5.35 10.43 -5.70
N LEU A 21 -4.06 10.41 -5.39
CA LEU A 21 -3.52 11.22 -4.31
C LEU A 21 -2.66 12.35 -4.85
N VAL A 22 -2.98 13.58 -4.47
CA VAL A 22 -2.22 14.75 -4.92
C VAL A 22 -1.05 15.04 -3.98
N LYS A 23 0.14 14.64 -4.41
CA LYS A 23 1.34 14.85 -3.61
C LYS A 23 1.76 16.32 -3.64
N ASP A 24 2.48 16.75 -2.61
CA ASP A 24 2.95 18.13 -2.52
C ASP A 24 4.44 18.19 -2.21
N CYS A 25 4.95 19.40 -2.02
CA CYS A 25 6.37 19.57 -1.71
C CYS A 25 6.83 18.58 -0.65
N LYS A 26 6.17 18.61 0.50
CA LYS A 26 6.51 17.72 1.60
C LYS A 26 6.33 16.26 1.20
N GLY A 27 5.44 16.03 0.23
CA GLY A 27 5.19 14.68 -0.23
C GLY A 27 3.80 14.19 0.13
N LEU A 28 3.71 12.93 0.55
CA LEU A 28 2.43 12.34 0.93
C LEU A 28 2.12 12.62 2.40
N GLY A 29 1.03 12.04 2.89
CA GLY A 29 0.64 12.24 4.27
C GLY A 29 0.31 10.95 4.98
N PHE A 30 1.00 9.87 4.58
CA PHE A 30 0.77 8.56 5.18
C PHE A 30 2.10 7.83 5.37
N SER A 31 2.03 6.65 6.01
CA SER A 31 3.22 5.86 6.27
C SER A 31 3.03 4.43 5.74
N ILE A 32 4.10 3.65 5.82
CA ILE A 32 4.06 2.26 5.35
C ILE A 32 4.97 1.37 6.19
N LEU A 33 4.69 0.07 6.19
CA LEU A 33 5.47 -0.88 6.95
C LEU A 33 5.58 -2.21 6.22
N ASP A 34 6.44 -3.10 6.73
CA ASP A 34 6.63 -4.41 6.12
C ASP A 34 5.82 -5.47 6.86
N TYR A 35 5.04 -6.25 6.11
CA TYR A 35 4.23 -7.30 6.69
C TYR A 35 4.66 -8.67 6.18
N GLN A 36 4.47 -9.70 7.01
CA GLN A 36 4.84 -11.06 6.64
C GLN A 36 3.63 -11.98 6.66
N ASP A 37 3.37 -12.64 5.54
CA ASP A 37 2.23 -13.54 5.43
C ASP A 37 2.26 -14.58 6.55
N PRO A 38 1.08 -14.85 7.14
CA PRO A 38 0.95 -15.82 8.22
C PRO A 38 1.16 -17.26 7.75
N LEU A 39 1.01 -17.47 6.44
CA LEU A 39 1.17 -18.80 5.86
C LEU A 39 2.48 -18.90 5.10
N ASP A 40 2.98 -17.76 4.63
CA ASP A 40 4.24 -17.72 3.90
C ASP A 40 5.20 -16.70 4.51
N PRO A 41 6.12 -17.19 5.36
CA PRO A 41 7.11 -16.34 6.03
C PRO A 41 8.16 -15.81 5.07
N THR A 42 8.30 -16.47 3.94
CA THR A 42 9.28 -16.06 2.93
C THR A 42 8.69 -15.01 1.99
N ARG A 43 7.47 -14.56 2.31
CA ARG A 43 6.80 -13.55 1.50
C ARG A 43 6.34 -12.39 2.37
N SER A 44 6.74 -11.17 1.97
CA SER A 44 6.36 -9.98 2.72
C SER A 44 5.59 -9.00 1.83
N VAL A 45 4.75 -8.18 2.44
CA VAL A 45 3.95 -7.20 1.71
C VAL A 45 3.85 -5.90 2.48
N ILE A 46 3.84 -4.78 1.75
CA ILE A 46 3.74 -3.47 2.37
C ILE A 46 2.30 -3.13 2.70
N VAL A 47 2.09 -2.49 3.86
CA VAL A 47 0.76 -2.11 4.30
C VAL A 47 0.71 -0.64 4.69
N ILE A 48 -0.49 -0.08 4.72
CA ILE A 48 -0.68 1.32 5.08
C ILE A 48 -0.55 1.52 6.59
N ARG A 49 0.66 1.82 7.04
CA ARG A 49 0.92 2.04 8.46
C ARG A 49 -0.19 2.88 9.08
N SER A 50 -0.29 4.13 8.65
CA SER A 50 -1.30 5.04 9.16
C SER A 50 -1.37 6.32 8.33
N LEU A 51 -2.52 6.97 8.35
CA LEU A 51 -2.71 8.20 7.58
C LEU A 51 -2.56 9.42 8.48
N VAL A 52 -1.51 10.19 8.25
CA VAL A 52 -1.25 11.39 9.03
C VAL A 52 -2.50 12.25 9.15
N ALA A 53 -2.56 13.05 10.21
CA ALA A 53 -3.71 13.92 10.45
C ALA A 53 -3.96 14.82 9.25
N ASP A 54 -5.07 14.57 8.55
CA ASP A 54 -5.44 15.36 7.38
C ASP A 54 -4.39 15.21 6.28
N GLY A 55 -3.74 14.05 6.24
CA GLY A 55 -2.71 13.81 5.23
C GLY A 55 -3.31 13.50 3.87
N VAL A 56 -2.57 13.84 2.81
CA VAL A 56 -3.03 13.60 1.45
C VAL A 56 -3.84 12.31 1.37
N ALA A 57 -3.43 11.30 2.12
CA ALA A 57 -4.12 10.03 2.13
C ALA A 57 -5.56 10.19 2.59
N GLU A 58 -5.74 10.51 3.87
CA GLU A 58 -7.07 10.69 4.44
C GLU A 58 -7.84 11.77 3.68
N ARG A 59 -7.14 12.83 3.30
CA ARG A 59 -7.76 13.93 2.56
C ARG A 59 -8.57 13.41 1.39
N SER A 60 -7.91 12.68 0.49
CA SER A 60 -8.58 12.13 -0.68
C SER A 60 -9.77 11.26 -0.28
N GLY A 61 -9.56 10.42 0.74
CA GLY A 61 -10.63 9.56 1.20
C GLY A 61 -10.67 8.23 0.47
N GLY A 62 -9.48 7.66 0.23
CA GLY A 62 -9.41 6.39 -0.47
C GLY A 62 -8.50 5.40 0.24
N LEU A 63 -7.45 5.90 0.87
CA LEU A 63 -6.51 5.05 1.60
C LEU A 63 -6.95 4.85 3.04
N LEU A 64 -6.51 3.74 3.64
CA LEU A 64 -6.85 3.43 5.02
C LEU A 64 -5.77 2.56 5.66
N PRO A 65 -5.62 2.68 6.99
CA PRO A 65 -4.64 1.91 7.75
C PRO A 65 -5.01 0.44 7.84
N GLY A 66 -4.16 -0.42 7.25
CA GLY A 66 -4.42 -1.84 7.28
C GLY A 66 -4.51 -2.44 5.88
N ASP A 67 -4.68 -1.58 4.88
CA ASP A 67 -4.77 -2.03 3.50
C ASP A 67 -3.39 -2.26 2.90
N ARG A 68 -3.27 -3.31 2.10
CA ARG A 68 -1.98 -3.64 1.47
C ARG A 68 -1.78 -2.81 0.21
N LEU A 69 -0.64 -2.14 0.13
CA LEU A 69 -0.31 -1.30 -1.02
C LEU A 69 0.22 -2.15 -2.17
N VAL A 70 -0.25 -1.86 -3.38
CA VAL A 70 0.18 -2.60 -4.56
C VAL A 70 1.36 -1.89 -5.25
N SER A 71 1.17 -0.63 -5.60
CA SER A 71 2.21 0.14 -6.27
C SER A 71 1.96 1.64 -6.11
N VAL A 72 2.96 2.44 -6.46
CA VAL A 72 2.84 3.89 -6.36
C VAL A 72 3.40 4.58 -7.61
N ASN A 73 2.51 5.13 -8.42
CA ASN A 73 2.91 5.82 -9.64
C ASN A 73 3.59 4.85 -10.61
N GLU A 74 3.02 3.65 -10.72
CA GLU A 74 3.58 2.63 -11.61
C GLU A 74 4.87 2.06 -11.05
N TYR A 75 4.83 1.66 -9.78
CA TYR A 75 6.00 1.09 -9.12
C TYR A 75 5.64 -0.18 -8.37
N CYS A 76 6.03 -1.32 -8.92
CA CYS A 76 5.75 -2.61 -8.31
C CYS A 76 6.37 -2.71 -6.92
N LEU A 77 5.54 -2.62 -5.88
CA LEU A 77 6.01 -2.70 -4.51
C LEU A 77 5.78 -4.09 -3.92
N ASP A 78 5.71 -5.09 -4.79
CA ASP A 78 5.49 -6.47 -4.36
C ASP A 78 6.75 -7.04 -3.73
N ASN A 79 6.57 -7.78 -2.64
CA ASN A 79 7.69 -8.38 -1.93
C ASN A 79 8.87 -7.42 -1.87
N THR A 80 8.59 -6.16 -1.54
CA THR A 80 9.64 -5.15 -1.45
C THR A 80 10.00 -4.88 0.01
N SER A 81 11.25 -4.48 0.23
CA SER A 81 11.73 -4.19 1.59
C SER A 81 11.29 -2.79 2.02
N LEU A 82 10.80 -2.70 3.26
CA LEU A 82 10.33 -1.43 3.79
C LEU A 82 11.20 -0.28 3.29
N ALA A 83 12.51 -0.45 3.37
CA ALA A 83 13.46 0.57 2.91
C ALA A 83 13.16 0.98 1.48
N GLU A 84 13.00 -0.01 0.60
CA GLU A 84 12.72 0.24 -0.81
C GLU A 84 11.38 0.96 -0.97
N ALA A 85 10.37 0.48 -0.25
CA ALA A 85 9.04 1.07 -0.32
C ALA A 85 9.07 2.54 0.06
N VAL A 86 9.78 2.85 1.15
CA VAL A 86 9.90 4.22 1.64
C VAL A 86 10.61 5.10 0.62
N GLU A 87 11.73 4.59 0.09
CA GLU A 87 12.51 5.34 -0.89
C GLU A 87 11.69 5.60 -2.15
N ILE A 88 10.83 4.66 -2.50
CA ILE A 88 9.98 4.79 -3.68
C ILE A 88 8.96 5.91 -3.51
N LEU A 89 8.34 5.97 -2.34
CA LEU A 89 7.35 6.99 -2.04
C LEU A 89 8.00 8.35 -1.89
N LYS A 90 9.26 8.36 -1.46
CA LYS A 90 10.01 9.59 -1.27
C LYS A 90 10.63 10.06 -2.58
N ALA A 91 10.94 9.11 -3.46
CA ALA A 91 11.53 9.42 -4.75
C ALA A 91 10.46 9.79 -5.76
N VAL A 92 9.22 9.42 -5.48
CA VAL A 92 8.11 9.73 -6.37
C VAL A 92 7.91 11.23 -6.52
N PRO A 93 7.68 11.68 -7.75
CA PRO A 93 7.47 13.10 -8.06
C PRO A 93 6.13 13.61 -7.53
N PRO A 94 6.05 14.93 -7.33
CA PRO A 94 4.83 15.58 -6.83
C PRO A 94 3.69 15.55 -7.85
N GLY A 95 2.49 15.89 -7.39
CA GLY A 95 1.33 15.90 -8.28
C GLY A 95 0.46 14.68 -8.09
N LEU A 96 -0.38 14.40 -9.09
CA LEU A 96 -1.27 13.25 -9.03
C LEU A 96 -0.50 11.97 -8.73
N VAL A 97 -1.00 11.20 -7.76
CA VAL A 97 -0.36 9.95 -7.37
C VAL A 97 -1.30 8.77 -7.55
N HIS A 98 -1.08 7.98 -8.60
CA HIS A 98 -1.91 6.82 -8.87
C HIS A 98 -1.32 5.55 -8.25
N LEU A 99 -1.86 5.17 -7.10
CA LEU A 99 -1.39 3.98 -6.38
C LEU A 99 -2.54 3.02 -6.10
N GLY A 100 -2.28 1.73 -6.28
CA GLY A 100 -3.31 0.73 -6.03
C GLY A 100 -3.32 0.27 -4.59
N ILE A 101 -4.52 0.09 -4.04
CA ILE A 101 -4.66 -0.35 -2.66
C ILE A 101 -5.45 -1.66 -2.59
N CYS A 102 -5.15 -2.46 -1.57
CA CYS A 102 -5.84 -3.74 -1.39
C CYS A 102 -6.61 -3.75 -0.07
N SER A 103 -7.94 -3.71 -0.16
CA SER A 103 -8.78 -3.72 1.03
C SER A 103 -8.29 -4.74 2.04
N GLY A 104 -8.03 -4.28 3.25
CA GLY A 104 -7.55 -5.17 4.31
C GLY A 104 -8.24 -4.92 5.63
N PRO A 105 -7.62 -5.38 6.72
CA PRO A 105 -8.16 -5.21 8.07
C PRO A 105 -8.14 -3.77 8.55
N SER A 106 -9.21 -3.04 8.27
CA SER A 106 -9.31 -1.64 8.66
C SER A 106 -10.21 -1.48 9.88
N SER A 107 -9.73 -0.74 10.87
CA SER A 107 -10.50 -0.51 12.09
C SER A 107 -10.59 0.98 12.41
N GLY A 108 -10.37 1.81 11.38
CA GLY A 108 -10.43 3.24 11.57
C GLY A 108 -11.55 3.89 10.76
N GLY A 1 -2.06 -25.29 -21.88
CA GLY A 1 -2.26 -25.00 -20.48
C GLY A 1 -1.88 -26.17 -19.59
N SER A 2 -1.52 -25.88 -18.35
CA SER A 2 -1.13 -26.92 -17.39
C SER A 2 -1.34 -26.44 -15.96
N SER A 3 -1.33 -27.39 -15.02
CA SER A 3 -1.51 -27.07 -13.61
C SER A 3 -0.47 -26.06 -13.14
N GLY A 4 -0.92 -25.06 -12.39
CA GLY A 4 -0.03 -24.04 -11.88
C GLY A 4 -0.41 -23.56 -10.51
N SER A 5 0.22 -22.48 -10.06
CA SER A 5 -0.07 -21.91 -8.74
C SER A 5 -0.38 -20.42 -8.85
N SER A 6 -1.45 -20.00 -8.19
CA SER A 6 -1.85 -18.60 -8.21
C SER A 6 -1.77 -17.99 -6.82
N GLY A 7 -2.36 -18.66 -5.83
CA GLY A 7 -2.32 -18.17 -4.47
C GLY A 7 -3.35 -17.08 -4.22
N GLU A 8 -4.24 -17.33 -3.26
CA GLU A 8 -5.28 -16.36 -2.93
C GLU A 8 -5.07 -15.79 -1.53
N LEU A 9 -5.36 -14.50 -1.37
CA LEU A 9 -5.20 -13.83 -0.08
C LEU A 9 -6.54 -13.69 0.63
N ALA A 10 -6.52 -13.80 1.95
CA ALA A 10 -7.73 -13.67 2.75
C ALA A 10 -7.77 -12.34 3.49
N LEU A 11 -6.64 -11.98 4.09
CA LEU A 11 -6.55 -10.73 4.83
C LEU A 11 -6.96 -9.54 3.97
N TRP A 12 -6.62 -9.60 2.70
CA TRP A 12 -6.97 -8.54 1.76
C TRP A 12 -7.95 -9.03 0.70
N SER A 13 -8.31 -8.15 -0.23
CA SER A 13 -9.23 -8.51 -1.30
C SER A 13 -8.50 -8.59 -2.64
N PRO A 14 -8.93 -9.54 -3.49
CA PRO A 14 -8.33 -9.74 -4.81
C PRO A 14 -8.67 -8.60 -5.78
N GLU A 15 -9.37 -7.60 -5.28
CA GLU A 15 -9.75 -6.45 -6.08
C GLU A 15 -8.91 -5.22 -5.73
N VAL A 16 -8.10 -4.76 -6.68
CA VAL A 16 -7.26 -3.60 -6.47
C VAL A 16 -7.99 -2.31 -6.81
N LYS A 17 -7.77 -1.28 -6.02
CA LYS A 17 -8.42 0.02 -6.24
C LYS A 17 -7.37 1.12 -6.37
N ILE A 18 -7.48 1.91 -7.44
CA ILE A 18 -6.54 3.00 -7.67
C ILE A 18 -7.03 4.29 -7.04
N VAL A 19 -6.23 4.86 -6.16
CA VAL A 19 -6.58 6.10 -5.48
C VAL A 19 -5.75 7.27 -6.00
N GLU A 20 -6.42 8.37 -6.32
CA GLU A 20 -5.74 9.56 -6.82
C GLU A 20 -5.32 10.47 -5.68
N LEU A 21 -4.03 10.48 -5.38
CA LEU A 21 -3.49 11.31 -4.30
C LEU A 21 -2.64 12.44 -4.87
N VAL A 22 -2.95 13.68 -4.46
CA VAL A 22 -2.22 14.84 -4.93
C VAL A 22 -1.07 15.17 -3.98
N LYS A 23 0.14 14.75 -4.36
CA LYS A 23 1.32 15.00 -3.55
C LYS A 23 1.67 16.48 -3.52
N ASP A 24 2.32 16.91 -2.45
CA ASP A 24 2.69 18.32 -2.30
C ASP A 24 4.19 18.44 -2.01
N CYS A 25 4.66 19.68 -1.87
CA CYS A 25 6.07 19.94 -1.58
C CYS A 25 6.62 18.91 -0.61
N LYS A 26 6.01 18.82 0.56
CA LYS A 26 6.44 17.88 1.60
C LYS A 26 6.39 16.44 1.07
N GLY A 27 5.25 16.07 0.48
CA GLY A 27 5.10 14.73 -0.05
C GLY A 27 3.72 14.16 0.18
N LEU A 28 3.65 13.10 0.98
CA LEU A 28 2.37 12.47 1.29
C LEU A 28 2.02 12.64 2.76
N GLY A 29 0.88 12.08 3.16
CA GLY A 29 0.45 12.18 4.54
C GLY A 29 0.15 10.83 5.17
N PHE A 30 0.86 9.81 4.71
CA PHE A 30 0.67 8.46 5.22
C PHE A 30 2.01 7.74 5.39
N SER A 31 1.98 6.57 6.02
CA SER A 31 3.18 5.79 6.25
C SER A 31 3.01 4.36 5.75
N ILE A 32 4.09 3.59 5.81
CA ILE A 32 4.06 2.20 5.36
C ILE A 32 4.99 1.33 6.20
N LEU A 33 4.71 0.03 6.24
CA LEU A 33 5.51 -0.91 7.01
C LEU A 33 5.63 -2.25 6.27
N ASP A 34 6.48 -3.12 6.80
CA ASP A 34 6.68 -4.44 6.20
C ASP A 34 5.83 -5.49 6.89
N TYR A 35 5.13 -6.29 6.09
CA TYR A 35 4.26 -7.34 6.62
C TYR A 35 4.67 -8.70 6.09
N GLN A 36 4.46 -9.73 6.90
CA GLN A 36 4.81 -11.10 6.52
C GLN A 36 3.58 -12.00 6.53
N ASP A 37 3.27 -12.57 5.37
CA ASP A 37 2.12 -13.46 5.25
C ASP A 37 2.14 -14.54 6.33
N PRO A 38 0.98 -14.79 6.94
CA PRO A 38 0.84 -15.78 8.00
C PRO A 38 0.98 -17.22 7.47
N LEU A 39 0.78 -17.38 6.17
CA LEU A 39 0.89 -18.68 5.55
C LEU A 39 2.23 -18.85 4.85
N ASP A 40 2.84 -17.74 4.47
CA ASP A 40 4.14 -17.75 3.81
C ASP A 40 5.10 -16.75 4.44
N PRO A 41 5.98 -17.25 5.31
CA PRO A 41 6.97 -16.41 5.99
C PRO A 41 8.04 -15.87 5.05
N THR A 42 8.33 -16.63 4.00
CA THR A 42 9.34 -16.24 3.02
C THR A 42 8.80 -15.16 2.08
N ARG A 43 7.60 -14.67 2.38
CA ARG A 43 6.97 -13.64 1.56
C ARG A 43 6.53 -12.46 2.42
N SER A 44 6.79 -11.25 1.95
CA SER A 44 6.42 -10.04 2.67
C SER A 44 5.63 -9.08 1.77
N VAL A 45 5.01 -8.09 2.39
CA VAL A 45 4.22 -7.11 1.65
C VAL A 45 4.12 -5.79 2.42
N ILE A 46 3.97 -4.69 1.69
CA ILE A 46 3.86 -3.37 2.30
C ILE A 46 2.41 -3.04 2.62
N VAL A 47 2.19 -2.49 3.81
CA VAL A 47 0.85 -2.12 4.24
C VAL A 47 0.77 -0.64 4.61
N ILE A 48 -0.44 -0.12 4.75
CA ILE A 48 -0.65 1.28 5.10
C ILE A 48 -0.53 1.48 6.60
N ARG A 49 0.67 1.76 7.08
CA ARG A 49 0.91 1.98 8.50
C ARG A 49 -0.22 2.80 9.12
N SER A 50 -0.36 4.04 8.65
CA SER A 50 -1.40 4.93 9.16
C SER A 50 -1.48 6.20 8.32
N LEU A 51 -2.62 6.87 8.38
CA LEU A 51 -2.83 8.10 7.63
C LEU A 51 -2.73 9.32 8.54
N VAL A 52 -1.69 10.12 8.32
CA VAL A 52 -1.46 11.32 9.13
C VAL A 52 -2.73 12.18 9.20
N ALA A 53 -2.88 12.93 10.28
CA ALA A 53 -4.03 13.79 10.46
C ALA A 53 -4.16 14.79 9.32
N ASP A 54 -5.21 14.64 8.53
CA ASP A 54 -5.45 15.54 7.40
C ASP A 54 -4.36 15.38 6.35
N GLY A 55 -3.84 14.17 6.22
CA GLY A 55 -2.79 13.90 5.24
C GLY A 55 -3.35 13.58 3.88
N VAL A 56 -2.58 13.92 2.84
CA VAL A 56 -3.01 13.67 1.47
C VAL A 56 -3.81 12.39 1.36
N ALA A 57 -3.42 11.39 2.14
CA ALA A 57 -4.10 10.10 2.14
C ALA A 57 -5.56 10.25 2.59
N GLU A 58 -5.75 10.74 3.81
CA GLU A 58 -7.08 10.93 4.36
C GLU A 58 -7.86 11.94 3.53
N ARG A 59 -7.23 13.06 3.21
CA ARG A 59 -7.86 14.10 2.42
C ARG A 59 -8.63 13.52 1.24
N SER A 60 -7.93 12.75 0.41
CA SER A 60 -8.54 12.12 -0.75
C SER A 60 -9.73 11.27 -0.35
N GLY A 61 -9.53 10.43 0.67
CA GLY A 61 -10.60 9.57 1.14
C GLY A 61 -10.63 8.23 0.41
N GLY A 62 -9.45 7.64 0.22
CA GLY A 62 -9.37 6.36 -0.47
C GLY A 62 -8.47 5.38 0.24
N LEU A 63 -7.41 5.89 0.87
CA LEU A 63 -6.47 5.05 1.59
C LEU A 63 -6.94 4.80 3.02
N LEU A 64 -6.46 3.72 3.61
CA LEU A 64 -6.82 3.37 4.98
C LEU A 64 -5.73 2.52 5.65
N PRO A 65 -5.61 2.64 6.97
CA PRO A 65 -4.62 1.89 7.75
C PRO A 65 -4.94 0.40 7.81
N GLY A 66 -4.03 -0.40 7.25
CA GLY A 66 -4.23 -1.85 7.24
C GLY A 66 -4.24 -2.43 5.84
N ASP A 67 -4.54 -1.59 4.86
CA ASP A 67 -4.60 -2.02 3.47
C ASP A 67 -3.19 -2.23 2.92
N ARG A 68 -3.07 -3.16 1.98
CA ARG A 68 -1.78 -3.47 1.37
C ARG A 68 -1.57 -2.66 0.10
N LEU A 69 -0.43 -1.98 0.00
CA LEU A 69 -0.12 -1.17 -1.17
C LEU A 69 0.59 -2.00 -2.23
N VAL A 70 -0.08 -2.19 -3.37
CA VAL A 70 0.48 -2.95 -4.47
C VAL A 70 1.61 -2.18 -5.16
N SER A 71 1.31 -0.98 -5.61
CA SER A 71 2.29 -0.15 -6.29
C SER A 71 1.98 1.34 -6.09
N VAL A 72 2.97 2.18 -6.35
CA VAL A 72 2.80 3.63 -6.20
C VAL A 72 3.43 4.37 -7.38
N ASN A 73 2.58 4.94 -8.23
CA ASN A 73 3.04 5.68 -9.40
C ASN A 73 3.80 4.77 -10.36
N GLU A 74 3.17 3.66 -10.74
CA GLU A 74 3.79 2.70 -11.65
C GLU A 74 5.06 2.11 -11.05
N TYR A 75 4.95 1.64 -9.81
CA TYR A 75 6.09 1.05 -9.13
C TYR A 75 5.69 -0.25 -8.42
N CYS A 76 6.13 -1.38 -8.98
CA CYS A 76 5.82 -2.68 -8.41
C CYS A 76 6.41 -2.81 -7.01
N LEU A 77 5.56 -2.67 -6.00
CA LEU A 77 6.00 -2.78 -4.61
C LEU A 77 5.70 -4.17 -4.05
N ASP A 78 5.86 -5.19 -4.89
CA ASP A 78 5.62 -6.56 -4.47
C ASP A 78 6.87 -7.18 -3.85
N ASN A 79 6.72 -7.74 -2.65
CA ASN A 79 7.83 -8.37 -1.95
C ASN A 79 9.00 -7.40 -1.83
N THR A 80 8.70 -6.14 -1.52
CA THR A 80 9.72 -5.12 -1.38
C THR A 80 10.02 -4.84 0.10
N SER A 81 11.23 -4.36 0.36
CA SER A 81 11.64 -4.06 1.73
C SER A 81 11.20 -2.65 2.13
N LEU A 82 10.76 -2.51 3.38
CA LEU A 82 10.30 -1.24 3.90
C LEU A 82 11.20 -0.10 3.41
N ALA A 83 12.50 -0.26 3.60
CA ALA A 83 13.47 0.75 3.17
C ALA A 83 13.30 1.08 1.69
N GLU A 84 13.07 0.04 0.88
CA GLU A 84 12.89 0.22 -0.55
C GLU A 84 11.56 0.90 -0.85
N ALA A 85 10.51 0.47 -0.16
CA ALA A 85 9.18 1.04 -0.35
C ALA A 85 9.17 2.53 -0.01
N VAL A 86 9.76 2.88 1.12
CA VAL A 86 9.82 4.26 1.57
C VAL A 86 10.58 5.13 0.57
N GLU A 87 11.73 4.62 0.11
CA GLU A 87 12.56 5.35 -0.85
C GLU A 87 11.79 5.59 -2.15
N ILE A 88 10.89 4.67 -2.48
CA ILE A 88 10.10 4.78 -3.70
C ILE A 88 9.07 5.89 -3.57
N LEU A 89 8.46 6.01 -2.40
CA LEU A 89 7.45 7.03 -2.15
C LEU A 89 8.09 8.41 -2.03
N LYS A 90 9.37 8.43 -1.64
CA LYS A 90 10.10 9.69 -1.49
C LYS A 90 10.64 10.17 -2.83
N ALA A 91 11.04 9.23 -3.67
CA ALA A 91 11.58 9.56 -4.99
C ALA A 91 10.46 9.90 -5.97
N VAL A 92 9.24 9.46 -5.64
CA VAL A 92 8.08 9.73 -6.48
C VAL A 92 7.86 11.22 -6.67
N PRO A 93 7.58 11.64 -7.91
CA PRO A 93 7.34 13.04 -8.24
C PRO A 93 6.02 13.55 -7.67
N PRO A 94 5.95 14.88 -7.46
CA PRO A 94 4.75 15.53 -6.91
C PRO A 94 3.58 15.51 -7.89
N GLY A 95 2.43 15.98 -7.43
CA GLY A 95 1.25 16.02 -8.29
C GLY A 95 0.37 14.79 -8.11
N LEU A 96 -0.41 14.48 -9.14
CA LEU A 96 -1.31 13.32 -9.10
C LEU A 96 -0.52 12.05 -8.78
N VAL A 97 -1.01 11.29 -7.80
CA VAL A 97 -0.35 10.04 -7.41
C VAL A 97 -1.30 8.86 -7.57
N HIS A 98 -1.02 8.03 -8.57
CA HIS A 98 -1.85 6.85 -8.85
C HIS A 98 -1.25 5.61 -8.19
N LEU A 99 -1.88 5.15 -7.11
CA LEU A 99 -1.40 3.97 -6.40
C LEU A 99 -2.55 3.01 -6.12
N GLY A 100 -2.29 1.71 -6.27
CA GLY A 100 -3.30 0.71 -6.03
C GLY A 100 -3.32 0.23 -4.60
N ILE A 101 -4.51 0.04 -4.04
CA ILE A 101 -4.65 -0.42 -2.67
C ILE A 101 -5.44 -1.73 -2.60
N CYS A 102 -5.31 -2.43 -1.49
CA CYS A 102 -6.00 -3.70 -1.30
C CYS A 102 -6.74 -3.72 0.03
N SER A 103 -8.06 -3.54 -0.02
CA SER A 103 -8.88 -3.53 1.18
C SER A 103 -8.47 -4.64 2.14
N GLY A 104 -7.89 -4.24 3.27
CA GLY A 104 -7.45 -5.22 4.26
C GLY A 104 -8.29 -5.19 5.51
N PRO A 105 -7.71 -5.66 6.63
CA PRO A 105 -8.41 -5.72 7.93
C PRO A 105 -8.63 -4.32 8.51
N SER A 106 -9.66 -3.64 8.02
CA SER A 106 -9.99 -2.30 8.49
C SER A 106 -10.05 -2.26 10.01
N SER A 107 -9.31 -1.34 10.62
CA SER A 107 -9.28 -1.20 12.06
C SER A 107 -10.57 -0.58 12.58
N GLY A 108 -10.74 -0.58 13.90
CA GLY A 108 -11.94 -0.01 14.50
C GLY A 108 -11.74 0.37 15.94
N GLY A 1 -11.13 -29.93 1.09
CA GLY A 1 -11.29 -30.72 2.30
C GLY A 1 -12.61 -30.46 2.99
N SER A 2 -13.03 -31.40 3.83
CA SER A 2 -14.29 -31.27 4.54
C SER A 2 -14.14 -30.34 5.74
N SER A 3 -14.99 -29.32 5.80
CA SER A 3 -14.95 -28.36 6.89
C SER A 3 -13.54 -27.81 7.08
N GLY A 4 -12.88 -27.50 5.97
CA GLY A 4 -11.53 -26.97 6.03
C GLY A 4 -11.35 -25.72 5.19
N SER A 5 -10.13 -25.20 5.14
CA SER A 5 -9.84 -24.01 4.36
C SER A 5 -8.67 -24.26 3.41
N SER A 6 -8.93 -24.03 2.12
CA SER A 6 -7.91 -24.24 1.09
C SER A 6 -6.64 -23.47 1.44
N GLY A 7 -6.81 -22.21 1.84
CA GLY A 7 -5.67 -21.38 2.19
C GLY A 7 -5.44 -20.25 1.20
N GLU A 8 -6.47 -19.42 1.03
CA GLU A 8 -6.38 -18.29 0.11
C GLU A 8 -6.35 -16.96 0.87
N LEU A 9 -5.42 -16.10 0.50
CA LEU A 9 -5.28 -14.79 1.15
C LEU A 9 -6.64 -14.10 1.26
N ALA A 10 -7.24 -14.16 2.44
CA ALA A 10 -8.53 -13.53 2.68
C ALA A 10 -8.36 -12.15 3.32
N LEU A 11 -7.29 -12.00 4.10
CA LEU A 11 -7.03 -10.73 4.76
C LEU A 11 -7.27 -9.55 3.83
N TRP A 12 -7.08 -9.78 2.54
CA TRP A 12 -7.28 -8.74 1.54
C TRP A 12 -8.18 -9.23 0.40
N SER A 13 -8.37 -8.40 -0.61
CA SER A 13 -9.22 -8.75 -1.75
C SER A 13 -8.40 -8.77 -3.03
N PRO A 14 -8.73 -9.72 -3.92
CA PRO A 14 -8.05 -9.88 -5.21
C PRO A 14 -8.35 -8.74 -6.17
N GLU A 15 -9.11 -7.76 -5.69
CA GLU A 15 -9.47 -6.61 -6.52
C GLU A 15 -8.81 -5.34 -6.00
N VAL A 16 -7.77 -4.90 -6.68
CA VAL A 16 -7.04 -3.70 -6.30
C VAL A 16 -7.74 -2.45 -6.80
N LYS A 17 -7.74 -1.40 -5.98
CA LYS A 17 -8.38 -0.14 -6.34
C LYS A 17 -7.35 0.98 -6.41
N ILE A 18 -7.42 1.78 -7.47
CA ILE A 18 -6.49 2.90 -7.65
C ILE A 18 -7.04 4.17 -7.00
N VAL A 19 -6.18 4.85 -6.23
CA VAL A 19 -6.57 6.07 -5.56
C VAL A 19 -5.74 7.25 -6.04
N GLU A 20 -6.41 8.32 -6.45
CA GLU A 20 -5.72 9.52 -6.93
C GLU A 20 -5.31 10.42 -5.76
N LEU A 21 -4.02 10.43 -5.45
CA LEU A 21 -3.49 11.24 -4.36
C LEU A 21 -2.61 12.37 -4.90
N VAL A 22 -2.94 13.60 -4.50
CA VAL A 22 -2.18 14.75 -4.94
C VAL A 22 -1.09 15.11 -3.93
N LYS A 23 0.14 14.72 -4.24
CA LYS A 23 1.27 14.99 -3.35
C LYS A 23 1.50 16.49 -3.22
N ASP A 24 2.18 16.88 -2.15
CA ASP A 24 2.46 18.29 -1.90
C ASP A 24 3.88 18.47 -1.38
N CYS A 25 4.29 19.72 -1.20
CA CYS A 25 5.63 20.03 -0.71
C CYS A 25 6.07 19.02 0.35
N LYS A 26 5.34 18.97 1.45
CA LYS A 26 5.66 18.05 2.54
C LYS A 26 5.75 16.61 2.03
N GLY A 27 4.80 16.23 1.17
CA GLY A 27 4.79 14.89 0.61
C GLY A 27 3.40 14.31 0.51
N LEU A 28 3.24 13.06 0.93
CA LEU A 28 1.95 12.39 0.88
C LEU A 28 1.16 12.65 2.16
N GLY A 29 1.55 11.99 3.24
CA GLY A 29 0.86 12.15 4.51
C GLY A 29 0.53 10.84 5.17
N PHE A 30 1.03 9.75 4.60
CA PHE A 30 0.78 8.41 5.15
C PHE A 30 2.09 7.64 5.31
N SER A 31 2.06 6.61 6.15
CA SER A 31 3.24 5.80 6.40
C SER A 31 3.05 4.39 5.86
N ILE A 32 4.12 3.61 5.87
CA ILE A 32 4.06 2.23 5.38
C ILE A 32 5.04 1.34 6.15
N LEU A 33 4.72 0.06 6.23
CA LEU A 33 5.57 -0.91 6.93
C LEU A 33 5.64 -2.23 6.17
N ASP A 34 6.50 -3.13 6.65
CA ASP A 34 6.65 -4.43 6.02
C ASP A 34 5.85 -5.50 6.76
N TYR A 35 5.07 -6.27 6.03
CA TYR A 35 4.24 -7.32 6.62
C TYR A 35 4.69 -8.70 6.15
N GLN A 36 4.41 -9.71 6.96
CA GLN A 36 4.79 -11.09 6.63
C GLN A 36 3.59 -12.01 6.67
N ASP A 37 3.24 -12.57 5.52
CA ASP A 37 2.10 -13.48 5.43
C ASP A 37 2.17 -14.55 6.51
N PRO A 38 1.01 -14.87 7.10
CA PRO A 38 0.91 -15.88 8.16
C PRO A 38 1.15 -17.30 7.64
N LEU A 39 0.91 -17.49 6.34
CA LEU A 39 1.10 -18.79 5.72
C LEU A 39 2.40 -18.83 4.92
N ASP A 40 2.85 -17.67 4.49
CA ASP A 40 4.09 -17.57 3.72
C ASP A 40 5.04 -16.54 4.34
N PRO A 41 5.95 -17.02 5.19
CA PRO A 41 6.93 -16.16 5.88
C PRO A 41 7.98 -15.61 4.91
N THR A 42 8.24 -16.36 3.84
CA THR A 42 9.22 -15.93 2.84
C THR A 42 8.65 -14.84 1.94
N ARG A 43 7.39 -14.48 2.17
CA ARG A 43 6.73 -13.46 1.37
C ARG A 43 6.38 -12.24 2.23
N SER A 44 6.73 -11.06 1.74
CA SER A 44 6.44 -9.83 2.47
C SER A 44 5.61 -8.87 1.62
N VAL A 45 4.89 -7.97 2.28
CA VAL A 45 4.05 -7.00 1.58
C VAL A 45 3.98 -5.69 2.35
N ILE A 46 3.76 -4.59 1.64
CA ILE A 46 3.67 -3.28 2.26
C ILE A 46 2.23 -2.95 2.63
N VAL A 47 2.04 -2.44 3.84
CA VAL A 47 0.72 -2.07 4.32
C VAL A 47 0.66 -0.60 4.72
N ILE A 48 -0.55 -0.03 4.73
CA ILE A 48 -0.74 1.36 5.08
C ILE A 48 -0.58 1.57 6.59
N ARG A 49 0.63 1.89 7.01
CA ARG A 49 0.92 2.12 8.41
C ARG A 49 -0.17 2.95 9.07
N SER A 50 -0.30 4.20 8.63
CA SER A 50 -1.31 5.10 9.17
C SER A 50 -1.43 6.36 8.32
N LEU A 51 -2.58 7.00 8.38
CA LEU A 51 -2.83 8.22 7.61
C LEU A 51 -2.70 9.46 8.50
N VAL A 52 -1.67 10.25 8.26
CA VAL A 52 -1.44 11.46 9.04
C VAL A 52 -2.69 12.32 9.11
N ALA A 53 -2.83 13.08 10.19
CA ALA A 53 -3.98 13.94 10.37
C ALA A 53 -4.13 14.91 9.19
N ASP A 54 -5.25 14.79 8.47
CA ASP A 54 -5.50 15.65 7.32
C ASP A 54 -4.44 15.46 6.24
N GLY A 55 -3.89 14.25 6.19
CA GLY A 55 -2.87 13.96 5.20
C GLY A 55 -3.46 13.62 3.84
N VAL A 56 -2.70 13.88 2.78
CA VAL A 56 -3.16 13.60 1.42
C VAL A 56 -3.92 12.29 1.37
N ALA A 57 -3.50 11.33 2.17
CA ALA A 57 -4.16 10.02 2.21
C ALA A 57 -5.61 10.14 2.66
N GLU A 58 -5.81 10.72 3.84
CA GLU A 58 -7.15 10.91 4.39
C GLU A 58 -7.95 11.89 3.55
N ARG A 59 -7.30 12.97 3.13
CA ARG A 59 -7.95 14.00 2.33
C ARG A 59 -8.73 13.37 1.18
N SER A 60 -8.03 12.63 0.33
CA SER A 60 -8.65 11.97 -0.81
C SER A 60 -9.84 11.12 -0.37
N GLY A 61 -9.63 10.33 0.69
CA GLY A 61 -10.69 9.48 1.19
C GLY A 61 -10.74 8.14 0.49
N GLY A 62 -9.57 7.53 0.30
CA GLY A 62 -9.50 6.25 -0.38
C GLY A 62 -8.60 5.26 0.34
N LEU A 63 -7.51 5.77 0.91
CA LEU A 63 -6.57 4.93 1.63
C LEU A 63 -7.03 4.69 3.07
N LEU A 64 -6.53 3.62 3.68
CA LEU A 64 -6.88 3.28 5.05
C LEU A 64 -5.77 2.49 5.72
N PRO A 65 -5.63 2.66 7.05
CA PRO A 65 -4.60 1.97 7.83
C PRO A 65 -4.89 0.47 7.97
N GLY A 66 -4.03 -0.34 7.37
CA GLY A 66 -4.21 -1.78 7.42
C GLY A 66 -4.28 -2.41 6.05
N ASP A 67 -4.61 -1.61 5.05
CA ASP A 67 -4.71 -2.10 3.67
C ASP A 67 -3.33 -2.33 3.08
N ARG A 68 -3.21 -3.34 2.23
CA ARG A 68 -1.95 -3.67 1.58
C ARG A 68 -1.76 -2.85 0.32
N LEU A 69 -0.64 -2.14 0.23
CA LEU A 69 -0.34 -1.32 -0.94
C LEU A 69 0.25 -2.17 -2.07
N VAL A 70 -0.25 -1.95 -3.28
CA VAL A 70 0.22 -2.69 -4.44
C VAL A 70 1.43 -2.00 -5.07
N SER A 71 1.25 -0.75 -5.48
CA SER A 71 2.31 0.02 -6.11
C SER A 71 2.08 1.52 -5.93
N VAL A 72 3.04 2.31 -6.37
CA VAL A 72 2.95 3.76 -6.26
C VAL A 72 3.54 4.44 -7.49
N ASN A 73 2.68 5.02 -8.32
CA ASN A 73 3.11 5.71 -9.53
C ASN A 73 3.80 4.73 -10.49
N GLU A 74 3.11 3.63 -10.79
CA GLU A 74 3.65 2.62 -11.70
C GLU A 74 4.93 2.01 -11.13
N TYR A 75 4.88 1.57 -9.88
CA TYR A 75 6.03 0.97 -9.22
C TYR A 75 5.64 -0.30 -8.47
N CYS A 76 6.00 -1.45 -9.04
CA CYS A 76 5.68 -2.74 -8.44
C CYS A 76 6.31 -2.86 -7.05
N LEU A 77 5.54 -2.48 -6.04
CA LEU A 77 6.01 -2.55 -4.65
C LEU A 77 5.72 -3.91 -4.04
N ASP A 78 5.74 -4.94 -4.87
CA ASP A 78 5.48 -6.30 -4.41
C ASP A 78 6.72 -6.90 -3.76
N ASN A 79 6.53 -7.62 -2.66
CA ASN A 79 7.64 -8.25 -1.95
C ASN A 79 8.84 -7.30 -1.88
N THR A 80 8.58 -6.05 -1.53
CA THR A 80 9.64 -5.05 -1.43
C THR A 80 9.97 -4.75 0.02
N SER A 81 11.23 -4.45 0.28
CA SER A 81 11.69 -4.15 1.64
C SER A 81 11.28 -2.74 2.05
N LEU A 82 10.79 -2.60 3.27
CA LEU A 82 10.36 -1.30 3.78
C LEU A 82 11.29 -0.19 3.28
N ALA A 83 12.59 -0.40 3.42
CA ALA A 83 13.57 0.58 2.97
C ALA A 83 13.35 0.95 1.51
N GLU A 84 13.07 -0.05 0.68
CA GLU A 84 12.85 0.18 -0.73
C GLU A 84 11.52 0.89 -0.96
N ALA A 85 10.49 0.45 -0.26
CA ALA A 85 9.16 1.04 -0.39
C ALA A 85 9.20 2.53 -0.05
N VAL A 86 9.77 2.85 1.11
CA VAL A 86 9.87 4.24 1.55
C VAL A 86 10.63 5.09 0.53
N GLU A 87 11.74 4.56 0.04
CA GLU A 87 12.55 5.26 -0.95
C GLU A 87 11.75 5.55 -2.21
N ILE A 88 10.92 4.59 -2.61
CA ILE A 88 10.10 4.73 -3.80
C ILE A 88 9.06 5.83 -3.62
N LEU A 89 8.45 5.87 -2.45
CA LEU A 89 7.43 6.87 -2.15
C LEU A 89 8.06 8.25 -1.99
N LYS A 90 9.33 8.28 -1.61
CA LYS A 90 10.05 9.53 -1.42
C LYS A 90 10.65 10.02 -2.74
N ALA A 91 11.10 9.08 -3.55
CA ALA A 91 11.70 9.41 -4.84
C ALA A 91 10.62 9.80 -5.86
N VAL A 92 9.38 9.45 -5.56
CA VAL A 92 8.26 9.75 -6.44
C VAL A 92 8.04 11.26 -6.54
N PRO A 93 7.81 11.75 -7.77
CA PRO A 93 7.57 13.17 -8.02
C PRO A 93 6.23 13.64 -7.48
N PRO A 94 6.11 14.96 -7.25
CA PRO A 94 4.88 15.57 -6.73
C PRO A 94 3.75 15.53 -7.75
N GLY A 95 2.55 15.93 -7.31
CA GLY A 95 1.40 15.95 -8.19
C GLY A 95 0.54 14.71 -8.04
N LEU A 96 -0.27 14.43 -9.06
CA LEU A 96 -1.15 13.27 -9.03
C LEU A 96 -0.38 12.00 -8.70
N VAL A 97 -0.92 11.21 -7.78
CA VAL A 97 -0.28 9.96 -7.37
C VAL A 97 -1.22 8.77 -7.56
N HIS A 98 -0.96 7.97 -8.60
CA HIS A 98 -1.77 6.81 -8.88
C HIS A 98 -1.20 5.57 -8.22
N LEU A 99 -1.80 5.18 -7.09
CA LEU A 99 -1.34 4.00 -6.35
C LEU A 99 -2.52 3.08 -6.02
N GLY A 100 -2.28 1.77 -6.10
CA GLY A 100 -3.32 0.81 -5.80
C GLY A 100 -3.43 0.51 -4.32
N ILE A 101 -4.51 -0.13 -3.92
CA ILE A 101 -4.73 -0.48 -2.52
C ILE A 101 -5.53 -1.77 -2.40
N CYS A 102 -5.20 -2.57 -1.39
CA CYS A 102 -5.89 -3.83 -1.15
C CYS A 102 -6.69 -3.79 0.15
N SER A 103 -8.00 -3.64 0.03
CA SER A 103 -8.87 -3.57 1.20
C SER A 103 -8.53 -4.69 2.18
N GLY A 104 -7.98 -4.30 3.33
CA GLY A 104 -7.61 -5.27 4.34
C GLY A 104 -8.63 -5.34 5.47
N PRO A 105 -8.16 -5.72 6.66
CA PRO A 105 -9.02 -5.85 7.85
C PRO A 105 -9.48 -4.48 8.35
N SER A 106 -10.68 -4.08 7.94
CA SER A 106 -11.25 -2.80 8.35
C SER A 106 -12.33 -3.00 9.40
N SER A 107 -12.00 -2.68 10.65
CA SER A 107 -12.94 -2.82 11.75
C SER A 107 -14.02 -1.74 11.69
N GLY A 108 -15.24 -2.10 12.06
CA GLY A 108 -16.34 -1.15 12.05
C GLY A 108 -17.66 -1.80 12.40
N GLY A 1 -18.46 -24.97 -4.64
CA GLY A 1 -18.97 -25.57 -3.42
C GLY A 1 -18.42 -24.91 -2.16
N SER A 2 -17.17 -25.23 -1.84
CA SER A 2 -16.53 -24.67 -0.66
C SER A 2 -15.55 -23.57 -1.05
N SER A 3 -15.33 -22.63 -0.14
CA SER A 3 -14.42 -21.52 -0.39
C SER A 3 -13.01 -21.86 0.08
N GLY A 4 -12.03 -21.67 -0.80
CA GLY A 4 -10.66 -21.96 -0.45
C GLY A 4 -10.33 -21.62 0.99
N SER A 5 -9.56 -22.48 1.63
CA SER A 5 -9.18 -22.27 3.03
C SER A 5 -7.72 -21.83 3.13
N SER A 6 -6.85 -22.51 2.40
CA SER A 6 -5.42 -22.20 2.42
C SER A 6 -4.92 -21.90 1.01
N GLY A 7 -4.03 -20.90 0.90
CA GLY A 7 -3.48 -20.54 -0.40
C GLY A 7 -3.87 -19.14 -0.81
N GLU A 8 -5.01 -19.00 -1.47
CA GLU A 8 -5.48 -17.69 -1.92
C GLU A 8 -5.41 -16.67 -0.80
N LEU A 9 -5.01 -15.44 -1.14
CA LEU A 9 -4.90 -14.38 -0.15
C LEU A 9 -6.28 -13.93 0.32
N ALA A 10 -6.48 -13.95 1.64
CA ALA A 10 -7.76 -13.54 2.22
C ALA A 10 -7.62 -12.20 2.96
N LEU A 11 -6.54 -12.06 3.70
CA LEU A 11 -6.28 -10.83 4.46
C LEU A 11 -6.81 -9.62 3.70
N TRP A 12 -6.58 -9.59 2.40
CA TRP A 12 -7.04 -8.48 1.56
C TRP A 12 -7.91 -8.99 0.41
N SER A 13 -8.59 -8.06 -0.25
CA SER A 13 -9.47 -8.40 -1.36
C SER A 13 -8.69 -8.46 -2.67
N PRO A 14 -9.04 -9.41 -3.54
CA PRO A 14 -8.38 -9.59 -4.84
C PRO A 14 -8.70 -8.46 -5.81
N GLU A 15 -9.49 -7.49 -5.35
CA GLU A 15 -9.87 -6.36 -6.18
C GLU A 15 -9.14 -5.09 -5.72
N VAL A 16 -8.13 -4.70 -6.49
CA VAL A 16 -7.35 -3.50 -6.17
C VAL A 16 -8.07 -2.24 -6.64
N LYS A 17 -7.90 -1.16 -5.89
CA LYS A 17 -8.53 0.11 -6.23
C LYS A 17 -7.48 1.22 -6.36
N ILE A 18 -7.56 1.97 -7.46
CA ILE A 18 -6.62 3.05 -7.71
C ILE A 18 -7.08 4.34 -7.06
N VAL A 19 -6.32 4.82 -6.08
CA VAL A 19 -6.66 6.05 -5.37
C VAL A 19 -5.82 7.22 -5.89
N GLU A 20 -6.50 8.30 -6.27
CA GLU A 20 -5.82 9.48 -6.77
C GLU A 20 -5.37 10.39 -5.63
N LEU A 21 -4.07 10.40 -5.38
CA LEU A 21 -3.49 11.22 -4.31
C LEU A 21 -2.64 12.35 -4.88
N VAL A 22 -2.95 13.58 -4.48
CA VAL A 22 -2.21 14.74 -4.94
C VAL A 22 -1.03 15.04 -4.04
N LYS A 23 0.15 14.57 -4.42
CA LYS A 23 1.37 14.79 -3.65
C LYS A 23 1.79 16.26 -3.69
N ASP A 24 2.18 16.78 -2.54
CA ASP A 24 2.61 18.17 -2.44
C ASP A 24 4.13 18.26 -2.29
N CYS A 25 4.65 19.48 -2.44
CA CYS A 25 6.10 19.70 -2.32
C CYS A 25 6.67 18.92 -1.15
N LYS A 26 5.88 18.75 -0.10
CA LYS A 26 6.31 18.02 1.08
C LYS A 26 6.26 16.52 0.85
N GLY A 27 5.25 16.07 0.10
CA GLY A 27 5.10 14.66 -0.20
C GLY A 27 3.73 14.13 0.17
N LEU A 28 3.68 12.86 0.58
CA LEU A 28 2.42 12.24 0.96
C LEU A 28 2.10 12.51 2.43
N GLY A 29 1.00 11.94 2.91
CA GLY A 29 0.60 12.13 4.28
C GLY A 29 0.25 10.83 4.97
N PHE A 30 0.94 9.76 4.60
CA PHE A 30 0.70 8.45 5.19
C PHE A 30 2.01 7.70 5.43
N SER A 31 1.92 6.55 6.10
CA SER A 31 3.10 5.75 6.40
C SER A 31 2.94 4.33 5.85
N ILE A 32 4.00 3.54 5.96
CA ILE A 32 3.99 2.17 5.48
C ILE A 32 4.91 1.28 6.32
N LEU A 33 4.62 -0.02 6.31
CA LEU A 33 5.42 -0.97 7.06
C LEU A 33 5.57 -2.29 6.30
N ASP A 34 6.40 -3.18 6.82
CA ASP A 34 6.62 -4.48 6.19
C ASP A 34 5.82 -5.57 6.89
N TYR A 35 5.02 -6.30 6.12
CA TYR A 35 4.20 -7.38 6.68
C TYR A 35 4.68 -8.74 6.19
N GLN A 36 4.38 -9.78 6.95
CA GLN A 36 4.77 -11.13 6.58
C GLN A 36 3.57 -12.08 6.59
N ASP A 37 3.35 -12.75 5.46
CA ASP A 37 2.24 -13.68 5.34
C ASP A 37 2.31 -14.77 6.42
N PRO A 38 1.15 -15.10 7.00
CA PRO A 38 1.06 -16.12 8.05
C PRO A 38 1.30 -17.52 7.51
N LEU A 39 1.14 -17.69 6.20
CA LEU A 39 1.35 -18.99 5.56
C LEU A 39 2.69 -19.03 4.84
N ASP A 40 3.17 -17.86 4.42
CA ASP A 40 4.44 -17.77 3.72
C ASP A 40 5.35 -16.72 4.37
N PRO A 41 6.21 -17.16 5.29
CA PRO A 41 7.14 -16.28 5.99
C PRO A 41 8.24 -15.73 5.08
N THR A 42 8.47 -16.42 3.96
CA THR A 42 9.48 -16.01 3.00
C THR A 42 8.98 -14.88 2.12
N ARG A 43 7.72 -14.50 2.31
CA ARG A 43 7.11 -13.43 1.52
C ARG A 43 6.74 -12.24 2.41
N SER A 44 6.79 -11.04 1.83
CA SER A 44 6.46 -9.83 2.57
C SER A 44 5.62 -8.88 1.72
N VAL A 45 4.80 -8.07 2.37
CA VAL A 45 3.95 -7.12 1.68
C VAL A 45 3.84 -5.82 2.45
N ILE A 46 3.85 -4.71 1.73
CA ILE A 46 3.75 -3.39 2.35
C ILE A 46 2.30 -3.03 2.65
N VAL A 47 2.05 -2.57 3.88
CA VAL A 47 0.71 -2.20 4.30
C VAL A 47 0.65 -0.72 4.67
N ILE A 48 -0.56 -0.20 4.80
CA ILE A 48 -0.76 1.20 5.15
C ILE A 48 -0.65 1.41 6.66
N ARG A 49 0.57 1.70 7.11
CA ARG A 49 0.81 1.93 8.54
C ARG A 49 -0.30 2.78 9.16
N SER A 50 -0.39 4.02 8.70
CA SER A 50 -1.39 4.95 9.22
C SER A 50 -1.42 6.23 8.40
N LEU A 51 -2.60 6.84 8.28
CA LEU A 51 -2.76 8.07 7.53
C LEU A 51 -2.58 9.29 8.43
N VAL A 52 -1.55 10.08 8.16
CA VAL A 52 -1.26 11.27 8.94
C VAL A 52 -2.51 12.15 9.06
N ALA A 53 -2.56 12.92 10.14
CA ALA A 53 -3.70 13.81 10.39
C ALA A 53 -3.87 14.80 9.25
N ASP A 54 -4.94 14.64 8.48
CA ASP A 54 -5.22 15.51 7.35
C ASP A 54 -4.15 15.38 6.28
N GLY A 55 -3.61 14.17 6.12
CA GLY A 55 -2.59 13.92 5.12
C GLY A 55 -3.16 13.60 3.76
N VAL A 56 -2.40 13.87 2.72
CA VAL A 56 -2.83 13.60 1.35
C VAL A 56 -3.66 12.32 1.29
N ALA A 57 -3.24 11.31 2.04
CA ALA A 57 -3.95 10.04 2.08
C ALA A 57 -5.40 10.22 2.49
N GLU A 58 -5.60 10.59 3.75
CA GLU A 58 -6.95 10.81 4.27
C GLU A 58 -7.69 11.86 3.46
N ARG A 59 -7.01 12.95 3.15
CA ARG A 59 -7.60 14.03 2.37
C ARG A 59 -8.42 13.49 1.22
N SER A 60 -7.75 12.75 0.33
CA SER A 60 -8.42 12.17 -0.83
C SER A 60 -9.65 11.36 -0.41
N GLY A 61 -9.47 10.52 0.61
CA GLY A 61 -10.56 9.70 1.09
C GLY A 61 -10.64 8.36 0.40
N GLY A 62 -9.48 7.73 0.22
CA GLY A 62 -9.44 6.43 -0.43
C GLY A 62 -8.55 5.44 0.29
N LEU A 63 -7.46 5.94 0.85
CA LEU A 63 -6.51 5.09 1.57
C LEU A 63 -6.98 4.87 3.01
N LEU A 64 -6.50 3.79 3.62
CA LEU A 64 -6.87 3.46 5.00
C LEU A 64 -5.80 2.57 5.64
N PRO A 65 -5.70 2.65 6.97
CA PRO A 65 -4.73 1.86 7.75
C PRO A 65 -5.08 0.37 7.76
N GLY A 66 -4.21 -0.45 7.20
CA GLY A 66 -4.44 -1.88 7.15
C GLY A 66 -4.43 -2.43 5.75
N ASP A 67 -4.72 -1.58 4.78
CA ASP A 67 -4.75 -1.98 3.38
C ASP A 67 -3.33 -2.21 2.85
N ARG A 68 -3.18 -3.18 1.96
CA ARG A 68 -1.88 -3.49 1.38
C ARG A 68 -1.64 -2.68 0.10
N LEU A 69 -0.50 -2.00 0.04
CA LEU A 69 -0.16 -1.19 -1.12
C LEU A 69 0.47 -2.05 -2.22
N VAL A 70 -0.19 -2.09 -3.38
CA VAL A 70 0.30 -2.86 -4.50
C VAL A 70 1.44 -2.14 -5.22
N SER A 71 1.19 -0.90 -5.60
CA SER A 71 2.21 -0.10 -6.29
C SER A 71 1.92 1.39 -6.14
N VAL A 72 2.94 2.21 -6.37
CA VAL A 72 2.79 3.65 -6.25
C VAL A 72 3.41 4.37 -7.46
N ASN A 73 2.56 4.93 -8.31
CA ASN A 73 3.02 5.64 -9.49
C ASN A 73 3.74 4.69 -10.44
N GLU A 74 3.12 3.54 -10.71
CA GLU A 74 3.71 2.54 -11.60
C GLU A 74 4.98 1.96 -11.00
N TYR A 75 4.87 1.48 -9.77
CA TYR A 75 6.01 0.89 -9.07
C TYR A 75 5.61 -0.43 -8.39
N CYS A 76 6.10 -1.54 -8.94
CA CYS A 76 5.80 -2.85 -8.40
C CYS A 76 6.39 -3.00 -6.99
N LEU A 77 5.57 -2.75 -5.98
CA LEU A 77 6.01 -2.86 -4.60
C LEU A 77 5.69 -4.24 -4.03
N ASP A 78 5.71 -5.26 -4.89
CA ASP A 78 5.43 -6.62 -4.49
C ASP A 78 6.67 -7.27 -3.86
N ASN A 79 6.61 -7.50 -2.56
CA ASN A 79 7.74 -8.12 -1.86
C ASN A 79 8.93 -7.17 -1.79
N THR A 80 8.65 -5.89 -1.51
CA THR A 80 9.70 -4.89 -1.42
C THR A 80 10.07 -4.60 0.03
N SER A 81 11.34 -4.33 0.27
CA SER A 81 11.83 -4.05 1.61
C SER A 81 11.35 -2.68 2.09
N LEU A 82 10.84 -2.62 3.31
CA LEU A 82 10.34 -1.38 3.87
C LEU A 82 11.21 -0.20 3.44
N ALA A 83 12.51 -0.35 3.57
CA ALA A 83 13.46 0.69 3.19
C ALA A 83 13.26 1.10 1.73
N GLU A 84 13.06 0.10 0.87
CA GLU A 84 12.86 0.35 -0.56
C GLU A 84 11.52 1.04 -0.81
N ALA A 85 10.49 0.56 -0.12
CA ALA A 85 9.15 1.12 -0.27
C ALA A 85 9.13 2.60 0.11
N VAL A 86 9.66 2.90 1.29
CA VAL A 86 9.70 4.28 1.77
C VAL A 86 10.45 5.18 0.79
N GLU A 87 11.56 4.69 0.26
CA GLU A 87 12.36 5.46 -0.68
C GLU A 87 11.57 5.73 -1.97
N ILE A 88 10.76 4.75 -2.36
CA ILE A 88 9.95 4.89 -3.57
C ILE A 88 8.94 6.02 -3.42
N LEU A 89 8.34 6.12 -2.24
CA LEU A 89 7.34 7.16 -1.98
C LEU A 89 8.00 8.52 -1.85
N LYS A 90 9.28 8.53 -1.48
CA LYS A 90 10.03 9.78 -1.32
C LYS A 90 10.63 10.21 -2.66
N ALA A 91 10.99 9.24 -3.49
CA ALA A 91 11.58 9.52 -4.79
C ALA A 91 10.49 9.87 -5.81
N VAL A 92 9.25 9.51 -5.51
CA VAL A 92 8.13 9.78 -6.39
C VAL A 92 7.91 11.29 -6.55
N PRO A 93 7.67 11.72 -7.80
CA PRO A 93 7.44 13.14 -8.10
C PRO A 93 6.09 13.63 -7.57
N PRO A 94 6.00 14.96 -7.36
CA PRO A 94 4.77 15.59 -6.86
C PRO A 94 3.64 15.56 -7.88
N GLY A 95 2.45 15.95 -7.44
CA GLY A 95 1.30 15.96 -8.32
C GLY A 95 0.40 14.75 -8.13
N LEU A 96 -0.36 14.41 -9.16
CA LEU A 96 -1.27 13.28 -9.09
C LEU A 96 -0.50 11.99 -8.80
N VAL A 97 -1.00 11.22 -7.83
CA VAL A 97 -0.37 9.96 -7.46
C VAL A 97 -1.31 8.79 -7.63
N HIS A 98 -1.09 8.01 -8.69
CA HIS A 98 -1.92 6.85 -8.97
C HIS A 98 -1.35 5.59 -8.35
N LEU A 99 -1.87 5.22 -7.18
CA LEU A 99 -1.39 4.02 -6.49
C LEU A 99 -2.55 3.08 -6.17
N GLY A 100 -2.34 1.79 -6.40
CA GLY A 100 -3.37 0.81 -6.13
C GLY A 100 -3.38 0.34 -4.68
N ILE A 101 -4.57 0.17 -4.12
CA ILE A 101 -4.71 -0.26 -2.73
C ILE A 101 -5.48 -1.57 -2.65
N CYS A 102 -5.28 -2.30 -1.56
CA CYS A 102 -5.96 -3.57 -1.35
C CYS A 102 -6.74 -3.57 -0.04
N SER A 103 -8.06 -3.64 -0.14
CA SER A 103 -8.92 -3.64 1.03
C SER A 103 -8.56 -4.78 1.98
N GLY A 104 -7.99 -4.44 3.13
CA GLY A 104 -7.60 -5.45 4.10
C GLY A 104 -8.27 -5.25 5.44
N PRO A 105 -7.57 -5.64 6.52
CA PRO A 105 -8.08 -5.51 7.88
C PRO A 105 -8.16 -4.07 8.34
N SER A 106 -9.36 -3.48 8.26
CA SER A 106 -9.56 -2.10 8.67
C SER A 106 -9.58 -1.97 10.19
N SER A 107 -8.89 -0.97 10.71
CA SER A 107 -8.82 -0.74 12.14
C SER A 107 -9.98 0.15 12.60
N GLY A 108 -10.49 -0.14 13.79
CA GLY A 108 -11.59 0.64 14.33
C GLY A 108 -12.94 0.03 14.03
N GLY A 1 9.59 -24.71 -18.35
CA GLY A 1 8.42 -24.55 -17.49
C GLY A 1 8.53 -25.38 -16.22
N SER A 2 8.19 -24.78 -15.09
CA SER A 2 8.25 -25.46 -13.81
C SER A 2 7.03 -25.14 -12.95
N SER A 3 6.56 -26.13 -12.20
CA SER A 3 5.40 -25.94 -11.34
C SER A 3 5.67 -24.87 -10.29
N GLY A 4 4.60 -24.41 -9.64
CA GLY A 4 4.73 -23.38 -8.62
C GLY A 4 3.93 -22.14 -8.93
N SER A 5 4.26 -21.04 -8.24
CA SER A 5 3.56 -19.79 -8.45
C SER A 5 2.06 -19.95 -8.21
N SER A 6 1.72 -20.71 -7.18
CA SER A 6 0.31 -20.94 -6.84
C SER A 6 0.03 -20.54 -5.39
N GLY A 7 -0.99 -19.71 -5.21
CA GLY A 7 -1.35 -19.27 -3.87
C GLY A 7 -2.22 -18.03 -3.88
N GLU A 8 -3.52 -18.22 -3.70
CA GLU A 8 -4.46 -17.10 -3.69
C GLU A 8 -4.40 -16.34 -2.37
N LEU A 9 -4.34 -15.01 -2.47
CA LEU A 9 -4.27 -14.17 -1.28
C LEU A 9 -5.63 -14.06 -0.62
N ALA A 10 -5.67 -14.34 0.69
CA ALA A 10 -6.91 -14.27 1.45
C ALA A 10 -6.96 -13.02 2.32
N LEU A 11 -5.91 -12.82 3.11
CA LEU A 11 -5.83 -11.65 3.99
C LEU A 11 -6.49 -10.44 3.34
N TRP A 12 -6.20 -10.23 2.07
CA TRP A 12 -6.76 -9.10 1.33
C TRP A 12 -7.63 -9.59 0.17
N SER A 13 -8.24 -8.64 -0.54
CA SER A 13 -9.10 -8.98 -1.67
C SER A 13 -8.31 -8.96 -2.97
N PRO A 14 -8.67 -9.87 -3.89
CA PRO A 14 -8.01 -9.99 -5.19
C PRO A 14 -8.30 -8.80 -6.10
N GLU A 15 -9.06 -7.84 -5.59
CA GLU A 15 -9.42 -6.65 -6.36
C GLU A 15 -8.70 -5.42 -5.82
N VAL A 16 -7.81 -4.86 -6.65
CA VAL A 16 -7.06 -3.68 -6.26
C VAL A 16 -7.73 -2.40 -6.77
N LYS A 17 -7.79 -1.40 -5.92
CA LYS A 17 -8.40 -0.12 -6.27
C LYS A 17 -7.35 0.98 -6.38
N ILE A 18 -7.48 1.82 -7.41
CA ILE A 18 -6.54 2.92 -7.61
C ILE A 18 -7.04 4.20 -6.98
N VAL A 19 -6.22 4.81 -6.12
CA VAL A 19 -6.59 6.05 -5.46
C VAL A 19 -5.75 7.22 -5.98
N GLU A 20 -6.43 8.31 -6.31
CA GLU A 20 -5.77 9.50 -6.82
C GLU A 20 -5.34 10.42 -5.68
N LEU A 21 -4.04 10.42 -5.38
CA LEU A 21 -3.50 11.25 -4.32
C LEU A 21 -2.66 12.39 -4.87
N VAL A 22 -2.98 13.62 -4.47
CA VAL A 22 -2.25 14.79 -4.94
C VAL A 22 -1.11 15.12 -3.99
N LYS A 23 0.11 14.69 -4.36
CA LYS A 23 1.29 14.95 -3.55
C LYS A 23 1.58 16.44 -3.47
N ASP A 24 2.22 16.86 -2.38
CA ASP A 24 2.55 18.27 -2.17
C ASP A 24 4.05 18.44 -2.01
N CYS A 25 4.47 19.69 -1.83
CA CYS A 25 5.89 20.00 -1.67
C CYS A 25 6.55 19.04 -0.67
N LYS A 26 5.90 18.84 0.47
CA LYS A 26 6.41 17.95 1.50
C LYS A 26 6.33 16.50 1.05
N GLY A 27 5.24 16.14 0.37
CA GLY A 27 5.08 14.78 -0.10
C GLY A 27 3.70 14.23 0.21
N LEU A 28 3.66 12.98 0.66
CA LEU A 28 2.40 12.33 1.00
C LEU A 28 2.04 12.55 2.46
N GLY A 29 0.92 11.97 2.89
CA GLY A 29 0.49 12.12 4.28
C GLY A 29 0.19 10.78 4.93
N PHE A 30 0.88 9.74 4.48
CA PHE A 30 0.67 8.41 5.03
C PHE A 30 2.00 7.68 5.20
N SER A 31 1.96 6.52 5.85
CA SER A 31 3.16 5.73 6.09
C SER A 31 2.98 4.30 5.57
N ILE A 32 4.05 3.52 5.64
CA ILE A 32 4.02 2.14 5.17
C ILE A 32 4.99 1.27 5.96
N LEU A 33 4.67 -0.01 6.07
CA LEU A 33 5.53 -0.95 6.80
C LEU A 33 5.62 -2.29 6.06
N ASP A 34 6.48 -3.17 6.55
CA ASP A 34 6.66 -4.48 5.94
C ASP A 34 5.90 -5.55 6.73
N TYR A 35 5.02 -6.27 6.04
CA TYR A 35 4.23 -7.31 6.67
C TYR A 35 4.68 -8.70 6.20
N GLN A 36 4.33 -9.72 6.97
CA GLN A 36 4.70 -11.09 6.64
C GLN A 36 3.49 -12.01 6.69
N ASP A 37 3.17 -12.64 5.57
CA ASP A 37 2.03 -13.54 5.48
C ASP A 37 2.15 -14.65 6.52
N PRO A 38 1.03 -14.96 7.20
CA PRO A 38 0.99 -16.00 8.22
C PRO A 38 1.13 -17.40 7.64
N LEU A 39 0.92 -17.51 6.33
CA LEU A 39 1.03 -18.79 5.64
C LEU A 39 2.36 -18.92 4.93
N ASP A 40 2.93 -17.79 4.53
CA ASP A 40 4.22 -17.78 3.84
C ASP A 40 5.14 -16.71 4.43
N PRO A 41 6.09 -17.15 5.27
CA PRO A 41 7.06 -16.25 5.91
C PRO A 41 8.05 -15.66 4.92
N THR A 42 8.28 -16.36 3.81
CA THR A 42 9.20 -15.90 2.79
C THR A 42 8.55 -14.88 1.87
N ARG A 43 7.35 -14.45 2.24
CA ARG A 43 6.61 -13.47 1.44
C ARG A 43 6.23 -12.26 2.29
N SER A 44 6.65 -11.07 1.84
CA SER A 44 6.36 -9.84 2.56
C SER A 44 5.58 -8.87 1.68
N VAL A 45 4.78 -8.02 2.30
CA VAL A 45 3.98 -7.03 1.58
C VAL A 45 3.91 -5.72 2.33
N ILE A 46 3.78 -4.62 1.59
CA ILE A 46 3.69 -3.29 2.20
C ILE A 46 2.26 -2.95 2.56
N VAL A 47 2.06 -2.48 3.78
CA VAL A 47 0.72 -2.11 4.25
C VAL A 47 0.68 -0.63 4.63
N ILE A 48 -0.53 -0.06 4.65
CA ILE A 48 -0.71 1.34 5.00
C ILE A 48 -0.57 1.56 6.50
N ARG A 49 0.65 1.83 6.94
CA ARG A 49 0.91 2.06 8.35
C ARG A 49 -0.20 2.89 8.99
N SER A 50 -0.36 4.11 8.52
CA SER A 50 -1.39 5.00 9.05
C SER A 50 -1.47 6.28 8.22
N LEU A 51 -2.62 6.95 8.30
CA LEU A 51 -2.83 8.20 7.56
C LEU A 51 -2.62 9.40 8.46
N VAL A 52 -1.57 10.17 8.16
CA VAL A 52 -1.26 11.37 8.95
C VAL A 52 -2.47 12.29 9.04
N ALA A 53 -2.66 12.87 10.23
CA ALA A 53 -3.78 13.77 10.45
C ALA A 53 -3.88 14.83 9.35
N ASP A 54 -4.92 14.72 8.53
CA ASP A 54 -5.12 15.66 7.43
C ASP A 54 -4.04 15.49 6.36
N GLY A 55 -3.61 14.25 6.16
CA GLY A 55 -2.59 13.98 5.17
C GLY A 55 -3.17 13.65 3.81
N VAL A 56 -2.41 13.93 2.76
CA VAL A 56 -2.85 13.67 1.40
C VAL A 56 -3.69 12.40 1.32
N ALA A 57 -3.25 11.37 2.04
CA ALA A 57 -3.95 10.10 2.05
C ALA A 57 -5.40 10.28 2.51
N GLU A 58 -5.57 10.76 3.74
CA GLU A 58 -6.89 10.98 4.30
C GLU A 58 -7.67 12.00 3.47
N ARG A 59 -7.00 13.08 3.08
CA ARG A 59 -7.63 14.13 2.28
C ARG A 59 -8.46 13.53 1.15
N SER A 60 -7.81 12.77 0.28
CA SER A 60 -8.49 12.14 -0.85
C SER A 60 -9.68 11.31 -0.36
N GLY A 61 -9.45 10.53 0.69
CA GLY A 61 -10.50 9.70 1.23
C GLY A 61 -10.60 8.35 0.53
N GLY A 62 -9.45 7.72 0.31
CA GLY A 62 -9.41 6.43 -0.35
C GLY A 62 -8.53 5.43 0.38
N LEU A 63 -7.41 5.91 0.90
CA LEU A 63 -6.48 5.04 1.62
C LEU A 63 -6.96 4.79 3.05
N LEU A 64 -6.50 3.69 3.63
CA LEU A 64 -6.88 3.33 5.00
C LEU A 64 -5.79 2.50 5.66
N PRO A 65 -5.66 2.64 6.99
CA PRO A 65 -4.66 1.91 7.77
C PRO A 65 -4.99 0.43 7.87
N GLY A 66 -4.14 -0.41 7.29
CA GLY A 66 -4.35 -1.85 7.33
C GLY A 66 -4.46 -2.45 5.95
N ASP A 67 -4.67 -1.61 4.94
CA ASP A 67 -4.80 -2.07 3.56
C ASP A 67 -3.42 -2.31 2.95
N ARG A 68 -3.32 -3.36 2.15
CA ARG A 68 -2.05 -3.71 1.51
C ARG A 68 -1.83 -2.86 0.26
N LEU A 69 -0.69 -2.19 0.20
CA LEU A 69 -0.36 -1.35 -0.94
C LEU A 69 0.26 -2.17 -2.06
N VAL A 70 -0.32 -2.07 -3.26
CA VAL A 70 0.19 -2.80 -4.41
C VAL A 70 1.37 -2.07 -5.05
N SER A 71 1.12 -0.85 -5.51
CA SER A 71 2.16 -0.05 -6.15
C SER A 71 1.90 1.44 -5.95
N VAL A 72 2.90 2.26 -6.24
CA VAL A 72 2.78 3.71 -6.09
C VAL A 72 3.38 4.43 -7.30
N ASN A 73 2.51 5.00 -8.13
CA ASN A 73 2.96 5.72 -9.32
C ASN A 73 3.66 4.79 -10.29
N GLU A 74 3.04 3.65 -10.58
CA GLU A 74 3.60 2.67 -11.49
C GLU A 74 4.92 2.10 -10.93
N TYR A 75 4.87 1.65 -9.69
CA TYR A 75 6.05 1.08 -9.04
C TYR A 75 5.71 -0.23 -8.34
N CYS A 76 6.18 -1.33 -8.90
CA CYS A 76 5.93 -2.65 -8.33
C CYS A 76 6.52 -2.76 -6.92
N LEU A 77 5.65 -2.73 -5.92
CA LEU A 77 6.09 -2.82 -4.53
C LEU A 77 5.82 -4.21 -3.96
N ASP A 78 5.79 -5.20 -4.85
CA ASP A 78 5.55 -6.59 -4.44
C ASP A 78 6.80 -7.19 -3.81
N ASN A 79 6.66 -7.68 -2.58
CA ASN A 79 7.78 -8.29 -1.87
C ASN A 79 8.95 -7.32 -1.78
N THR A 80 8.64 -6.05 -1.55
CA THR A 80 9.68 -5.02 -1.43
C THR A 80 10.03 -4.74 0.02
N SER A 81 11.28 -4.39 0.27
CA SER A 81 11.74 -4.10 1.62
C SER A 81 11.31 -2.70 2.05
N LEU A 82 10.79 -2.60 3.27
CA LEU A 82 10.34 -1.33 3.80
C LEU A 82 11.22 -0.19 3.31
N ALA A 83 12.53 -0.32 3.50
CA ALA A 83 13.48 0.69 3.06
C ALA A 83 13.26 1.05 1.60
N GLU A 84 13.10 0.05 0.75
CA GLU A 84 12.88 0.27 -0.66
C GLU A 84 11.55 0.98 -0.91
N ALA A 85 10.52 0.56 -0.19
CA ALA A 85 9.19 1.16 -0.32
C ALA A 85 9.22 2.64 0.05
N VAL A 86 9.83 2.95 1.19
CA VAL A 86 9.93 4.33 1.65
C VAL A 86 10.66 5.20 0.63
N GLU A 87 11.78 4.69 0.12
CA GLU A 87 12.56 5.44 -0.87
C GLU A 87 11.74 5.70 -2.12
N ILE A 88 10.88 4.76 -2.48
CA ILE A 88 10.03 4.90 -3.66
C ILE A 88 9.00 6.00 -3.47
N LEU A 89 8.46 6.10 -2.26
CA LEU A 89 7.46 7.11 -1.94
C LEU A 89 8.10 8.49 -1.80
N LYS A 90 9.37 8.50 -1.38
CA LYS A 90 10.10 9.75 -1.21
C LYS A 90 10.66 10.25 -2.53
N ALA A 91 11.00 9.31 -3.42
CA ALA A 91 11.53 9.66 -4.73
C ALA A 91 10.42 9.97 -5.72
N VAL A 92 9.21 9.51 -5.41
CA VAL A 92 8.06 9.75 -6.27
C VAL A 92 7.84 11.25 -6.49
N PRO A 93 7.56 11.62 -7.74
CA PRO A 93 7.32 13.03 -8.11
C PRO A 93 6.00 13.55 -7.56
N PRO A 94 5.93 14.88 -7.36
CA PRO A 94 4.73 15.53 -6.83
C PRO A 94 3.58 15.53 -7.82
N GLY A 95 2.40 15.95 -7.38
CA GLY A 95 1.24 15.99 -8.25
C GLY A 95 0.37 14.76 -8.09
N LEU A 96 -0.40 14.44 -9.13
CA LEU A 96 -1.28 13.28 -9.10
C LEU A 96 -0.51 12.01 -8.79
N VAL A 97 -0.99 11.25 -7.81
CA VAL A 97 -0.34 10.01 -7.42
C VAL A 97 -1.29 8.82 -7.59
N HIS A 98 -1.02 8.00 -8.60
CA HIS A 98 -1.84 6.82 -8.88
C HIS A 98 -1.28 5.59 -8.17
N LEU A 99 -1.86 5.25 -7.03
CA LEU A 99 -1.42 4.09 -6.26
C LEU A 99 -2.58 3.16 -5.96
N GLY A 100 -2.35 1.86 -6.11
CA GLY A 100 -3.39 0.89 -5.84
C GLY A 100 -3.45 0.48 -4.38
N ILE A 101 -4.58 -0.10 -3.98
CA ILE A 101 -4.77 -0.53 -2.60
C ILE A 101 -5.55 -1.83 -2.53
N CYS A 102 -5.23 -2.66 -1.55
CA CYS A 102 -5.92 -3.94 -1.37
C CYS A 102 -6.69 -3.96 -0.05
N SER A 103 -8.01 -4.01 -0.15
CA SER A 103 -8.87 -4.02 1.03
C SER A 103 -8.35 -5.03 2.06
N GLY A 104 -8.00 -4.54 3.25
CA GLY A 104 -7.50 -5.42 4.30
C GLY A 104 -8.19 -5.19 5.62
N PRO A 105 -7.53 -5.60 6.71
CA PRO A 105 -8.07 -5.43 8.07
C PRO A 105 -8.12 -3.98 8.51
N SER A 106 -9.26 -3.34 8.31
CA SER A 106 -9.44 -1.94 8.69
C SER A 106 -9.62 -1.80 10.19
N SER A 107 -8.82 -0.95 10.81
CA SER A 107 -8.89 -0.73 12.25
C SER A 107 -8.42 0.68 12.61
N GLY A 108 -9.21 1.38 13.41
CA GLY A 108 -8.86 2.72 13.82
C GLY A 108 -9.48 3.12 15.14
N GLY A 1 1.82 -31.41 -3.97
CA GLY A 1 1.83 -31.11 -5.40
C GLY A 1 0.64 -31.71 -6.11
N SER A 2 -0.57 -31.35 -5.67
CA SER A 2 -1.79 -31.85 -6.28
C SER A 2 -2.64 -30.72 -6.82
N SER A 3 -3.46 -31.02 -7.83
CA SER A 3 -4.33 -30.02 -8.43
C SER A 3 -4.93 -29.10 -7.38
N GLY A 4 -4.66 -27.81 -7.49
CA GLY A 4 -5.18 -26.85 -6.54
C GLY A 4 -4.24 -26.63 -5.37
N SER A 5 -4.68 -25.80 -4.41
CA SER A 5 -3.86 -25.50 -3.24
C SER A 5 -4.72 -25.43 -1.99
N SER A 6 -4.08 -25.44 -0.82
CA SER A 6 -4.78 -25.39 0.44
C SER A 6 -4.39 -24.14 1.23
N GLY A 7 -5.21 -23.10 1.13
CA GLY A 7 -4.93 -21.86 1.83
C GLY A 7 -4.84 -20.67 0.90
N GLU A 8 -5.93 -19.96 0.73
CA GLU A 8 -5.97 -18.79 -0.14
C GLU A 8 -5.94 -17.50 0.67
N LEU A 9 -5.22 -16.50 0.16
CA LEU A 9 -5.10 -15.22 0.85
C LEU A 9 -6.46 -14.52 0.92
N ALA A 10 -7.12 -14.64 2.06
CA ALA A 10 -8.42 -14.01 2.25
C ALA A 10 -8.27 -12.64 2.91
N LEU A 11 -7.28 -12.50 3.76
CA LEU A 11 -7.03 -11.23 4.46
C LEU A 11 -7.39 -10.05 3.56
N TRP A 12 -6.82 -10.04 2.36
CA TRP A 12 -7.09 -8.95 1.41
C TRP A 12 -8.01 -9.42 0.30
N SER A 13 -8.36 -8.51 -0.59
CA SER A 13 -9.25 -8.83 -1.72
C SER A 13 -8.48 -8.83 -3.03
N PRO A 14 -8.87 -9.74 -3.94
CA PRO A 14 -8.24 -9.88 -5.25
C PRO A 14 -8.53 -8.69 -6.17
N GLU A 15 -9.25 -7.71 -5.64
CA GLU A 15 -9.61 -6.52 -6.40
C GLU A 15 -8.90 -5.28 -5.85
N VAL A 16 -7.95 -4.77 -6.62
CA VAL A 16 -7.19 -3.59 -6.21
C VAL A 16 -7.92 -2.31 -6.60
N LYS A 17 -7.65 -1.24 -5.87
CA LYS A 17 -8.28 0.05 -6.13
C LYS A 17 -7.23 1.13 -6.36
N ILE A 18 -7.39 1.88 -7.44
CA ILE A 18 -6.46 2.95 -7.78
C ILE A 18 -6.92 4.29 -7.19
N VAL A 19 -6.26 4.72 -6.14
CA VAL A 19 -6.59 5.98 -5.49
C VAL A 19 -5.71 7.12 -5.99
N GLU A 20 -6.33 8.23 -6.36
CA GLU A 20 -5.61 9.40 -6.87
C GLU A 20 -5.22 10.33 -5.72
N LEU A 21 -3.95 10.33 -5.37
CA LEU A 21 -3.44 11.18 -4.30
C LEU A 21 -2.62 12.33 -4.86
N VAL A 22 -2.96 13.55 -4.45
CA VAL A 22 -2.24 14.73 -4.91
C VAL A 22 -1.13 15.12 -3.94
N LYS A 23 0.10 14.79 -4.30
CA LYS A 23 1.26 15.11 -3.47
C LYS A 23 1.57 16.60 -3.50
N ASP A 24 2.27 17.08 -2.48
CA ASP A 24 2.64 18.48 -2.40
C ASP A 24 4.14 18.64 -2.18
N CYS A 25 4.58 19.89 -2.05
CA CYS A 25 6.00 20.17 -1.84
C CYS A 25 6.60 19.23 -0.81
N LYS A 26 5.96 19.15 0.36
CA LYS A 26 6.43 18.29 1.43
C LYS A 26 6.40 16.83 1.00
N GLY A 27 5.26 16.40 0.45
CA GLY A 27 5.13 15.02 0.01
C GLY A 27 3.76 14.44 0.31
N LEU A 28 3.72 13.19 0.75
CA LEU A 28 2.47 12.52 1.07
C LEU A 28 2.12 12.73 2.55
N GLY A 29 1.04 12.09 2.99
CA GLY A 29 0.62 12.21 4.36
C GLY A 29 0.31 10.87 5.00
N PHE A 30 0.99 9.83 4.53
CA PHE A 30 0.79 8.48 5.05
C PHE A 30 2.11 7.75 5.20
N SER A 31 2.08 6.57 5.80
CA SER A 31 3.28 5.77 6.00
C SER A 31 3.05 4.32 5.58
N ILE A 32 4.11 3.53 5.60
CA ILE A 32 4.03 2.13 5.21
C ILE A 32 4.99 1.27 6.03
N LEU A 33 4.70 -0.02 6.12
CA LEU A 33 5.54 -0.95 6.87
C LEU A 33 5.67 -2.28 6.14
N ASP A 34 6.51 -3.16 6.67
CA ASP A 34 6.73 -4.47 6.07
C ASP A 34 5.91 -5.54 6.81
N TYR A 35 5.15 -6.31 6.05
CA TYR A 35 4.32 -7.36 6.63
C TYR A 35 4.77 -8.74 6.15
N GLN A 36 4.40 -9.77 6.91
CA GLN A 36 4.77 -11.13 6.56
C GLN A 36 3.56 -12.06 6.62
N ASP A 37 3.19 -12.61 5.46
CA ASP A 37 2.05 -13.51 5.37
C ASP A 37 2.08 -14.54 6.49
N PRO A 38 0.92 -14.81 7.09
CA PRO A 38 0.79 -15.78 8.19
C PRO A 38 0.98 -17.21 7.71
N LEU A 39 0.80 -17.43 6.41
CA LEU A 39 0.96 -18.76 5.82
C LEU A 39 2.24 -18.86 5.02
N ASP A 40 2.77 -17.70 4.60
CA ASP A 40 4.00 -17.65 3.82
C ASP A 40 4.99 -16.67 4.44
N PRO A 41 5.91 -17.18 5.27
CA PRO A 41 6.93 -16.36 5.93
C PRO A 41 7.97 -15.83 4.95
N THR A 42 8.16 -16.55 3.86
CA THR A 42 9.14 -16.15 2.84
C THR A 42 8.56 -15.07 1.92
N ARG A 43 7.36 -14.58 2.27
CA ARG A 43 6.71 -13.55 1.48
C ARG A 43 6.41 -12.33 2.33
N SER A 44 6.66 -11.15 1.78
CA SER A 44 6.41 -9.90 2.50
C SER A 44 5.61 -8.92 1.64
N VAL A 45 4.86 -8.05 2.29
CA VAL A 45 4.04 -7.06 1.58
C VAL A 45 4.01 -5.73 2.33
N ILE A 46 3.69 -4.66 1.61
CA ILE A 46 3.61 -3.34 2.21
C ILE A 46 2.19 -2.98 2.61
N VAL A 47 2.01 -2.58 3.87
CA VAL A 47 0.69 -2.21 4.36
C VAL A 47 0.64 -0.74 4.73
N ILE A 48 -0.57 -0.18 4.77
CA ILE A 48 -0.76 1.22 5.10
C ILE A 48 -0.57 1.46 6.60
N ARG A 49 0.65 1.78 7.00
CA ARG A 49 0.96 2.03 8.40
C ARG A 49 -0.12 2.87 9.06
N SER A 50 -0.30 4.10 8.58
CA SER A 50 -1.31 4.99 9.12
C SER A 50 -1.40 6.27 8.30
N LEU A 51 -2.59 6.88 8.29
CA LEU A 51 -2.81 8.11 7.53
C LEU A 51 -2.68 9.33 8.43
N VAL A 52 -1.65 10.14 8.17
CA VAL A 52 -1.41 11.35 8.95
C VAL A 52 -2.67 12.19 9.07
N ALA A 53 -2.78 12.94 10.15
CA ALA A 53 -3.93 13.79 10.39
C ALA A 53 -4.08 14.83 9.28
N ASP A 54 -5.11 14.66 8.44
CA ASP A 54 -5.35 15.58 7.35
C ASP A 54 -4.25 15.48 6.30
N GLY A 55 -3.76 14.26 6.07
CA GLY A 55 -2.70 14.06 5.09
C GLY A 55 -3.25 13.69 3.72
N VAL A 56 -2.49 13.99 2.68
CA VAL A 56 -2.90 13.69 1.31
C VAL A 56 -3.67 12.38 1.26
N ALA A 57 -3.26 11.41 2.08
CA ALA A 57 -3.92 10.12 2.11
C ALA A 57 -5.37 10.25 2.56
N GLU A 58 -5.57 10.69 3.80
CA GLU A 58 -6.91 10.86 4.35
C GLU A 58 -7.71 11.86 3.53
N ARG A 59 -7.06 12.96 3.15
CA ARG A 59 -7.72 14.00 2.36
C ARG A 59 -8.52 13.39 1.21
N SER A 60 -7.82 12.69 0.32
CA SER A 60 -8.46 12.06 -0.82
C SER A 60 -9.65 11.21 -0.38
N GLY A 61 -9.45 10.41 0.65
CA GLY A 61 -10.51 9.57 1.15
C GLY A 61 -10.55 8.22 0.47
N GLY A 62 -9.39 7.60 0.30
CA GLY A 62 -9.33 6.31 -0.35
C GLY A 62 -8.45 5.32 0.40
N LEU A 63 -7.32 5.81 0.91
CA LEU A 63 -6.39 4.96 1.65
C LEU A 63 -6.89 4.72 3.06
N LEU A 64 -6.39 3.66 3.69
CA LEU A 64 -6.79 3.32 5.06
C LEU A 64 -5.73 2.46 5.73
N PRO A 65 -5.61 2.59 7.05
CA PRO A 65 -4.64 1.83 7.84
C PRO A 65 -4.98 0.35 7.92
N GLY A 66 -4.12 -0.49 7.36
CA GLY A 66 -4.35 -1.92 7.38
C GLY A 66 -4.41 -2.52 5.99
N ASP A 67 -4.68 -1.68 4.99
CA ASP A 67 -4.76 -2.14 3.61
C ASP A 67 -3.37 -2.34 3.04
N ARG A 68 -3.23 -3.36 2.19
CA ARG A 68 -1.95 -3.67 1.56
C ARG A 68 -1.76 -2.85 0.29
N LEU A 69 -0.71 -2.05 0.26
CA LEU A 69 -0.40 -1.21 -0.90
C LEU A 69 0.23 -2.03 -2.01
N VAL A 70 -0.35 -1.96 -3.20
CA VAL A 70 0.17 -2.70 -4.34
C VAL A 70 1.38 -2.00 -4.94
N SER A 71 1.18 -0.77 -5.42
CA SER A 71 2.27 -0.01 -6.02
C SER A 71 2.03 1.50 -5.84
N VAL A 72 2.98 2.29 -6.30
CA VAL A 72 2.88 3.75 -6.19
C VAL A 72 3.44 4.44 -7.42
N ASN A 73 2.56 5.01 -8.24
CA ASN A 73 2.98 5.70 -9.44
C ASN A 73 3.66 4.74 -10.42
N GLU A 74 3.06 3.55 -10.58
CA GLU A 74 3.62 2.55 -11.48
C GLU A 74 4.92 1.97 -10.91
N TYR A 75 4.86 1.53 -9.66
CA TYR A 75 6.03 0.95 -9.00
C TYR A 75 5.67 -0.36 -8.30
N CYS A 76 6.02 -1.47 -8.92
CA CYS A 76 5.73 -2.79 -8.35
C CYS A 76 6.37 -2.93 -6.97
N LEU A 77 5.63 -2.55 -5.95
CA LEU A 77 6.11 -2.64 -4.57
C LEU A 77 5.94 -4.05 -4.03
N ASP A 78 5.67 -5.00 -4.91
CA ASP A 78 5.48 -6.39 -4.52
C ASP A 78 6.74 -6.94 -3.85
N ASN A 79 6.57 -7.62 -2.72
CA ASN A 79 7.69 -8.20 -2.00
C ASN A 79 8.86 -7.22 -1.95
N THR A 80 8.56 -5.97 -1.60
CA THR A 80 9.60 -4.95 -1.50
C THR A 80 9.97 -4.66 -0.05
N SER A 81 11.23 -4.32 0.17
CA SER A 81 11.72 -4.03 1.51
C SER A 81 11.27 -2.64 1.96
N LEU A 82 10.80 -2.55 3.20
CA LEU A 82 10.34 -1.28 3.75
C LEU A 82 11.19 -0.12 3.25
N ALA A 83 12.50 -0.25 3.41
CA ALA A 83 13.43 0.78 2.96
C ALA A 83 13.17 1.17 1.51
N GLU A 84 13.02 0.17 0.64
CA GLU A 84 12.76 0.40 -0.77
C GLU A 84 11.42 1.10 -0.97
N ALA A 85 10.40 0.62 -0.25
CA ALA A 85 9.06 1.20 -0.35
C ALA A 85 9.07 2.67 0.05
N VAL A 86 9.74 2.97 1.16
CA VAL A 86 9.82 4.34 1.66
C VAL A 86 10.54 5.24 0.66
N GLU A 87 11.67 4.77 0.15
CA GLU A 87 12.45 5.54 -0.82
C GLU A 87 11.64 5.82 -2.07
N ILE A 88 10.86 4.83 -2.50
CA ILE A 88 10.03 4.98 -3.68
C ILE A 88 8.99 6.08 -3.51
N LEU A 89 8.42 6.17 -2.31
CA LEU A 89 7.43 7.20 -2.02
C LEU A 89 8.08 8.56 -1.85
N LYS A 90 9.36 8.56 -1.47
CA LYS A 90 10.10 9.80 -1.28
C LYS A 90 10.70 10.28 -2.59
N ALA A 91 11.04 9.34 -3.47
CA ALA A 91 11.61 9.68 -4.76
C ALA A 91 10.53 10.02 -5.78
N VAL A 92 9.31 9.60 -5.50
CA VAL A 92 8.18 9.86 -6.39
C VAL A 92 7.94 11.36 -6.54
N PRO A 93 7.69 11.80 -7.78
CA PRO A 93 7.44 13.20 -8.09
C PRO A 93 6.09 13.68 -7.55
N PRO A 94 5.97 15.00 -7.34
CA PRO A 94 4.74 15.61 -6.84
C PRO A 94 3.60 15.57 -7.85
N GLY A 95 2.40 15.91 -7.41
CA GLY A 95 1.25 15.90 -8.29
C GLY A 95 0.39 14.67 -8.12
N LEU A 96 -0.40 14.34 -9.14
CA LEU A 96 -1.27 13.18 -9.09
C LEU A 96 -0.47 11.91 -8.77
N VAL A 97 -0.94 11.16 -7.77
CA VAL A 97 -0.28 9.94 -7.36
C VAL A 97 -1.21 8.73 -7.51
N HIS A 98 -0.93 7.90 -8.51
CA HIS A 98 -1.75 6.71 -8.77
C HIS A 98 -1.16 5.49 -8.06
N LEU A 99 -1.76 5.10 -6.95
CA LEU A 99 -1.30 3.95 -6.18
C LEU A 99 -2.45 2.99 -5.90
N GLY A 100 -2.19 1.69 -6.07
CA GLY A 100 -3.20 0.69 -5.82
C GLY A 100 -3.26 0.26 -4.37
N ILE A 101 -4.44 -0.13 -3.92
CA ILE A 101 -4.63 -0.57 -2.54
C ILE A 101 -5.43 -1.87 -2.48
N CYS A 102 -5.07 -2.72 -1.52
CA CYS A 102 -5.75 -4.00 -1.35
C CYS A 102 -6.56 -4.02 -0.06
N SER A 103 -7.88 -3.87 -0.20
CA SER A 103 -8.77 -3.86 0.96
C SER A 103 -8.45 -5.03 1.89
N GLY A 104 -8.13 -4.71 3.14
CA GLY A 104 -7.82 -5.75 4.11
C GLY A 104 -8.62 -5.61 5.39
N PRO A 105 -8.08 -6.11 6.49
CA PRO A 105 -8.75 -6.06 7.80
C PRO A 105 -8.81 -4.64 8.36
N SER A 106 -9.87 -3.93 8.01
CA SER A 106 -10.06 -2.55 8.48
C SER A 106 -11.00 -2.51 9.68
N SER A 107 -10.45 -2.18 10.84
CA SER A 107 -11.24 -2.11 12.07
C SER A 107 -12.09 -0.84 12.08
N GLY A 108 -13.37 -1.00 12.42
CA GLY A 108 -14.27 0.13 12.47
C GLY A 108 -15.26 0.04 13.62
N GLY A 1 -9.33 -12.06 -18.48
CA GLY A 1 -9.94 -12.07 -17.16
C GLY A 1 -8.91 -12.13 -16.05
N SER A 2 -8.88 -13.25 -15.34
CA SER A 2 -7.93 -13.43 -14.24
C SER A 2 -7.73 -14.91 -13.94
N SER A 3 -6.55 -15.24 -13.40
CA SER A 3 -6.23 -16.63 -13.07
C SER A 3 -6.45 -16.88 -11.58
N GLY A 4 -6.77 -18.13 -11.25
CA GLY A 4 -6.99 -18.48 -9.86
C GLY A 4 -5.92 -19.41 -9.31
N SER A 5 -4.74 -18.85 -9.05
CA SER A 5 -3.62 -19.64 -8.53
C SER A 5 -3.87 -20.04 -7.09
N SER A 6 -3.28 -21.16 -6.67
CA SER A 6 -3.43 -21.66 -5.31
C SER A 6 -2.94 -20.65 -4.30
N GLY A 7 -3.50 -20.70 -3.09
CA GLY A 7 -3.10 -19.78 -2.05
C GLY A 7 -3.94 -18.52 -2.03
N GLU A 8 -5.26 -18.68 -2.04
CA GLU A 8 -6.17 -17.54 -2.03
C GLU A 8 -5.87 -16.62 -0.85
N LEU A 9 -5.85 -15.32 -1.13
CA LEU A 9 -5.57 -14.33 -0.09
C LEU A 9 -6.87 -13.89 0.59
N ALA A 10 -6.92 -14.06 1.91
CA ALA A 10 -8.10 -13.68 2.69
C ALA A 10 -7.90 -12.32 3.33
N LEU A 11 -6.77 -12.14 4.00
CA LEU A 11 -6.47 -10.88 4.67
C LEU A 11 -6.96 -9.69 3.84
N TRP A 12 -6.69 -9.73 2.54
CA TRP A 12 -7.10 -8.67 1.64
C TRP A 12 -8.01 -9.20 0.54
N SER A 13 -8.53 -8.30 -0.29
CA SER A 13 -9.42 -8.68 -1.37
C SER A 13 -8.66 -8.76 -2.70
N PRO A 14 -9.05 -9.71 -3.56
CA PRO A 14 -8.42 -9.91 -4.86
C PRO A 14 -8.73 -8.78 -5.83
N GLU A 15 -9.44 -7.77 -5.35
CA GLU A 15 -9.81 -6.62 -6.18
C GLU A 15 -9.06 -5.37 -5.72
N VAL A 16 -8.12 -4.91 -6.54
CA VAL A 16 -7.34 -3.72 -6.22
C VAL A 16 -8.00 -2.46 -6.79
N LYS A 17 -7.83 -1.35 -6.09
CA LYS A 17 -8.41 -0.09 -6.53
C LYS A 17 -7.35 1.03 -6.50
N ILE A 18 -7.36 1.86 -7.54
CA ILE A 18 -6.41 2.95 -7.63
C ILE A 18 -6.96 4.23 -6.99
N VAL A 19 -6.17 4.83 -6.12
CA VAL A 19 -6.58 6.05 -5.44
C VAL A 19 -5.77 7.25 -5.92
N GLU A 20 -6.46 8.30 -6.35
CA GLU A 20 -5.81 9.51 -6.84
C GLU A 20 -5.39 10.40 -5.68
N LEU A 21 -4.09 10.45 -5.41
CA LEU A 21 -3.55 11.26 -4.33
C LEU A 21 -2.71 12.41 -4.88
N VAL A 22 -3.02 13.63 -4.43
CA VAL A 22 -2.29 14.81 -4.87
C VAL A 22 -1.13 15.12 -3.94
N LYS A 23 0.08 14.77 -4.37
CA LYS A 23 1.28 15.01 -3.58
C LYS A 23 1.66 16.49 -3.60
N ASP A 24 1.99 17.03 -2.44
CA ASP A 24 2.38 18.43 -2.32
C ASP A 24 3.89 18.58 -2.27
N CYS A 25 4.36 19.80 -2.05
CA CYS A 25 5.79 20.07 -1.98
C CYS A 25 6.45 19.22 -0.90
N LYS A 26 5.74 19.02 0.20
CA LYS A 26 6.25 18.22 1.31
C LYS A 26 6.22 16.73 0.97
N GLY A 27 5.17 16.31 0.28
CA GLY A 27 5.04 14.92 -0.10
C GLY A 27 3.68 14.33 0.26
N LEU A 28 3.66 13.05 0.57
CA LEU A 28 2.41 12.38 0.94
C LEU A 28 2.08 12.61 2.40
N GLY A 29 1.00 11.98 2.87
CA GLY A 29 0.59 12.13 4.25
C GLY A 29 0.26 10.81 4.90
N PHE A 30 0.95 9.76 4.49
CA PHE A 30 0.72 8.42 5.04
C PHE A 30 2.04 7.69 5.24
N SER A 31 1.97 6.53 5.91
CA SER A 31 3.16 5.73 6.16
C SER A 31 2.98 4.31 5.65
N ILE A 32 4.05 3.52 5.74
CA ILE A 32 4.01 2.13 5.28
C ILE A 32 4.96 1.25 6.10
N LEU A 33 4.65 -0.04 6.14
CA LEU A 33 5.47 -0.99 6.89
C LEU A 33 5.58 -2.32 6.15
N ASP A 34 6.42 -3.20 6.66
CA ASP A 34 6.62 -4.51 6.05
C ASP A 34 5.87 -5.59 6.82
N TYR A 35 4.98 -6.30 6.12
CA TYR A 35 4.20 -7.37 6.74
C TYR A 35 4.62 -8.74 6.21
N GLN A 36 4.44 -9.76 7.04
CA GLN A 36 4.81 -11.12 6.66
C GLN A 36 3.59 -12.04 6.72
N ASP A 37 3.32 -12.73 5.61
CA ASP A 37 2.19 -13.65 5.54
C ASP A 37 2.31 -14.74 6.60
N PRO A 38 1.18 -15.08 7.24
CA PRO A 38 1.13 -16.11 8.27
C PRO A 38 1.35 -17.51 7.72
N LEU A 39 1.14 -17.66 6.41
CA LEU A 39 1.32 -18.95 5.75
C LEU A 39 2.65 -19.00 5.00
N ASP A 40 3.11 -17.85 4.55
CA ASP A 40 4.37 -17.75 3.82
C ASP A 40 5.28 -16.70 4.43
N PRO A 41 6.19 -17.15 5.31
CA PRO A 41 7.14 -16.27 5.99
C PRO A 41 8.19 -15.71 5.04
N THR A 42 8.40 -16.39 3.92
CA THR A 42 9.38 -15.96 2.93
C THR A 42 8.81 -14.88 2.02
N ARG A 43 7.55 -14.51 2.27
CA ARG A 43 6.89 -13.48 1.47
C ARG A 43 6.50 -12.29 2.35
N SER A 44 6.76 -11.09 1.84
CA SER A 44 6.44 -9.87 2.57
C SER A 44 5.61 -8.91 1.71
N VAL A 45 4.76 -8.14 2.36
CA VAL A 45 3.91 -7.18 1.66
C VAL A 45 3.80 -5.88 2.42
N ILE A 46 3.85 -4.76 1.70
CA ILE A 46 3.75 -3.44 2.32
C ILE A 46 2.30 -3.08 2.62
N VAL A 47 2.06 -2.62 3.84
CA VAL A 47 0.72 -2.23 4.26
C VAL A 47 0.65 -0.75 4.61
N ILE A 48 -0.57 -0.23 4.73
CA ILE A 48 -0.77 1.17 5.06
C ILE A 48 -0.61 1.40 6.56
N ARG A 49 0.62 1.70 6.98
CA ARG A 49 0.90 1.95 8.39
C ARG A 49 -0.21 2.79 9.03
N SER A 50 -0.36 4.02 8.55
CA SER A 50 -1.38 4.92 9.08
C SER A 50 -1.41 6.22 8.27
N LEU A 51 -2.60 6.82 8.20
CA LEU A 51 -2.78 8.07 7.46
C LEU A 51 -2.56 9.28 8.37
N VAL A 52 -1.53 10.05 8.08
CA VAL A 52 -1.22 11.24 8.87
C VAL A 52 -2.42 12.16 8.98
N ALA A 53 -2.50 12.90 10.08
CA ALA A 53 -3.60 13.81 10.32
C ALA A 53 -3.77 14.78 9.15
N ASP A 54 -4.87 14.67 8.43
CA ASP A 54 -5.15 15.53 7.30
C ASP A 54 -4.10 15.35 6.20
N GLY A 55 -3.57 14.13 6.10
CA GLY A 55 -2.57 13.84 5.09
C GLY A 55 -3.17 13.54 3.73
N VAL A 56 -2.39 13.79 2.68
CA VAL A 56 -2.85 13.55 1.32
C VAL A 56 -3.71 12.29 1.24
N ALA A 57 -3.36 11.30 2.05
CA ALA A 57 -4.10 10.04 2.07
C ALA A 57 -5.52 10.24 2.56
N GLU A 58 -5.65 10.72 3.79
CA GLU A 58 -6.97 10.97 4.38
C GLU A 58 -7.74 12.01 3.57
N ARG A 59 -7.04 13.05 3.14
CA ARG A 59 -7.67 14.11 2.36
C ARG A 59 -8.47 13.53 1.19
N SER A 60 -7.79 12.79 0.33
CA SER A 60 -8.44 12.18 -0.82
C SER A 60 -9.62 11.32 -0.40
N GLY A 61 -9.43 10.57 0.69
CA GLY A 61 -10.48 9.71 1.18
C GLY A 61 -10.56 8.39 0.44
N GLY A 62 -9.40 7.75 0.26
CA GLY A 62 -9.37 6.48 -0.45
C GLY A 62 -8.48 5.47 0.24
N LEU A 63 -7.45 5.95 0.93
CA LEU A 63 -6.53 5.07 1.64
C LEU A 63 -6.97 4.86 3.08
N LEU A 64 -6.51 3.77 3.69
CA LEU A 64 -6.85 3.45 5.06
C LEU A 64 -5.80 2.55 5.70
N PRO A 65 -5.68 2.63 7.03
CA PRO A 65 -4.72 1.83 7.79
C PRO A 65 -5.08 0.35 7.82
N GLY A 66 -4.21 -0.49 7.26
CA GLY A 66 -4.46 -1.91 7.22
C GLY A 66 -4.47 -2.47 5.81
N ASP A 67 -4.75 -1.61 4.84
CA ASP A 67 -4.80 -2.01 3.44
C ASP A 67 -3.40 -2.23 2.89
N ARG A 68 -3.25 -3.20 2.00
CA ARG A 68 -1.96 -3.50 1.40
C ARG A 68 -1.72 -2.66 0.15
N LEU A 69 -0.58 -1.98 0.10
CA LEU A 69 -0.24 -1.13 -1.04
C LEU A 69 0.39 -1.96 -2.16
N VAL A 70 -0.32 -2.03 -3.29
CA VAL A 70 0.17 -2.79 -4.43
C VAL A 70 1.35 -2.08 -5.10
N SER A 71 1.14 -0.81 -5.45
CA SER A 71 2.19 -0.03 -6.10
C SER A 71 1.94 1.46 -5.92
N VAL A 72 2.88 2.28 -6.38
CA VAL A 72 2.76 3.72 -6.28
C VAL A 72 3.42 4.42 -7.47
N ASN A 73 2.60 4.97 -8.35
CA ASN A 73 3.10 5.66 -9.53
C ASN A 73 3.87 4.71 -10.44
N GLU A 74 3.26 3.56 -10.74
CA GLU A 74 3.88 2.56 -11.60
C GLU A 74 5.15 2.01 -10.95
N TYR A 75 5.03 1.58 -9.70
CA TYR A 75 6.16 1.04 -8.97
C TYR A 75 5.78 -0.27 -8.28
N CYS A 76 6.26 -1.38 -8.83
CA CYS A 76 5.97 -2.70 -8.26
C CYS A 76 6.57 -2.82 -6.86
N LEU A 77 5.73 -2.61 -5.85
CA LEU A 77 6.17 -2.70 -4.46
C LEU A 77 6.01 -4.12 -3.93
N ASP A 78 5.69 -5.05 -4.83
CA ASP A 78 5.50 -6.45 -4.44
C ASP A 78 6.78 -7.00 -3.80
N ASN A 79 6.59 -7.78 -2.74
CA ASN A 79 7.72 -8.38 -2.03
C ASN A 79 8.89 -7.40 -1.94
N THR A 80 8.59 -6.16 -1.57
CA THR A 80 9.62 -5.14 -1.45
C THR A 80 9.99 -4.89 0.01
N SER A 81 11.19 -4.40 0.24
CA SER A 81 11.67 -4.11 1.59
C SER A 81 11.26 -2.70 2.03
N LEU A 82 10.75 -2.60 3.25
CA LEU A 82 10.32 -1.32 3.79
C LEU A 82 11.22 -0.19 3.29
N ALA A 83 12.52 -0.38 3.40
CA ALA A 83 13.49 0.61 2.96
C ALA A 83 13.22 1.03 1.51
N GLU A 84 13.05 0.05 0.64
CA GLU A 84 12.78 0.32 -0.77
C GLU A 84 11.44 1.03 -0.94
N ALA A 85 10.42 0.52 -0.25
CA ALA A 85 9.09 1.11 -0.33
C ALA A 85 9.10 2.59 0.05
N VAL A 86 9.68 2.90 1.20
CA VAL A 86 9.77 4.27 1.68
C VAL A 86 10.51 5.15 0.68
N GLU A 87 11.64 4.65 0.19
CA GLU A 87 12.45 5.39 -0.76
C GLU A 87 11.65 5.69 -2.03
N ILE A 88 10.81 4.75 -2.44
CA ILE A 88 9.99 4.93 -3.63
C ILE A 88 8.97 6.04 -3.43
N LEU A 89 8.31 6.03 -2.27
CA LEU A 89 7.31 7.05 -1.96
C LEU A 89 7.96 8.41 -1.75
N LYS A 90 9.25 8.41 -1.44
CA LYS A 90 9.99 9.65 -1.21
C LYS A 90 10.55 10.19 -2.53
N ALA A 91 11.01 9.28 -3.39
CA ALA A 91 11.56 9.66 -4.68
C ALA A 91 10.46 10.02 -5.67
N VAL A 92 9.23 9.64 -5.34
CA VAL A 92 8.09 9.92 -6.20
C VAL A 92 7.86 11.42 -6.35
N PRO A 93 7.67 11.87 -7.60
CA PRO A 93 7.43 13.28 -7.91
C PRO A 93 6.08 13.77 -7.41
N PRO A 94 5.96 15.09 -7.23
CA PRO A 94 4.72 15.72 -6.75
C PRO A 94 3.61 15.67 -7.79
N GLY A 95 2.40 16.05 -7.39
CA GLY A 95 1.27 16.04 -8.30
C GLY A 95 0.41 14.81 -8.14
N LEU A 96 -0.41 14.53 -9.14
CA LEU A 96 -1.29 13.36 -9.11
C LEU A 96 -0.51 12.09 -8.78
N VAL A 97 -1.01 11.32 -7.82
CA VAL A 97 -0.36 10.09 -7.43
C VAL A 97 -1.30 8.89 -7.60
N HIS A 98 -1.05 8.10 -8.65
CA HIS A 98 -1.87 6.92 -8.92
C HIS A 98 -1.28 5.68 -8.27
N LEU A 99 -1.90 5.23 -7.19
CA LEU A 99 -1.44 4.05 -6.47
C LEU A 99 -2.58 3.10 -6.19
N GLY A 100 -2.29 1.80 -6.25
CA GLY A 100 -3.32 0.79 -6.00
C GLY A 100 -3.35 0.35 -4.56
N ILE A 101 -4.55 0.02 -4.07
CA ILE A 101 -4.71 -0.43 -2.69
C ILE A 101 -5.49 -1.73 -2.63
N CYS A 102 -5.39 -2.42 -1.50
CA CYS A 102 -6.09 -3.69 -1.31
C CYS A 102 -6.88 -3.68 -0.01
N SER A 103 -8.20 -3.49 -0.12
CA SER A 103 -9.07 -3.46 1.04
C SER A 103 -8.70 -4.56 2.03
N GLY A 104 -8.03 -4.17 3.11
CA GLY A 104 -7.63 -5.14 4.12
C GLY A 104 -8.29 -4.89 5.46
N PRO A 105 -7.66 -5.37 6.54
CA PRO A 105 -8.19 -5.21 7.90
C PRO A 105 -8.11 -3.77 8.39
N SER A 106 -9.20 -3.03 8.19
CA SER A 106 -9.26 -1.63 8.60
C SER A 106 -10.43 -1.39 9.54
N SER A 107 -10.28 -0.41 10.42
CA SER A 107 -11.33 -0.08 11.39
C SER A 107 -12.01 1.24 11.01
N GLY A 108 -12.98 1.65 11.83
CA GLY A 108 -13.68 2.89 11.57
C GLY A 108 -15.19 2.73 11.64
N GLY A 1 -19.79 -24.03 1.03
CA GLY A 1 -18.51 -24.18 1.71
C GLY A 1 -17.75 -22.87 1.81
N SER A 2 -18.41 -21.84 2.30
CA SER A 2 -17.80 -20.52 2.45
C SER A 2 -16.35 -20.66 2.89
N SER A 3 -16.11 -21.47 3.90
CA SER A 3 -14.77 -21.68 4.42
C SER A 3 -14.33 -23.13 4.23
N GLY A 4 -13.52 -23.37 3.20
CA GLY A 4 -13.05 -24.72 2.93
C GLY A 4 -11.60 -24.91 3.32
N SER A 5 -10.76 -23.92 3.01
CA SER A 5 -9.35 -23.98 3.33
C SER A 5 -8.76 -22.58 3.52
N SER A 6 -7.66 -22.50 4.26
CA SER A 6 -7.01 -21.23 4.52
C SER A 6 -5.70 -21.11 3.75
N GLY A 7 -5.74 -21.51 2.48
CA GLY A 7 -4.54 -21.45 1.66
C GLY A 7 -4.49 -20.21 0.80
N GLU A 8 -5.66 -19.65 0.50
CA GLU A 8 -5.75 -18.45 -0.33
C GLU A 8 -5.84 -17.20 0.54
N LEU A 9 -5.09 -16.17 0.17
CA LEU A 9 -5.09 -14.92 0.91
C LEU A 9 -6.51 -14.37 1.08
N ALA A 10 -6.98 -14.33 2.32
CA ALA A 10 -8.32 -13.83 2.61
C ALA A 10 -8.26 -12.45 3.28
N LEU A 11 -7.24 -12.26 4.11
CA LEU A 11 -7.07 -10.98 4.81
C LEU A 11 -7.48 -9.82 3.93
N TRP A 12 -6.91 -9.75 2.74
CA TRP A 12 -7.22 -8.67 1.80
C TRP A 12 -8.11 -9.18 0.67
N SER A 13 -8.48 -8.27 -0.24
CA SER A 13 -9.33 -8.63 -1.37
C SER A 13 -8.55 -8.60 -2.67
N PRO A 14 -8.86 -9.54 -3.57
CA PRO A 14 -8.19 -9.64 -4.87
C PRO A 14 -8.57 -8.49 -5.81
N GLU A 15 -9.39 -7.57 -5.30
CA GLU A 15 -9.83 -6.42 -6.08
C GLU A 15 -9.01 -5.18 -5.74
N VAL A 16 -8.05 -4.85 -6.59
CA VAL A 16 -7.20 -3.69 -6.38
C VAL A 16 -7.93 -2.41 -6.75
N LYS A 17 -7.72 -1.36 -5.96
CA LYS A 17 -8.35 -0.07 -6.21
C LYS A 17 -7.30 1.04 -6.32
N ILE A 18 -7.38 1.82 -7.40
CA ILE A 18 -6.44 2.91 -7.61
C ILE A 18 -6.97 4.21 -7.02
N VAL A 19 -6.23 4.77 -6.08
CA VAL A 19 -6.63 6.02 -5.43
C VAL A 19 -5.80 7.19 -5.94
N GLU A 20 -6.47 8.26 -6.34
CA GLU A 20 -5.79 9.45 -6.85
C GLU A 20 -5.36 10.36 -5.70
N LEU A 21 -4.06 10.38 -5.41
CA LEU A 21 -3.53 11.21 -4.35
C LEU A 21 -2.69 12.35 -4.91
N VAL A 22 -2.99 13.57 -4.50
CA VAL A 22 -2.26 14.74 -4.96
C VAL A 22 -1.12 15.10 -4.02
N LYS A 23 0.10 14.79 -4.43
CA LYS A 23 1.28 15.06 -3.61
C LYS A 23 1.66 16.54 -3.70
N ASP A 24 2.21 17.07 -2.62
CA ASP A 24 2.62 18.48 -2.57
C ASP A 24 4.12 18.59 -2.36
N CYS A 25 4.62 19.81 -2.35
CA CYS A 25 6.05 20.07 -2.15
C CYS A 25 6.58 19.24 -0.99
N LYS A 26 5.80 19.14 0.07
CA LYS A 26 6.20 18.38 1.26
C LYS A 26 6.20 16.88 0.97
N GLY A 27 5.13 16.41 0.31
CA GLY A 27 5.03 15.01 -0.01
C GLY A 27 3.67 14.42 0.37
N LEU A 28 3.65 13.13 0.67
CA LEU A 28 2.41 12.45 1.05
C LEU A 28 2.10 12.67 2.53
N GLY A 29 1.05 12.02 3.00
CA GLY A 29 0.66 12.15 4.39
C GLY A 29 0.29 10.82 5.02
N PHE A 30 0.98 9.76 4.61
CA PHE A 30 0.72 8.43 5.13
C PHE A 30 2.02 7.67 5.35
N SER A 31 1.96 6.61 6.17
CA SER A 31 3.13 5.80 6.47
C SER A 31 2.97 4.40 5.91
N ILE A 32 4.04 3.62 5.96
CA ILE A 32 4.03 2.25 5.47
C ILE A 32 4.96 1.36 6.27
N LEU A 33 4.67 0.06 6.27
CA LEU A 33 5.49 -0.90 7.01
C LEU A 33 5.59 -2.22 6.24
N ASP A 34 6.42 -3.12 6.74
CA ASP A 34 6.61 -4.42 6.11
C ASP A 34 5.79 -5.49 6.82
N TYR A 35 5.05 -6.28 6.03
CA TYR A 35 4.22 -7.35 6.58
C TYR A 35 4.68 -8.71 6.08
N GLN A 36 4.26 -9.77 6.79
CA GLN A 36 4.63 -11.12 6.41
C GLN A 36 3.41 -12.03 6.39
N ASP A 37 3.22 -12.74 5.29
CA ASP A 37 2.08 -13.65 5.15
C ASP A 37 2.14 -14.75 6.20
N PRO A 38 0.96 -15.08 6.77
CA PRO A 38 0.85 -16.12 7.80
C PRO A 38 1.09 -17.52 7.23
N LEU A 39 0.90 -17.67 5.93
CA LEU A 39 1.09 -18.95 5.27
C LEU A 39 2.44 -19.00 4.56
N ASP A 40 2.94 -17.84 4.15
CA ASP A 40 4.22 -17.76 3.47
C ASP A 40 5.15 -16.77 4.17
N PRO A 41 5.99 -17.28 5.07
CA PRO A 41 6.94 -16.45 5.83
C PRO A 41 8.06 -15.90 4.94
N THR A 42 8.30 -16.57 3.82
CA THR A 42 9.33 -16.15 2.89
C THR A 42 8.85 -15.02 1.99
N ARG A 43 7.63 -14.56 2.23
CA ARG A 43 7.04 -13.48 1.44
C ARG A 43 6.62 -12.33 2.33
N SER A 44 6.86 -11.10 1.86
CA SER A 44 6.50 -9.91 2.61
C SER A 44 5.68 -8.95 1.76
N VAL A 45 4.91 -8.09 2.41
CA VAL A 45 4.07 -7.13 1.72
C VAL A 45 3.98 -5.82 2.51
N ILE A 46 3.95 -4.70 1.79
CA ILE A 46 3.86 -3.39 2.42
C ILE A 46 2.40 -3.01 2.67
N VAL A 47 2.11 -2.62 3.91
CA VAL A 47 0.76 -2.22 4.28
C VAL A 47 0.68 -0.73 4.59
N ILE A 48 -0.53 -0.24 4.82
CA ILE A 48 -0.74 1.18 5.13
C ILE A 48 -0.61 1.43 6.63
N ARG A 49 0.60 1.77 7.07
CA ARG A 49 0.84 2.04 8.48
C ARG A 49 -0.28 2.88 9.08
N SER A 50 -0.41 4.11 8.59
CA SER A 50 -1.44 5.03 9.07
C SER A 50 -1.52 6.27 8.20
N LEU A 51 -2.67 6.94 8.24
CA LEU A 51 -2.88 8.15 7.46
C LEU A 51 -2.73 9.40 8.33
N VAL A 52 -1.68 10.17 8.09
CA VAL A 52 -1.43 11.39 8.85
C VAL A 52 -2.69 12.25 8.92
N ALA A 53 -2.81 13.02 10.00
CA ALA A 53 -3.97 13.91 10.17
C ALA A 53 -4.11 14.87 9.00
N ASP A 54 -5.26 14.80 8.33
CA ASP A 54 -5.51 15.66 7.18
C ASP A 54 -4.43 15.51 6.12
N GLY A 55 -3.84 14.32 6.05
CA GLY A 55 -2.79 14.07 5.08
C GLY A 55 -3.34 13.69 3.73
N VAL A 56 -2.57 13.98 2.67
CA VAL A 56 -2.98 13.67 1.32
C VAL A 56 -3.79 12.37 1.27
N ALA A 57 -3.36 11.39 2.05
CA ALA A 57 -4.04 10.09 2.09
C ALA A 57 -5.50 10.26 2.53
N GLU A 58 -5.69 10.76 3.74
CA GLU A 58 -7.04 10.95 4.27
C GLU A 58 -7.81 11.95 3.42
N ARG A 59 -7.15 13.04 3.02
CA ARG A 59 -7.78 14.06 2.20
C ARG A 59 -8.59 13.43 1.06
N SER A 60 -7.91 12.69 0.20
CA SER A 60 -8.57 12.04 -0.93
C SER A 60 -9.74 11.19 -0.46
N GLY A 61 -9.51 10.42 0.60
CA GLY A 61 -10.56 9.57 1.14
C GLY A 61 -10.62 8.23 0.44
N GLY A 62 -9.47 7.59 0.26
CA GLY A 62 -9.42 6.31 -0.39
C GLY A 62 -8.54 5.31 0.34
N LEU A 63 -7.44 5.80 0.90
CA LEU A 63 -6.52 4.94 1.64
C LEU A 63 -6.99 4.72 3.06
N LEU A 64 -6.47 3.68 3.70
CA LEU A 64 -6.85 3.36 5.08
C LEU A 64 -5.75 2.54 5.75
N PRO A 65 -5.65 2.68 7.09
CA PRO A 65 -4.65 1.95 7.88
C PRO A 65 -4.96 0.46 7.97
N GLY A 66 -4.10 -0.35 7.38
CA GLY A 66 -4.29 -1.79 7.42
C GLY A 66 -4.35 -2.40 6.02
N ASP A 67 -4.69 -1.57 5.04
CA ASP A 67 -4.80 -2.03 3.66
C ASP A 67 -3.41 -2.26 3.07
N ARG A 68 -3.28 -3.28 2.23
CA ARG A 68 -2.01 -3.61 1.60
C ARG A 68 -1.79 -2.76 0.35
N LEU A 69 -0.64 -2.12 0.28
CA LEU A 69 -0.30 -1.27 -0.86
C LEU A 69 0.32 -2.09 -1.98
N VAL A 70 -0.25 -1.98 -3.18
CA VAL A 70 0.25 -2.70 -4.34
C VAL A 70 1.44 -1.99 -4.97
N SER A 71 1.22 -0.75 -5.40
CA SER A 71 2.28 0.04 -6.03
C SER A 71 2.01 1.53 -5.85
N VAL A 72 3.00 2.34 -6.20
CA VAL A 72 2.87 3.79 -6.09
C VAL A 72 3.46 4.50 -7.30
N ASN A 73 2.59 5.05 -8.13
CA ASN A 73 3.02 5.75 -9.34
C ASN A 73 3.75 4.80 -10.29
N GLU A 74 3.11 3.68 -10.60
CA GLU A 74 3.70 2.69 -11.49
C GLU A 74 5.00 2.13 -10.92
N TYR A 75 4.92 1.65 -9.68
CA TYR A 75 6.09 1.09 -9.01
C TYR A 75 5.72 -0.20 -8.27
N CYS A 76 6.20 -1.32 -8.78
CA CYS A 76 5.93 -2.63 -8.17
C CYS A 76 6.60 -2.74 -6.81
N LEU A 77 5.81 -2.64 -5.75
CA LEU A 77 6.33 -2.73 -4.39
C LEU A 77 6.15 -4.13 -3.83
N ASP A 78 5.75 -5.06 -4.69
CA ASP A 78 5.54 -6.44 -4.28
C ASP A 78 6.81 -7.02 -3.64
N ASN A 79 6.63 -7.78 -2.57
CA ASN A 79 7.76 -8.38 -1.86
C ASN A 79 8.93 -7.39 -1.77
N THR A 80 8.61 -6.12 -1.55
CA THR A 80 9.63 -5.09 -1.45
C THR A 80 9.99 -4.82 0.01
N SER A 81 11.25 -4.47 0.25
CA SER A 81 11.71 -4.19 1.61
C SER A 81 11.30 -2.78 2.04
N LEU A 82 10.84 -2.67 3.29
CA LEU A 82 10.42 -1.38 3.83
C LEU A 82 11.29 -0.25 3.28
N ALA A 83 12.59 -0.38 3.48
CA ALA A 83 13.53 0.63 3.00
C ALA A 83 13.25 1.01 1.55
N GLU A 84 13.16 0.00 0.70
CA GLU A 84 12.90 0.22 -0.72
C GLU A 84 11.57 0.94 -0.93
N ALA A 85 10.54 0.49 -0.21
CA ALA A 85 9.23 1.10 -0.31
C ALA A 85 9.28 2.59 0.01
N VAL A 86 9.86 2.93 1.16
CA VAL A 86 9.97 4.33 1.56
C VAL A 86 10.74 5.14 0.53
N GLU A 87 11.86 4.60 0.07
CA GLU A 87 12.69 5.28 -0.92
C GLU A 87 11.89 5.55 -2.21
N ILE A 88 10.91 4.69 -2.47
CA ILE A 88 10.08 4.83 -3.66
C ILE A 88 9.06 5.96 -3.49
N LEU A 89 8.53 6.09 -2.28
CA LEU A 89 7.55 7.13 -2.00
C LEU A 89 8.23 8.49 -1.89
N LYS A 90 9.53 8.48 -1.63
CA LYS A 90 10.29 9.72 -1.50
C LYS A 90 10.80 10.20 -2.86
N ALA A 91 11.14 9.25 -3.72
CA ALA A 91 11.63 9.57 -5.06
C ALA A 91 10.48 9.94 -5.99
N VAL A 92 9.26 9.55 -5.61
CA VAL A 92 8.08 9.84 -6.41
C VAL A 92 7.88 11.35 -6.56
N PRO A 93 7.66 11.80 -7.81
CA PRO A 93 7.44 13.22 -8.12
C PRO A 93 6.11 13.73 -7.58
N PRO A 94 6.01 15.06 -7.42
CA PRO A 94 4.80 15.70 -6.92
C PRO A 94 3.65 15.65 -7.92
N GLY A 95 2.45 16.00 -7.47
CA GLY A 95 1.29 15.97 -8.34
C GLY A 95 0.44 14.73 -8.16
N LEU A 96 -0.41 14.44 -9.13
CA LEU A 96 -1.28 13.28 -9.06
C LEU A 96 -0.48 12.02 -8.73
N VAL A 97 -1.03 11.19 -7.85
CA VAL A 97 -0.37 9.95 -7.45
C VAL A 97 -1.30 8.76 -7.61
N HIS A 98 -1.03 7.93 -8.62
CA HIS A 98 -1.84 6.75 -8.90
C HIS A 98 -1.26 5.53 -8.20
N LEU A 99 -1.86 5.14 -7.08
CA LEU A 99 -1.41 3.98 -6.33
C LEU A 99 -2.57 3.04 -6.01
N GLY A 100 -2.31 1.74 -6.11
CA GLY A 100 -3.34 0.75 -5.83
C GLY A 100 -3.38 0.36 -4.38
N ILE A 101 -4.54 -0.10 -3.93
CA ILE A 101 -4.71 -0.52 -2.54
C ILE A 101 -5.49 -1.83 -2.45
N CYS A 102 -5.42 -2.48 -1.29
CA CYS A 102 -6.11 -3.74 -1.07
C CYS A 102 -6.85 -3.72 0.26
N SER A 103 -8.17 -3.54 0.20
CA SER A 103 -8.99 -3.51 1.41
C SER A 103 -8.55 -4.58 2.39
N GLY A 104 -8.22 -4.16 3.61
CA GLY A 104 -7.79 -5.11 4.63
C GLY A 104 -8.66 -5.07 5.86
N PRO A 105 -8.11 -5.49 7.01
CA PRO A 105 -8.83 -5.52 8.28
C PRO A 105 -9.10 -4.11 8.81
N SER A 106 -10.17 -3.49 8.33
CA SER A 106 -10.53 -2.14 8.76
C SER A 106 -11.26 -2.18 10.10
N SER A 107 -10.62 -2.80 11.10
CA SER A 107 -11.20 -2.90 12.43
C SER A 107 -10.26 -2.30 13.48
N GLY A 108 -9.04 -1.98 13.05
CA GLY A 108 -8.08 -1.40 13.97
C GLY A 108 -7.83 0.06 13.69
N GLY A 1 9.83 -23.81 -15.15
CA GLY A 1 8.94 -23.22 -16.13
C GLY A 1 8.78 -21.73 -15.94
N SER A 2 7.54 -21.25 -16.01
CA SER A 2 7.26 -19.82 -15.85
C SER A 2 6.47 -19.57 -14.57
N SER A 3 7.04 -18.77 -13.68
CA SER A 3 6.40 -18.44 -12.41
C SER A 3 5.16 -17.57 -12.64
N GLY A 4 4.34 -17.45 -11.61
CA GLY A 4 3.14 -16.65 -11.72
C GLY A 4 2.54 -16.31 -10.36
N SER A 5 1.75 -17.22 -9.82
CA SER A 5 1.12 -17.02 -8.52
C SER A 5 0.60 -18.33 -7.94
N SER A 6 0.61 -18.44 -6.61
CA SER A 6 0.15 -19.64 -5.94
C SER A 6 -0.59 -19.30 -4.66
N GLY A 7 -1.25 -20.29 -4.08
CA GLY A 7 -1.99 -20.07 -2.84
C GLY A 7 -3.02 -18.98 -2.98
N GLU A 8 -4.01 -18.98 -2.07
CA GLU A 8 -5.07 -17.98 -2.09
C GLU A 8 -4.93 -17.01 -0.92
N LEU A 9 -4.98 -15.71 -1.22
CA LEU A 9 -4.86 -14.69 -0.19
C LEU A 9 -6.23 -14.23 0.28
N ALA A 10 -6.39 -14.14 1.60
CA ALA A 10 -7.66 -13.71 2.19
C ALA A 10 -7.49 -12.40 2.94
N LEU A 11 -6.39 -12.28 3.67
CA LEU A 11 -6.12 -11.08 4.45
C LEU A 11 -6.64 -9.83 3.73
N TRP A 12 -6.55 -9.85 2.40
CA TRP A 12 -7.01 -8.73 1.59
C TRP A 12 -7.88 -9.21 0.44
N SER A 13 -8.33 -8.27 -0.39
CA SER A 13 -9.17 -8.61 -1.54
C SER A 13 -8.35 -8.60 -2.83
N PRO A 14 -8.66 -9.54 -3.73
CA PRO A 14 -7.98 -9.67 -5.02
C PRO A 14 -8.31 -8.52 -5.97
N GLU A 15 -9.17 -7.61 -5.51
CA GLU A 15 -9.56 -6.46 -6.31
C GLU A 15 -8.89 -5.19 -5.82
N VAL A 16 -7.82 -4.79 -6.50
CA VAL A 16 -7.08 -3.59 -6.13
C VAL A 16 -7.78 -2.33 -6.65
N LYS A 17 -7.79 -1.29 -5.84
CA LYS A 17 -8.42 -0.03 -6.22
C LYS A 17 -7.38 1.08 -6.34
N ILE A 18 -7.52 1.89 -7.39
CA ILE A 18 -6.59 2.99 -7.62
C ILE A 18 -7.09 4.27 -6.96
N VAL A 19 -6.27 4.82 -6.06
CA VAL A 19 -6.63 6.05 -5.36
C VAL A 19 -5.81 7.23 -5.87
N GLU A 20 -6.50 8.29 -6.27
CA GLU A 20 -5.82 9.48 -6.78
C GLU A 20 -5.37 10.38 -5.63
N LEU A 21 -4.07 10.36 -5.36
CA LEU A 21 -3.50 11.17 -4.29
C LEU A 21 -2.65 12.31 -4.86
N VAL A 22 -2.97 13.54 -4.45
CA VAL A 22 -2.24 14.71 -4.92
C VAL A 22 -1.08 15.04 -3.98
N LYS A 23 0.13 14.65 -4.37
CA LYS A 23 1.31 14.91 -3.57
C LYS A 23 1.64 16.40 -3.55
N ASP A 24 2.01 16.90 -2.37
CA ASP A 24 2.37 18.31 -2.23
C ASP A 24 3.87 18.49 -2.05
N CYS A 25 4.35 19.71 -2.22
CA CYS A 25 5.76 20.01 -2.09
C CYS A 25 6.39 19.17 -0.98
N LYS A 26 5.71 19.10 0.15
CA LYS A 26 6.20 18.33 1.30
C LYS A 26 6.20 16.85 0.99
N GLY A 27 5.14 16.38 0.33
CA GLY A 27 5.04 14.98 -0.01
C GLY A 27 3.69 14.38 0.36
N LEU A 28 3.68 13.10 0.71
CA LEU A 28 2.45 12.42 1.08
C LEU A 28 2.12 12.66 2.55
N GLY A 29 1.07 12.00 3.03
CA GLY A 29 0.66 12.16 4.42
C GLY A 29 0.31 10.84 5.07
N PHE A 30 0.99 9.78 4.65
CA PHE A 30 0.74 8.45 5.21
C PHE A 30 2.05 7.68 5.39
N SER A 31 2.01 6.63 6.21
CA SER A 31 3.20 5.83 6.47
C SER A 31 3.03 4.43 5.91
N ILE A 32 4.10 3.64 5.96
CA ILE A 32 4.08 2.27 5.45
C ILE A 32 5.02 1.38 6.25
N LEU A 33 4.74 0.08 6.25
CA LEU A 33 5.57 -0.89 6.96
C LEU A 33 5.68 -2.19 6.17
N ASP A 34 6.52 -3.10 6.67
CA ASP A 34 6.72 -4.38 6.02
C ASP A 34 5.94 -5.48 6.74
N TYR A 35 5.10 -6.19 6.01
CA TYR A 35 4.30 -7.27 6.58
C TYR A 35 4.71 -8.61 6.02
N GLN A 36 4.45 -9.68 6.78
CA GLN A 36 4.80 -11.02 6.35
C GLN A 36 3.59 -11.95 6.42
N ASP A 37 3.30 -12.60 5.30
CA ASP A 37 2.16 -13.51 5.21
C ASP A 37 2.28 -14.63 6.25
N PRO A 38 1.16 -14.94 6.91
CA PRO A 38 1.11 -15.99 7.94
C PRO A 38 1.28 -17.39 7.35
N LEU A 39 1.01 -17.51 6.05
CA LEU A 39 1.14 -18.80 5.37
C LEU A 39 2.52 -18.94 4.72
N ASP A 40 3.09 -17.82 4.31
CA ASP A 40 4.41 -17.81 3.68
C ASP A 40 5.30 -16.75 4.30
N PRO A 41 6.23 -17.19 5.17
CA PRO A 41 7.16 -16.29 5.85
C PRO A 41 8.19 -15.69 4.89
N THR A 42 8.42 -16.38 3.77
CA THR A 42 9.38 -15.92 2.77
C THR A 42 8.80 -14.81 1.92
N ARG A 43 7.52 -14.51 2.13
CA ARG A 43 6.85 -13.47 1.37
C ARG A 43 6.43 -12.31 2.28
N SER A 44 6.52 -11.09 1.75
CA SER A 44 6.17 -9.90 2.51
C SER A 44 5.38 -8.92 1.65
N VAL A 45 4.56 -8.10 2.30
CA VAL A 45 3.75 -7.11 1.60
C VAL A 45 3.67 -5.81 2.39
N ILE A 46 3.71 -4.69 1.68
CA ILE A 46 3.64 -3.38 2.32
C ILE A 46 2.20 -3.03 2.68
N VAL A 47 2.02 -2.50 3.90
CA VAL A 47 0.70 -2.12 4.37
C VAL A 47 0.65 -0.64 4.75
N ILE A 48 -0.54 -0.06 4.71
CA ILE A 48 -0.71 1.35 5.06
C ILE A 48 -0.60 1.57 6.56
N ARG A 49 0.61 1.87 7.02
CA ARG A 49 0.86 2.11 8.43
C ARG A 49 -0.26 2.94 9.05
N SER A 50 -0.40 4.17 8.59
CA SER A 50 -1.44 5.07 9.09
C SER A 50 -1.52 6.33 8.25
N LEU A 51 -2.68 6.98 8.27
CA LEU A 51 -2.90 8.20 7.51
C LEU A 51 -2.78 9.43 8.39
N VAL A 52 -1.73 10.21 8.17
CA VAL A 52 -1.49 11.42 8.95
C VAL A 52 -2.72 12.31 8.95
N ALA A 53 -2.88 13.09 10.02
CA ALA A 53 -4.00 13.99 10.17
C ALA A 53 -4.09 14.96 8.99
N ASP A 54 -5.19 14.88 8.24
CA ASP A 54 -5.39 15.75 7.09
C ASP A 54 -4.29 15.54 6.05
N GLY A 55 -3.75 14.32 6.01
CA GLY A 55 -2.69 14.00 5.07
C GLY A 55 -3.24 13.63 3.70
N VAL A 56 -2.47 13.93 2.66
CA VAL A 56 -2.88 13.62 1.30
C VAL A 56 -3.70 12.34 1.24
N ALA A 57 -3.32 11.36 2.06
CA ALA A 57 -4.01 10.08 2.11
C ALA A 57 -5.45 10.27 2.56
N GLU A 58 -5.64 10.73 3.79
CA GLU A 58 -6.97 10.95 4.34
C GLU A 58 -7.74 11.98 3.51
N ARG A 59 -7.08 13.08 3.17
CA ARG A 59 -7.70 14.13 2.38
C ARG A 59 -8.47 13.54 1.21
N SER A 60 -7.78 12.78 0.37
CA SER A 60 -8.41 12.16 -0.80
C SER A 60 -9.62 11.34 -0.39
N GLY A 61 -9.43 10.48 0.62
CA GLY A 61 -10.51 9.64 1.08
C GLY A 61 -10.57 8.30 0.37
N GLY A 62 -9.41 7.67 0.23
CA GLY A 62 -9.35 6.38 -0.44
C GLY A 62 -8.50 5.38 0.30
N LEU A 63 -7.33 5.81 0.75
CA LEU A 63 -6.43 4.94 1.49
C LEU A 63 -6.92 4.71 2.92
N LEU A 64 -6.47 3.61 3.52
CA LEU A 64 -6.87 3.29 4.89
C LEU A 64 -5.78 2.48 5.59
N PRO A 65 -5.68 2.65 6.91
CA PRO A 65 -4.69 1.94 7.73
C PRO A 65 -4.98 0.45 7.85
N GLY A 66 -4.10 -0.37 7.28
CA GLY A 66 -4.30 -1.80 7.34
C GLY A 66 -4.40 -2.43 5.96
N ASP A 67 -4.61 -1.59 4.95
CA ASP A 67 -4.73 -2.06 3.57
C ASP A 67 -3.36 -2.35 2.98
N ARG A 68 -3.29 -3.38 2.14
CA ARG A 68 -2.04 -3.77 1.50
C ARG A 68 -1.78 -2.93 0.25
N LEU A 69 -0.69 -2.18 0.27
CA LEU A 69 -0.33 -1.33 -0.87
C LEU A 69 0.27 -2.15 -2.00
N VAL A 70 -0.29 -2.02 -3.20
CA VAL A 70 0.19 -2.75 -4.36
C VAL A 70 1.39 -2.05 -4.98
N SER A 71 1.20 -0.79 -5.37
CA SER A 71 2.27 -0.01 -5.98
C SER A 71 2.01 1.49 -5.82
N VAL A 72 2.99 2.29 -6.22
CA VAL A 72 2.87 3.74 -6.12
C VAL A 72 3.43 4.42 -7.37
N ASN A 73 2.54 4.99 -8.17
CA ASN A 73 2.94 5.67 -9.40
C ASN A 73 3.61 4.70 -10.36
N GLU A 74 3.03 3.50 -10.49
CA GLU A 74 3.57 2.49 -11.38
C GLU A 74 4.89 1.94 -10.84
N TYR A 75 4.90 1.58 -9.56
CA TYR A 75 6.10 1.04 -8.94
C TYR A 75 5.79 -0.27 -8.21
N CYS A 76 6.23 -1.38 -8.79
CA CYS A 76 6.01 -2.69 -8.20
C CYS A 76 6.61 -2.78 -6.81
N LEU A 77 5.77 -2.73 -5.78
CA LEU A 77 6.23 -2.81 -4.41
C LEU A 77 6.06 -4.21 -3.85
N ASP A 78 5.61 -5.13 -4.70
CA ASP A 78 5.42 -6.51 -4.30
C ASP A 78 6.68 -7.08 -3.65
N ASN A 79 6.50 -7.85 -2.58
CA ASN A 79 7.62 -8.44 -1.86
C ASN A 79 8.80 -7.48 -1.81
N THR A 80 8.51 -6.22 -1.50
CA THR A 80 9.55 -5.20 -1.40
C THR A 80 9.95 -4.96 0.04
N SER A 81 11.13 -4.38 0.23
CA SER A 81 11.64 -4.09 1.58
C SER A 81 11.22 -2.70 2.03
N LEU A 82 10.82 -2.60 3.30
CA LEU A 82 10.38 -1.32 3.86
C LEU A 82 11.23 -0.18 3.31
N ALA A 83 12.55 -0.32 3.41
CA ALA A 83 13.47 0.70 2.93
C ALA A 83 13.19 1.04 1.47
N GLU A 84 13.03 0.01 0.65
CA GLU A 84 12.76 0.21 -0.77
C GLU A 84 11.41 0.88 -0.98
N ALA A 85 10.41 0.44 -0.22
CA ALA A 85 9.07 1.00 -0.33
C ALA A 85 9.06 2.48 0.03
N VAL A 86 9.72 2.81 1.14
CA VAL A 86 9.79 4.20 1.60
C VAL A 86 10.56 5.07 0.61
N GLU A 87 11.68 4.54 0.12
CA GLU A 87 12.51 5.26 -0.84
C GLU A 87 11.74 5.55 -2.12
N ILE A 88 10.78 4.70 -2.43
CA ILE A 88 9.97 4.86 -3.63
C ILE A 88 8.96 6.00 -3.46
N LEU A 89 8.42 6.13 -2.26
CA LEU A 89 7.45 7.18 -1.97
C LEU A 89 8.13 8.54 -1.87
N LYS A 90 9.41 8.53 -1.53
CA LYS A 90 10.18 9.76 -1.40
C LYS A 90 10.74 10.19 -2.75
N ALA A 91 11.12 9.21 -3.56
CA ALA A 91 11.67 9.49 -4.89
C ALA A 91 10.58 9.85 -5.87
N VAL A 92 9.35 9.41 -5.58
CA VAL A 92 8.21 9.69 -6.45
C VAL A 92 7.97 11.19 -6.57
N PRO A 93 7.70 11.65 -7.80
CA PRO A 93 7.44 13.07 -8.08
C PRO A 93 6.11 13.53 -7.52
N PRO A 94 6.00 14.85 -7.26
CA PRO A 94 4.78 15.45 -6.72
C PRO A 94 3.62 15.44 -7.73
N GLY A 95 2.44 15.85 -7.27
CA GLY A 95 1.28 15.89 -8.14
C GLY A 95 0.45 14.63 -8.04
N LEU A 96 -0.44 14.43 -9.02
CA LEU A 96 -1.30 13.25 -9.02
C LEU A 96 -0.51 11.99 -8.72
N VAL A 97 -1.02 11.18 -7.80
CA VAL A 97 -0.36 9.94 -7.42
C VAL A 97 -1.30 8.75 -7.57
N HIS A 98 -1.07 7.95 -8.62
CA HIS A 98 -1.90 6.77 -8.88
C HIS A 98 -1.33 5.55 -8.19
N LEU A 99 -1.87 5.23 -7.02
CA LEU A 99 -1.41 4.06 -6.26
C LEU A 99 -2.57 3.13 -5.94
N GLY A 100 -2.35 1.83 -6.12
CA GLY A 100 -3.38 0.84 -5.84
C GLY A 100 -3.40 0.42 -4.39
N ILE A 101 -4.57 -0.03 -3.93
CA ILE A 101 -4.73 -0.47 -2.54
C ILE A 101 -5.57 -1.74 -2.46
N CYS A 102 -5.20 -2.62 -1.54
CA CYS A 102 -5.92 -3.87 -1.35
C CYS A 102 -6.66 -3.89 -0.02
N SER A 103 -7.97 -3.68 -0.08
CA SER A 103 -8.79 -3.65 1.13
C SER A 103 -8.35 -4.76 2.10
N GLY A 104 -7.94 -4.34 3.30
CA GLY A 104 -7.52 -5.30 4.30
C GLY A 104 -8.38 -5.27 5.54
N PRO A 105 -7.82 -5.74 6.67
CA PRO A 105 -8.54 -5.78 7.95
C PRO A 105 -8.77 -4.40 8.52
N SER A 106 -9.89 -3.79 8.16
CA SER A 106 -10.25 -2.45 8.64
C SER A 106 -10.58 -2.48 10.12
N SER A 107 -9.69 -1.91 10.93
CA SER A 107 -9.90 -1.87 12.38
C SER A 107 -11.14 -1.06 12.73
N GLY A 108 -11.94 -1.59 13.65
CA GLY A 108 -13.15 -0.90 14.06
C GLY A 108 -14.21 -0.89 12.98
N GLY A 1 7.61 -19.86 -20.90
CA GLY A 1 6.38 -20.55 -20.58
C GLY A 1 6.02 -20.46 -19.11
N SER A 2 5.55 -19.30 -18.69
CA SER A 2 5.18 -19.08 -17.29
C SER A 2 3.71 -19.46 -17.06
N SER A 3 3.50 -20.39 -16.13
CA SER A 3 2.14 -20.84 -15.81
C SER A 3 1.87 -20.71 -14.32
N GLY A 4 1.16 -19.66 -13.94
CA GLY A 4 0.84 -19.42 -12.54
C GLY A 4 -0.53 -19.95 -12.17
N SER A 5 -1.44 -19.04 -11.83
CA SER A 5 -2.80 -19.41 -11.46
C SER A 5 -2.80 -20.18 -10.15
N SER A 6 -1.99 -19.72 -9.19
CA SER A 6 -1.89 -20.38 -7.89
C SER A 6 -1.45 -19.38 -6.82
N GLY A 7 -2.19 -19.34 -5.72
CA GLY A 7 -1.86 -18.44 -4.63
C GLY A 7 -2.89 -17.33 -4.46
N GLU A 8 -3.71 -17.46 -3.42
CA GLU A 8 -4.75 -16.46 -3.15
C GLU A 8 -4.60 -15.91 -1.74
N LEU A 9 -4.82 -14.60 -1.61
CA LEU A 9 -4.72 -13.94 -0.31
C LEU A 9 -6.09 -13.81 0.35
N ALA A 10 -6.11 -13.95 1.67
CA ALA A 10 -7.35 -13.85 2.43
C ALA A 10 -7.39 -12.58 3.26
N LEU A 11 -6.23 -12.14 3.72
CA LEU A 11 -6.12 -10.93 4.52
C LEU A 11 -6.65 -9.72 3.75
N TRP A 12 -6.40 -9.70 2.44
CA TRP A 12 -6.85 -8.59 1.60
C TRP A 12 -7.78 -9.10 0.51
N SER A 13 -8.24 -8.19 -0.35
CA SER A 13 -9.14 -8.54 -1.44
C SER A 13 -8.38 -8.57 -2.76
N PRO A 14 -8.75 -9.54 -3.62
CA PRO A 14 -8.12 -9.71 -4.93
C PRO A 14 -8.48 -8.58 -5.90
N GLU A 15 -9.25 -7.60 -5.41
CA GLU A 15 -9.67 -6.47 -6.23
C GLU A 15 -8.95 -5.19 -5.78
N VAL A 16 -7.89 -4.84 -6.49
CA VAL A 16 -7.12 -3.64 -6.17
C VAL A 16 -7.80 -2.39 -6.71
N LYS A 17 -7.76 -1.32 -5.91
CA LYS A 17 -8.38 -0.06 -6.30
C LYS A 17 -7.34 1.05 -6.41
N ILE A 18 -7.41 1.82 -7.49
CA ILE A 18 -6.47 2.91 -7.71
C ILE A 18 -6.99 4.20 -7.07
N VAL A 19 -6.23 4.74 -6.11
CA VAL A 19 -6.60 5.96 -5.44
C VAL A 19 -5.79 7.14 -5.96
N GLU A 20 -6.48 8.23 -6.29
CA GLU A 20 -5.81 9.42 -6.80
C GLU A 20 -5.40 10.35 -5.66
N LEU A 21 -4.11 10.37 -5.35
CA LEU A 21 -3.59 11.21 -4.27
C LEU A 21 -2.74 12.35 -4.84
N VAL A 22 -3.04 13.57 -4.40
CA VAL A 22 -2.31 14.74 -4.85
C VAL A 22 -1.14 15.04 -3.93
N LYS A 23 0.06 14.65 -4.35
CA LYS A 23 1.27 14.88 -3.56
C LYS A 23 1.66 16.36 -3.59
N ASP A 24 2.29 16.81 -2.52
CA ASP A 24 2.72 18.20 -2.42
C ASP A 24 4.23 18.29 -2.22
N CYS A 25 4.74 19.52 -2.11
CA CYS A 25 6.17 19.74 -1.91
C CYS A 25 6.72 18.78 -0.87
N LYS A 26 6.09 18.75 0.30
CA LYS A 26 6.53 17.89 1.38
C LYS A 26 6.42 16.42 0.98
N GLY A 27 5.34 16.07 0.30
CA GLY A 27 5.15 14.70 -0.14
C GLY A 27 3.78 14.16 0.25
N LEU A 28 3.73 12.87 0.58
CA LEU A 28 2.47 12.24 0.98
C LEU A 28 2.15 12.52 2.43
N GLY A 29 1.03 11.97 2.90
CA GLY A 29 0.62 12.17 4.29
C GLY A 29 0.32 10.87 4.99
N PHE A 30 0.97 9.80 4.57
CA PHE A 30 0.75 8.49 5.17
C PHE A 30 2.09 7.76 5.36
N SER A 31 2.02 6.58 5.97
CA SER A 31 3.21 5.78 6.23
C SER A 31 3.02 4.35 5.75
N ILE A 32 4.11 3.59 5.74
CA ILE A 32 4.06 2.19 5.31
C ILE A 32 4.97 1.32 6.16
N LEU A 33 4.67 0.03 6.20
CA LEU A 33 5.47 -0.92 6.98
C LEU A 33 5.60 -2.26 6.25
N ASP A 34 6.42 -3.14 6.80
CA ASP A 34 6.63 -4.46 6.20
C ASP A 34 5.81 -5.52 6.93
N TYR A 35 5.05 -6.29 6.16
CA TYR A 35 4.22 -7.34 6.73
C TYR A 35 4.65 -8.71 6.22
N GLN A 36 4.39 -9.74 7.02
CA GLN A 36 4.74 -11.11 6.64
C GLN A 36 3.52 -12.02 6.66
N ASP A 37 3.22 -12.61 5.51
CA ASP A 37 2.07 -13.51 5.40
C ASP A 37 2.13 -14.60 6.46
N PRO A 38 0.98 -14.88 7.08
CA PRO A 38 0.86 -15.91 8.13
C PRO A 38 1.01 -17.32 7.57
N LEU A 39 0.71 -17.47 6.29
CA LEU A 39 0.81 -18.77 5.63
C LEU A 39 2.16 -18.94 4.94
N ASP A 40 2.76 -17.81 4.57
CA ASP A 40 4.06 -17.82 3.89
C ASP A 40 4.99 -16.77 4.50
N PRO A 41 5.90 -17.21 5.36
CA PRO A 41 6.87 -16.33 6.01
C PRO A 41 7.91 -15.78 5.05
N THR A 42 8.22 -16.55 4.01
CA THR A 42 9.20 -16.14 3.01
C THR A 42 8.62 -15.08 2.08
N ARG A 43 7.40 -14.65 2.37
CA ARG A 43 6.74 -13.64 1.56
C ARG A 43 6.29 -12.46 2.42
N SER A 44 6.64 -11.25 2.00
CA SER A 44 6.29 -10.05 2.73
C SER A 44 5.55 -9.06 1.83
N VAL A 45 4.83 -8.12 2.44
CA VAL A 45 4.08 -7.12 1.69
C VAL A 45 4.00 -5.80 2.46
N ILE A 46 3.94 -4.70 1.72
CA ILE A 46 3.87 -3.39 2.34
C ILE A 46 2.43 -2.99 2.61
N VAL A 47 2.14 -2.61 3.86
CA VAL A 47 0.80 -2.20 4.25
C VAL A 47 0.75 -0.72 4.58
N ILE A 48 -0.47 -0.20 4.77
CA ILE A 48 -0.64 1.21 5.09
C ILE A 48 -0.53 1.44 6.59
N ARG A 49 0.68 1.74 7.05
CA ARG A 49 0.93 2.00 8.47
C ARG A 49 -0.20 2.82 9.07
N SER A 50 -0.37 4.04 8.58
CA SER A 50 -1.41 4.94 9.09
C SER A 50 -1.46 6.22 8.26
N LEU A 51 -2.61 6.90 8.33
CA LEU A 51 -2.79 8.15 7.60
C LEU A 51 -2.64 9.36 8.52
N VAL A 52 -1.65 10.21 8.23
CA VAL A 52 -1.40 11.39 9.03
C VAL A 52 -2.65 12.26 9.12
N ALA A 53 -2.85 12.89 10.28
CA ALA A 53 -4.00 13.75 10.49
C ALA A 53 -4.11 14.80 9.39
N ASP A 54 -5.09 14.62 8.51
CA ASP A 54 -5.31 15.56 7.40
C ASP A 54 -4.22 15.41 6.35
N GLY A 55 -3.74 14.18 6.18
CA GLY A 55 -2.70 13.92 5.19
C GLY A 55 -3.27 13.57 3.82
N VAL A 56 -2.51 13.86 2.78
CA VAL A 56 -2.94 13.58 1.41
C VAL A 56 -3.76 12.31 1.35
N ALA A 57 -3.36 11.31 2.14
CA ALA A 57 -4.08 10.03 2.18
C ALA A 57 -5.52 10.23 2.61
N GLU A 58 -5.71 10.76 3.83
CA GLU A 58 -7.04 10.98 4.36
C GLU A 58 -7.80 12.02 3.53
N ARG A 59 -7.08 13.06 3.10
CA ARG A 59 -7.68 14.12 2.30
C ARG A 59 -8.52 13.53 1.16
N SER A 60 -7.88 12.76 0.29
CA SER A 60 -8.56 12.14 -0.83
C SER A 60 -9.74 11.30 -0.36
N GLY A 61 -9.53 10.56 0.73
CA GLY A 61 -10.58 9.72 1.28
C GLY A 61 -10.68 8.38 0.56
N GLY A 62 -9.52 7.76 0.34
CA GLY A 62 -9.50 6.47 -0.34
C GLY A 62 -8.60 5.47 0.35
N LEU A 63 -7.53 5.96 0.96
CA LEU A 63 -6.58 5.09 1.66
C LEU A 63 -7.01 4.88 3.11
N LEU A 64 -6.51 3.81 3.72
CA LEU A 64 -6.84 3.49 5.10
C LEU A 64 -5.76 2.61 5.72
N PRO A 65 -5.62 2.69 7.06
CA PRO A 65 -4.64 1.91 7.80
C PRO A 65 -4.98 0.42 7.83
N GLY A 66 -4.12 -0.39 7.23
CA GLY A 66 -4.34 -1.83 7.20
C GLY A 66 -4.34 -2.38 5.78
N ASP A 67 -4.62 -1.53 4.82
CA ASP A 67 -4.65 -1.95 3.41
C ASP A 67 -3.24 -2.21 2.90
N ARG A 68 -3.14 -3.12 1.94
CA ARG A 68 -1.84 -3.47 1.36
C ARG A 68 -1.56 -2.65 0.11
N LEU A 69 -0.40 -1.99 0.08
CA LEU A 69 -0.02 -1.18 -1.07
C LEU A 69 0.58 -2.04 -2.18
N VAL A 70 -0.06 -2.02 -3.34
CA VAL A 70 0.41 -2.80 -4.48
C VAL A 70 1.52 -2.06 -5.22
N SER A 71 1.30 -0.78 -5.50
CA SER A 71 2.28 0.03 -6.20
C SER A 71 2.02 1.52 -5.99
N VAL A 72 3.00 2.34 -6.34
CA VAL A 72 2.87 3.79 -6.19
C VAL A 72 3.44 4.52 -7.40
N ASN A 73 2.55 5.12 -8.20
CA ASN A 73 2.97 5.85 -9.39
C ASN A 73 3.66 4.93 -10.38
N GLU A 74 3.14 3.71 -10.51
CA GLU A 74 3.70 2.73 -11.43
C GLU A 74 5.03 2.18 -10.90
N TYR A 75 4.99 1.69 -9.66
CA TYR A 75 6.18 1.13 -9.03
C TYR A 75 5.86 -0.18 -8.31
N CYS A 76 6.33 -1.28 -8.88
CA CYS A 76 6.09 -2.60 -8.30
C CYS A 76 6.68 -2.69 -6.89
N LEU A 77 5.81 -2.72 -5.89
CA LEU A 77 6.24 -2.80 -4.50
C LEU A 77 6.05 -4.21 -3.95
N ASP A 78 5.73 -5.15 -4.84
CA ASP A 78 5.52 -6.53 -4.45
C ASP A 78 6.79 -7.13 -3.85
N ASN A 79 6.65 -7.80 -2.71
CA ASN A 79 7.79 -8.42 -2.04
C ASN A 79 8.97 -7.46 -1.98
N THR A 80 8.69 -6.20 -1.66
CA THR A 80 9.74 -5.19 -1.58
C THR A 80 10.12 -4.91 -0.12
N SER A 81 11.36 -4.46 0.07
CA SER A 81 11.85 -4.16 1.41
C SER A 81 11.36 -2.80 1.89
N LEU A 82 10.89 -2.75 3.12
CA LEU A 82 10.40 -1.49 3.71
C LEU A 82 11.23 -0.31 3.24
N ALA A 83 12.55 -0.42 3.39
CA ALA A 83 13.46 0.64 2.98
C ALA A 83 13.22 1.05 1.53
N GLU A 84 13.12 0.04 0.66
CA GLU A 84 12.89 0.29 -0.76
C GLU A 84 11.55 0.97 -0.98
N ALA A 85 10.52 0.48 -0.29
CA ALA A 85 9.18 1.04 -0.41
C ALA A 85 9.17 2.53 -0.06
N VAL A 86 9.76 2.87 1.09
CA VAL A 86 9.81 4.26 1.54
C VAL A 86 10.55 5.13 0.53
N GLU A 87 11.70 4.66 0.07
CA GLU A 87 12.50 5.40 -0.91
C GLU A 87 11.68 5.68 -2.17
N ILE A 88 10.77 4.79 -2.49
CA ILE A 88 9.91 4.94 -3.67
C ILE A 88 8.91 6.07 -3.48
N LEU A 89 8.42 6.22 -2.25
CA LEU A 89 7.45 7.27 -1.94
C LEU A 89 8.14 8.63 -1.83
N LYS A 90 9.42 8.62 -1.48
CA LYS A 90 10.19 9.84 -1.35
C LYS A 90 10.73 10.30 -2.70
N ALA A 91 10.98 9.34 -3.58
CA ALA A 91 11.51 9.64 -4.91
C ALA A 91 10.38 9.99 -5.87
N VAL A 92 9.17 9.53 -5.57
CA VAL A 92 8.01 9.81 -6.40
C VAL A 92 7.78 11.30 -6.55
N PRO A 93 7.53 11.75 -7.79
CA PRO A 93 7.29 13.17 -8.10
C PRO A 93 5.94 13.64 -7.55
N PRO A 94 5.83 14.97 -7.36
CA PRO A 94 4.60 15.58 -6.85
C PRO A 94 3.46 15.52 -7.86
N GLY A 95 2.27 15.96 -7.44
CA GLY A 95 1.12 15.95 -8.32
C GLY A 95 0.27 14.72 -8.14
N LEU A 96 -0.53 14.39 -9.16
CA LEU A 96 -1.40 13.23 -9.10
C LEU A 96 -0.61 11.97 -8.78
N VAL A 97 -1.09 11.20 -7.80
CA VAL A 97 -0.43 9.97 -7.39
C VAL A 97 -1.34 8.77 -7.60
N HIS A 98 -1.02 7.95 -8.59
CA HIS A 98 -1.82 6.77 -8.89
C HIS A 98 -1.21 5.53 -8.24
N LEU A 99 -1.78 5.13 -7.10
CA LEU A 99 -1.30 3.96 -6.38
C LEU A 99 -2.44 2.97 -6.13
N GLY A 100 -2.15 1.69 -6.34
CA GLY A 100 -3.16 0.66 -6.13
C GLY A 100 -3.18 0.15 -4.70
N ILE A 101 -4.37 0.00 -4.15
CA ILE A 101 -4.53 -0.49 -2.79
C ILE A 101 -5.29 -1.81 -2.74
N CYS A 102 -5.23 -2.48 -1.60
CA CYS A 102 -5.91 -3.77 -1.43
C CYS A 102 -6.66 -3.81 -0.11
N SER A 103 -7.99 -3.74 -0.19
CA SER A 103 -8.82 -3.76 1.00
C SER A 103 -8.32 -4.80 2.00
N GLY A 104 -7.79 -4.33 3.12
CA GLY A 104 -7.29 -5.23 4.14
C GLY A 104 -8.01 -5.09 5.46
N PRO A 105 -7.36 -5.51 6.56
CA PRO A 105 -7.93 -5.45 7.90
C PRO A 105 -8.05 -4.01 8.41
N SER A 106 -9.20 -3.40 8.19
CA SER A 106 -9.44 -2.02 8.62
C SER A 106 -10.48 -1.97 9.73
N SER A 107 -10.23 -1.13 10.73
CA SER A 107 -11.14 -0.99 11.86
C SER A 107 -12.07 0.20 11.66
N GLY A 108 -13.22 0.17 12.32
CA GLY A 108 -14.18 1.25 12.21
C GLY A 108 -15.10 1.34 13.40
N GLY A 1 3.04 -28.14 -6.04
CA GLY A 1 4.47 -28.04 -5.92
C GLY A 1 5.02 -26.77 -6.54
N SER A 2 4.82 -25.64 -5.86
CA SER A 2 5.28 -24.35 -6.36
C SER A 2 4.84 -24.13 -7.80
N SER A 3 3.60 -24.50 -8.09
CA SER A 3 3.05 -24.35 -9.44
C SER A 3 1.96 -23.28 -9.46
N GLY A 4 1.95 -22.48 -10.51
CA GLY A 4 0.95 -21.44 -10.64
C GLY A 4 0.87 -20.57 -9.41
N SER A 5 -0.34 -20.42 -8.87
CA SER A 5 -0.56 -19.60 -7.68
C SER A 5 -0.29 -20.41 -6.41
N SER A 6 0.69 -19.97 -5.63
CA SER A 6 1.05 -20.65 -4.40
C SER A 6 0.44 -19.96 -3.19
N GLY A 7 -0.76 -20.38 -2.82
CA GLY A 7 -1.45 -19.78 -1.68
C GLY A 7 -2.36 -18.64 -2.08
N GLU A 8 -3.63 -18.76 -1.75
CA GLU A 8 -4.61 -17.72 -2.08
C GLU A 8 -4.65 -16.64 -1.01
N LEU A 9 -4.49 -15.40 -1.45
CA LEU A 9 -4.51 -14.26 -0.52
C LEU A 9 -5.93 -13.87 -0.16
N ALA A 10 -6.33 -14.15 1.07
CA ALA A 10 -7.67 -13.82 1.54
C ALA A 10 -7.65 -12.56 2.40
N LEU A 11 -6.62 -12.42 3.22
CA LEU A 11 -6.48 -11.27 4.10
C LEU A 11 -7.04 -10.01 3.44
N TRP A 12 -6.73 -9.83 2.17
CA TRP A 12 -7.20 -8.67 1.41
C TRP A 12 -8.11 -9.10 0.28
N SER A 13 -8.71 -8.12 -0.41
CA SER A 13 -9.61 -8.40 -1.51
C SER A 13 -8.85 -8.43 -2.83
N PRO A 14 -9.23 -9.36 -3.72
CA PRO A 14 -8.61 -9.51 -5.04
C PRO A 14 -8.93 -8.36 -5.97
N GLU A 15 -9.70 -7.39 -5.47
CA GLU A 15 -10.07 -6.23 -6.26
C GLU A 15 -9.28 -5.00 -5.85
N VAL A 16 -8.28 -4.65 -6.67
CA VAL A 16 -7.44 -3.50 -6.38
C VAL A 16 -8.14 -2.20 -6.77
N LYS A 17 -7.79 -1.12 -6.07
CA LYS A 17 -8.38 0.18 -6.34
C LYS A 17 -7.31 1.25 -6.53
N ILE A 18 -7.46 2.06 -7.57
CA ILE A 18 -6.49 3.12 -7.85
C ILE A 18 -6.93 4.44 -7.23
N VAL A 19 -6.25 4.85 -6.17
CA VAL A 19 -6.58 6.10 -5.50
C VAL A 19 -5.70 7.25 -6.00
N GLU A 20 -6.33 8.36 -6.35
CA GLU A 20 -5.61 9.53 -6.85
C GLU A 20 -5.23 10.47 -5.71
N LEU A 21 -3.95 10.46 -5.37
CA LEU A 21 -3.43 11.30 -4.29
C LEU A 21 -2.61 12.46 -4.84
N VAL A 22 -2.90 13.66 -4.37
CA VAL A 22 -2.18 14.85 -4.81
C VAL A 22 -0.98 15.13 -3.91
N LYS A 23 0.19 14.70 -4.34
CA LYS A 23 1.42 14.91 -3.58
C LYS A 23 1.87 16.36 -3.66
N ASP A 24 2.53 16.83 -2.61
CA ASP A 24 3.02 18.20 -2.57
C ASP A 24 4.49 18.25 -2.18
N CYS A 25 5.02 19.46 -2.04
CA CYS A 25 6.42 19.63 -1.68
C CYS A 25 6.83 18.66 -0.58
N LYS A 26 6.05 18.66 0.51
CA LYS A 26 6.33 17.78 1.64
C LYS A 26 6.25 16.31 1.22
N GLY A 27 5.32 16.02 0.31
CA GLY A 27 5.14 14.65 -0.16
C GLY A 27 3.76 14.12 0.12
N LEU A 28 3.68 12.95 0.75
CA LEU A 28 2.40 12.33 1.06
C LEU A 28 2.01 12.59 2.51
N GLY A 29 0.91 11.98 2.94
CA GLY A 29 0.44 12.16 4.30
C GLY A 29 0.13 10.85 4.98
N PHE A 30 0.84 9.80 4.59
CA PHE A 30 0.64 8.47 5.16
C PHE A 30 1.97 7.75 5.36
N SER A 31 1.91 6.56 5.94
CA SER A 31 3.11 5.77 6.20
C SER A 31 2.95 4.35 5.67
N ILE A 32 4.03 3.58 5.74
CA ILE A 32 4.00 2.19 5.28
C ILE A 32 4.92 1.31 6.13
N LEU A 33 4.61 0.01 6.16
CA LEU A 33 5.40 -0.94 6.93
C LEU A 33 5.55 -2.25 6.18
N ASP A 34 6.40 -3.13 6.70
CA ASP A 34 6.62 -4.44 6.08
C ASP A 34 5.85 -5.53 6.81
N TYR A 35 4.98 -6.21 6.09
CA TYR A 35 4.18 -7.28 6.67
C TYR A 35 4.62 -8.64 6.15
N GLN A 36 4.39 -9.68 6.95
CA GLN A 36 4.77 -11.03 6.57
C GLN A 36 3.56 -11.97 6.61
N ASP A 37 3.37 -12.71 5.52
CA ASP A 37 2.24 -13.65 5.44
C ASP A 37 2.37 -14.74 6.49
N PRO A 38 1.25 -15.08 7.14
CA PRO A 38 1.20 -16.11 8.18
C PRO A 38 1.40 -17.50 7.61
N LEU A 39 1.22 -17.64 6.30
CA LEU A 39 1.37 -18.93 5.64
C LEU A 39 2.73 -19.02 4.94
N ASP A 40 3.26 -17.87 4.56
CA ASP A 40 4.56 -17.82 3.88
C ASP A 40 5.44 -16.73 4.48
N PRO A 41 6.37 -17.13 5.36
CA PRO A 41 7.30 -16.21 6.02
C PRO A 41 8.32 -15.62 5.05
N THR A 42 8.56 -16.33 3.95
CA THR A 42 9.51 -15.88 2.95
C THR A 42 8.89 -14.86 2.01
N ARG A 43 7.68 -14.41 2.34
CA ARG A 43 6.97 -13.43 1.53
C ARG A 43 6.53 -12.24 2.37
N SER A 44 6.88 -11.04 1.92
CA SER A 44 6.53 -9.82 2.64
C SER A 44 5.67 -8.91 1.76
N VAL A 45 4.80 -8.13 2.40
CA VAL A 45 3.93 -7.21 1.69
C VAL A 45 3.80 -5.88 2.42
N ILE A 46 3.88 -4.80 1.67
CA ILE A 46 3.79 -3.46 2.25
C ILE A 46 2.33 -3.09 2.54
N VAL A 47 2.08 -2.60 3.74
CA VAL A 47 0.74 -2.19 4.14
C VAL A 47 0.68 -0.72 4.50
N ILE A 48 -0.53 -0.20 4.66
CA ILE A 48 -0.72 1.20 5.01
C ILE A 48 -0.61 1.42 6.52
N ARG A 49 0.60 1.74 6.98
CA ARG A 49 0.84 1.97 8.39
C ARG A 49 -0.29 2.79 9.01
N SER A 50 -0.42 4.03 8.57
CA SER A 50 -1.46 4.91 9.08
C SER A 50 -1.54 6.19 8.25
N LEU A 51 -2.69 6.86 8.31
CA LEU A 51 -2.90 8.10 7.57
C LEU A 51 -2.72 9.32 8.47
N VAL A 52 -1.70 10.13 8.16
CA VAL A 52 -1.43 11.32 8.94
C VAL A 52 -2.65 12.21 9.05
N ALA A 53 -2.84 12.82 10.22
CA ALA A 53 -3.99 13.71 10.45
C ALA A 53 -4.08 14.78 9.36
N ASP A 54 -5.08 14.65 8.50
CA ASP A 54 -5.28 15.61 7.42
C ASP A 54 -4.21 15.44 6.34
N GLY A 55 -3.67 14.23 6.23
CA GLY A 55 -2.64 13.97 5.25
C GLY A 55 -3.22 13.65 3.88
N VAL A 56 -2.46 13.96 2.83
CA VAL A 56 -2.90 13.70 1.46
C VAL A 56 -3.72 12.42 1.38
N ALA A 57 -3.32 11.41 2.16
CA ALA A 57 -4.01 10.13 2.17
C ALA A 57 -5.46 10.29 2.63
N GLU A 58 -5.64 10.79 3.85
CA GLU A 58 -6.97 11.00 4.40
C GLU A 58 -7.75 12.02 3.58
N ARG A 59 -7.06 13.08 3.16
CA ARG A 59 -7.69 14.12 2.37
C ARG A 59 -8.50 13.53 1.22
N SER A 60 -7.83 12.80 0.34
CA SER A 60 -8.49 12.17 -0.80
C SER A 60 -9.67 11.33 -0.34
N GLY A 61 -9.46 10.52 0.69
CA GLY A 61 -10.52 9.67 1.20
C GLY A 61 -10.59 8.34 0.48
N GLY A 62 -9.43 7.70 0.31
CA GLY A 62 -9.40 6.42 -0.36
C GLY A 62 -8.50 5.42 0.34
N LEU A 63 -7.44 5.92 0.98
CA LEU A 63 -6.50 5.07 1.71
C LEU A 63 -7.00 4.79 3.11
N LEU A 64 -6.49 3.71 3.71
CA LEU A 64 -6.88 3.33 5.07
C LEU A 64 -5.80 2.47 5.72
N PRO A 65 -5.67 2.59 7.05
CA PRO A 65 -4.68 1.82 7.82
C PRO A 65 -5.02 0.34 7.88
N GLY A 66 -4.18 -0.48 7.26
CA GLY A 66 -4.40 -1.92 7.26
C GLY A 66 -4.44 -2.49 5.86
N ASP A 67 -4.69 -1.64 4.87
CA ASP A 67 -4.75 -2.08 3.48
C ASP A 67 -3.36 -2.31 2.92
N ARG A 68 -3.26 -3.24 1.98
CA ARG A 68 -1.97 -3.57 1.37
C ARG A 68 -1.77 -2.78 0.08
N LEU A 69 -0.65 -2.06 0.01
CA LEU A 69 -0.34 -1.25 -1.17
C LEU A 69 0.35 -2.10 -2.25
N VAL A 70 -0.27 -2.17 -3.42
CA VAL A 70 0.29 -2.94 -4.53
C VAL A 70 1.45 -2.21 -5.19
N SER A 71 1.21 -0.97 -5.59
CA SER A 71 2.23 -0.15 -6.24
C SER A 71 1.99 1.33 -5.99
N VAL A 72 2.92 2.16 -6.44
CA VAL A 72 2.80 3.61 -6.27
C VAL A 72 3.42 4.35 -7.45
N ASN A 73 2.56 4.96 -8.28
CA ASN A 73 3.02 5.70 -9.44
C ASN A 73 3.76 4.80 -10.42
N GLU A 74 3.19 3.62 -10.67
CA GLU A 74 3.78 2.66 -11.58
C GLU A 74 5.06 2.06 -10.99
N TYR A 75 4.97 1.58 -9.76
CA TYR A 75 6.13 1.00 -9.08
C TYR A 75 5.73 -0.29 -8.36
N CYS A 76 6.21 -1.42 -8.86
CA CYS A 76 5.90 -2.72 -8.26
C CYS A 76 6.53 -2.83 -6.87
N LEU A 77 5.68 -2.78 -5.85
CA LEU A 77 6.15 -2.87 -4.47
C LEU A 77 5.89 -4.26 -3.90
N ASP A 78 5.84 -5.25 -4.78
CA ASP A 78 5.60 -6.63 -4.36
C ASP A 78 6.85 -7.24 -3.74
N ASN A 79 6.72 -7.73 -2.51
CA ASN A 79 7.85 -8.33 -1.81
C ASN A 79 9.02 -7.36 -1.72
N THR A 80 8.71 -6.09 -1.51
CA THR A 80 9.75 -5.07 -1.42
C THR A 80 10.11 -4.78 0.04
N SER A 81 11.37 -4.45 0.27
CA SER A 81 11.84 -4.15 1.62
C SER A 81 11.37 -2.78 2.08
N LEU A 82 10.84 -2.71 3.30
CA LEU A 82 10.35 -1.46 3.85
C LEU A 82 11.20 -0.28 3.38
N ALA A 83 12.50 -0.37 3.60
CA ALA A 83 13.43 0.68 3.19
C ALA A 83 13.21 1.06 1.73
N GLU A 84 13.02 0.07 0.88
CA GLU A 84 12.81 0.30 -0.54
C GLU A 84 11.46 1.00 -0.77
N ALA A 85 10.43 0.52 -0.10
CA ALA A 85 9.10 1.09 -0.23
C ALA A 85 9.10 2.58 0.13
N VAL A 86 9.74 2.91 1.24
CA VAL A 86 9.82 4.29 1.69
C VAL A 86 10.57 5.16 0.69
N GLU A 87 11.70 4.64 0.20
CA GLU A 87 12.51 5.37 -0.77
C GLU A 87 11.72 5.63 -2.05
N ILE A 88 10.88 4.68 -2.43
CA ILE A 88 10.07 4.80 -3.63
C ILE A 88 9.06 5.93 -3.49
N LEU A 89 8.43 6.02 -2.32
CA LEU A 89 7.44 7.07 -2.07
C LEU A 89 8.10 8.44 -1.99
N LYS A 90 9.39 8.46 -1.64
CA LYS A 90 10.14 9.70 -1.53
C LYS A 90 10.70 10.11 -2.89
N ALA A 91 11.04 9.13 -3.71
CA ALA A 91 11.59 9.39 -5.03
C ALA A 91 10.49 9.74 -6.02
N VAL A 92 9.24 9.43 -5.65
CA VAL A 92 8.10 9.70 -6.51
C VAL A 92 7.87 11.21 -6.65
N PRO A 93 7.59 11.65 -7.88
CA PRO A 93 7.34 13.06 -8.18
C PRO A 93 6.01 13.55 -7.61
N PRO A 94 5.93 14.87 -7.36
CA PRO A 94 4.73 15.49 -6.81
C PRO A 94 3.57 15.50 -7.79
N GLY A 95 2.40 15.93 -7.34
CA GLY A 95 1.24 15.97 -8.20
C GLY A 95 0.39 14.71 -8.12
N LEU A 96 -0.50 14.53 -9.08
CA LEU A 96 -1.36 13.36 -9.12
C LEU A 96 -0.56 12.09 -8.82
N VAL A 97 -1.04 11.33 -7.83
CA VAL A 97 -0.37 10.09 -7.45
C VAL A 97 -1.30 8.89 -7.62
N HIS A 98 -0.99 8.04 -8.59
CA HIS A 98 -1.79 6.85 -8.86
C HIS A 98 -1.20 5.62 -8.18
N LEU A 99 -1.87 5.15 -7.13
CA LEU A 99 -1.40 3.98 -6.40
C LEU A 99 -2.55 3.02 -6.12
N GLY A 100 -2.26 1.73 -6.19
CA GLY A 100 -3.28 0.72 -5.95
C GLY A 100 -3.39 0.35 -4.48
N ILE A 101 -4.58 -0.07 -4.06
CA ILE A 101 -4.81 -0.46 -2.68
C ILE A 101 -5.57 -1.77 -2.59
N CYS A 102 -5.43 -2.46 -1.46
CA CYS A 102 -6.11 -3.74 -1.25
C CYS A 102 -6.92 -3.72 0.04
N SER A 103 -8.23 -3.60 -0.10
CA SER A 103 -9.13 -3.57 1.05
C SER A 103 -8.88 -4.75 1.96
N GLY A 104 -8.29 -4.49 3.12
CA GLY A 104 -8.00 -5.55 4.08
C GLY A 104 -8.65 -5.31 5.42
N PRO A 105 -7.99 -5.77 6.49
CA PRO A 105 -8.48 -5.61 7.86
C PRO A 105 -8.43 -4.16 8.34
N SER A 106 -9.46 -3.40 8.01
CA SER A 106 -9.53 -2.00 8.41
C SER A 106 -9.58 -1.86 9.92
N SER A 107 -10.02 -2.92 10.60
CA SER A 107 -10.11 -2.92 12.04
C SER A 107 -8.80 -3.38 12.68
N GLY A 108 -8.60 -3.01 13.95
CA GLY A 108 -7.39 -3.39 14.65
C GLY A 108 -6.28 -2.36 14.48
N GLY A 1 -19.00 -23.76 -7.11
CA GLY A 1 -19.09 -23.98 -5.68
C GLY A 1 -17.77 -23.73 -4.99
N SER A 2 -17.82 -23.08 -3.83
CA SER A 2 -16.62 -22.76 -3.07
C SER A 2 -16.08 -24.02 -2.38
N SER A 3 -15.21 -24.74 -3.09
CA SER A 3 -14.62 -25.96 -2.57
C SER A 3 -13.94 -25.69 -1.23
N GLY A 4 -13.18 -24.61 -1.16
CA GLY A 4 -12.49 -24.25 0.06
C GLY A 4 -11.31 -23.33 -0.19
N SER A 5 -11.02 -22.47 0.78
CA SER A 5 -9.91 -21.53 0.66
C SER A 5 -8.67 -22.05 1.39
N SER A 6 -7.71 -22.56 0.62
CA SER A 6 -6.48 -23.09 1.19
C SER A 6 -5.26 -22.38 0.60
N GLY A 7 -4.51 -21.69 1.46
CA GLY A 7 -3.33 -20.98 1.01
C GLY A 7 -3.66 -19.64 0.38
N GLU A 8 -4.69 -19.62 -0.46
CA GLU A 8 -5.11 -18.39 -1.12
C GLU A 8 -5.18 -17.23 -0.13
N LEU A 9 -4.75 -16.05 -0.57
CA LEU A 9 -4.77 -14.87 0.28
C LEU A 9 -6.19 -14.38 0.50
N ALA A 10 -6.66 -14.47 1.74
CA ALA A 10 -8.01 -14.04 2.10
C ALA A 10 -7.97 -12.70 2.82
N LEU A 11 -6.95 -12.50 3.65
CA LEU A 11 -6.81 -11.27 4.42
C LEU A 11 -7.30 -10.07 3.61
N TRP A 12 -6.68 -9.85 2.45
CA TRP A 12 -7.06 -8.73 1.59
C TRP A 12 -7.96 -9.21 0.45
N SER A 13 -8.30 -8.29 -0.44
CA SER A 13 -9.16 -8.62 -1.57
C SER A 13 -8.36 -8.69 -2.87
N PRO A 14 -8.72 -9.65 -3.73
CA PRO A 14 -8.04 -9.86 -5.02
C PRO A 14 -8.31 -8.73 -6.01
N GLU A 15 -9.04 -7.72 -5.55
CA GLU A 15 -9.37 -6.58 -6.39
C GLU A 15 -8.69 -5.31 -5.88
N VAL A 16 -7.67 -4.85 -6.61
CA VAL A 16 -6.93 -3.66 -6.23
C VAL A 16 -7.65 -2.39 -6.70
N LYS A 17 -7.65 -1.37 -5.86
CA LYS A 17 -8.30 -0.11 -6.20
C LYS A 17 -7.28 1.02 -6.30
N ILE A 18 -7.35 1.79 -7.37
CA ILE A 18 -6.44 2.91 -7.58
C ILE A 18 -6.98 4.19 -6.96
N VAL A 19 -6.22 4.76 -6.04
CA VAL A 19 -6.61 5.99 -5.37
C VAL A 19 -5.79 7.18 -5.88
N GLU A 20 -6.50 8.24 -6.28
CA GLU A 20 -5.85 9.44 -6.80
C GLU A 20 -5.40 10.34 -5.65
N LEU A 21 -4.10 10.35 -5.38
CA LEU A 21 -3.55 11.17 -4.30
C LEU A 21 -2.71 12.31 -4.86
N VAL A 22 -3.00 13.53 -4.42
CA VAL A 22 -2.26 14.70 -4.88
C VAL A 22 -1.07 14.99 -3.97
N LYS A 23 0.12 14.63 -4.44
CA LYS A 23 1.35 14.85 -3.67
C LYS A 23 1.76 16.31 -3.72
N ASP A 24 2.12 16.86 -2.56
CA ASP A 24 2.54 18.25 -2.48
C ASP A 24 4.06 18.36 -2.33
N CYS A 25 4.56 19.58 -2.28
CA CYS A 25 6.00 19.82 -2.15
C CYS A 25 6.57 19.00 -1.00
N LYS A 26 5.78 18.85 0.06
CA LYS A 26 6.22 18.10 1.23
C LYS A 26 6.16 16.60 0.97
N GLY A 27 5.23 16.18 0.11
CA GLY A 27 5.09 14.78 -0.21
C GLY A 27 3.73 14.23 0.17
N LEU A 28 3.69 12.95 0.52
CA LEU A 28 2.43 12.31 0.91
C LEU A 28 2.11 12.59 2.38
N GLY A 29 1.02 12.01 2.86
CA GLY A 29 0.62 12.22 4.23
C GLY A 29 0.30 10.92 4.95
N PHE A 30 0.97 9.84 4.54
CA PHE A 30 0.74 8.53 5.14
C PHE A 30 2.07 7.79 5.34
N SER A 31 2.00 6.63 5.97
CA SER A 31 3.20 5.82 6.22
C SER A 31 3.01 4.40 5.73
N ILE A 32 4.07 3.61 5.79
CA ILE A 32 4.03 2.23 5.35
C ILE A 32 5.00 1.35 6.14
N LEU A 33 4.70 0.07 6.23
CA LEU A 33 5.55 -0.87 6.96
C LEU A 33 5.67 -2.19 6.20
N ASP A 34 6.53 -3.07 6.71
CA ASP A 34 6.75 -4.38 6.09
C ASP A 34 5.94 -5.45 6.80
N TYR A 35 5.19 -6.23 6.02
CA TYR A 35 4.36 -7.30 6.59
C TYR A 35 4.76 -8.66 6.01
N GLN A 36 4.48 -9.72 6.76
CA GLN A 36 4.80 -11.07 6.33
C GLN A 36 3.57 -11.96 6.33
N ASP A 37 3.24 -12.53 5.18
CA ASP A 37 2.07 -13.40 5.06
C ASP A 37 2.09 -14.47 6.15
N PRO A 38 0.94 -14.67 6.80
CA PRO A 38 0.79 -15.66 7.88
C PRO A 38 0.85 -17.08 7.35
N LEU A 39 0.70 -17.24 6.03
CA LEU A 39 0.74 -18.56 5.41
C LEU A 39 2.08 -18.79 4.71
N ASP A 40 2.77 -17.70 4.39
CA ASP A 40 4.06 -17.78 3.72
C ASP A 40 5.04 -16.78 4.31
N PRO A 41 5.99 -17.27 5.11
CA PRO A 41 7.01 -16.42 5.74
C PRO A 41 8.01 -15.87 4.75
N THR A 42 8.19 -16.57 3.64
CA THR A 42 9.11 -16.15 2.59
C THR A 42 8.49 -15.09 1.70
N ARG A 43 7.34 -14.58 2.11
CA ARG A 43 6.63 -13.56 1.34
C ARG A 43 6.25 -12.38 2.22
N SER A 44 6.56 -11.17 1.76
CA SER A 44 6.25 -9.96 2.51
C SER A 44 5.49 -8.96 1.63
N VAL A 45 4.78 -8.04 2.28
CA VAL A 45 4.01 -7.03 1.57
C VAL A 45 3.90 -5.75 2.39
N ILE A 46 3.91 -4.61 1.69
CA ILE A 46 3.81 -3.32 2.35
C ILE A 46 2.37 -2.99 2.71
N VAL A 47 2.16 -2.44 3.90
CA VAL A 47 0.82 -2.08 4.35
C VAL A 47 0.75 -0.60 4.70
N ILE A 48 -0.47 -0.09 4.86
CA ILE A 48 -0.68 1.31 5.20
C ILE A 48 -0.55 1.55 6.69
N ARG A 49 0.67 1.85 7.14
CA ARG A 49 0.92 2.10 8.55
C ARG A 49 -0.20 2.92 9.17
N SER A 50 -0.37 4.15 8.69
CA SER A 50 -1.40 5.04 9.20
C SER A 50 -1.49 6.31 8.36
N LEU A 51 -2.65 6.97 8.41
CA LEU A 51 -2.87 8.19 7.65
C LEU A 51 -2.66 9.42 8.53
N VAL A 52 -1.67 10.24 8.18
CA VAL A 52 -1.38 11.45 8.95
C VAL A 52 -2.61 12.34 9.04
N ALA A 53 -2.69 13.11 10.12
CA ALA A 53 -3.81 14.02 10.34
C ALA A 53 -4.01 14.94 9.13
N ASP A 54 -5.11 14.73 8.40
CA ASP A 54 -5.40 15.55 7.23
C ASP A 54 -4.32 15.38 6.17
N GLY A 55 -3.75 14.18 6.09
CA GLY A 55 -2.70 13.93 5.11
C GLY A 55 -3.26 13.57 3.75
N VAL A 56 -2.49 13.84 2.70
CA VAL A 56 -2.91 13.54 1.34
C VAL A 56 -3.73 12.26 1.29
N ALA A 57 -3.33 11.27 2.08
CA ALA A 57 -4.02 10.00 2.13
C ALA A 57 -5.48 10.17 2.54
N GLU A 58 -5.69 10.59 3.78
CA GLU A 58 -7.04 10.81 4.30
C GLU A 58 -7.78 11.84 3.47
N ARG A 59 -7.09 12.94 3.13
CA ARG A 59 -7.70 14.00 2.35
C ARG A 59 -8.50 13.43 1.19
N SER A 60 -7.84 12.70 0.30
CA SER A 60 -8.50 12.10 -0.85
C SER A 60 -9.67 11.22 -0.41
N GLY A 61 -9.47 10.47 0.68
CA GLY A 61 -10.51 9.61 1.17
C GLY A 61 -10.56 8.28 0.44
N GLY A 62 -9.41 7.66 0.26
CA GLY A 62 -9.35 6.38 -0.44
C GLY A 62 -8.45 5.38 0.26
N LEU A 63 -7.43 5.88 0.95
CA LEU A 63 -6.50 5.02 1.67
C LEU A 63 -6.97 4.77 3.10
N LEU A 64 -6.47 3.70 3.69
CA LEU A 64 -6.84 3.36 5.06
C LEU A 64 -5.74 2.54 5.74
N PRO A 65 -5.63 2.67 7.07
CA PRO A 65 -4.62 1.96 7.85
C PRO A 65 -4.92 0.46 7.93
N GLY A 66 -4.00 -0.34 7.39
CA GLY A 66 -4.18 -1.78 7.42
C GLY A 66 -4.25 -2.38 6.02
N ASP A 67 -4.56 -1.55 5.03
CA ASP A 67 -4.65 -2.00 3.66
C ASP A 67 -3.27 -2.26 3.07
N ARG A 68 -3.16 -3.28 2.23
CA ARG A 68 -1.89 -3.62 1.60
C ARG A 68 -1.68 -2.83 0.32
N LEU A 69 -0.50 -2.22 0.19
CA LEU A 69 -0.17 -1.44 -0.99
C LEU A 69 0.38 -2.32 -2.10
N VAL A 70 -0.07 -2.07 -3.33
CA VAL A 70 0.38 -2.84 -4.47
C VAL A 70 1.49 -2.11 -5.22
N SER A 71 1.23 -0.86 -5.58
CA SER A 71 2.21 -0.05 -6.30
C SER A 71 1.95 1.44 -6.07
N VAL A 72 2.92 2.26 -6.47
CA VAL A 72 2.81 3.71 -6.30
C VAL A 72 3.40 4.45 -7.50
N ASN A 73 2.53 5.04 -8.31
CA ASN A 73 2.96 5.77 -9.49
C ASN A 73 3.70 4.86 -10.47
N GLU A 74 3.11 3.69 -10.72
CA GLU A 74 3.70 2.72 -11.64
C GLU A 74 4.95 2.11 -11.04
N TYR A 75 4.84 1.59 -9.83
CA TYR A 75 5.96 0.97 -9.15
C TYR A 75 5.55 -0.33 -8.47
N CYS A 76 6.11 -1.44 -8.94
CA CYS A 76 5.81 -2.75 -8.39
C CYS A 76 6.43 -2.92 -7.01
N LEU A 77 5.63 -2.68 -5.98
CA LEU A 77 6.09 -2.81 -4.60
C LEU A 77 5.79 -4.19 -4.05
N ASP A 78 5.73 -5.18 -4.92
CA ASP A 78 5.45 -6.55 -4.53
C ASP A 78 6.68 -7.18 -3.86
N ASN A 79 6.54 -7.51 -2.58
CA ASN A 79 7.64 -8.11 -1.84
C ASN A 79 8.84 -7.18 -1.77
N THR A 80 8.59 -5.92 -1.43
CA THR A 80 9.65 -4.92 -1.34
C THR A 80 10.00 -4.63 0.12
N SER A 81 11.28 -4.37 0.38
CA SER A 81 11.75 -4.08 1.73
C SER A 81 11.31 -2.68 2.16
N LEU A 82 10.82 -2.58 3.40
CA LEU A 82 10.37 -1.31 3.93
C LEU A 82 11.25 -0.16 3.45
N ALA A 83 12.56 -0.33 3.61
CA ALA A 83 13.52 0.69 3.19
C ALA A 83 13.30 1.08 1.73
N GLU A 84 13.12 0.07 0.87
CA GLU A 84 12.90 0.31 -0.55
C GLU A 84 11.57 1.00 -0.78
N ALA A 85 10.54 0.57 -0.07
CA ALA A 85 9.21 1.15 -0.20
C ALA A 85 9.23 2.63 0.18
N VAL A 86 9.81 2.94 1.32
CA VAL A 86 9.89 4.32 1.80
C VAL A 86 10.59 5.21 0.78
N GLU A 87 11.72 4.72 0.27
CA GLU A 87 12.50 5.47 -0.72
C GLU A 87 11.67 5.73 -1.98
N ILE A 88 10.87 4.75 -2.37
CA ILE A 88 10.04 4.87 -3.56
C ILE A 88 9.00 5.98 -3.38
N LEU A 89 8.42 6.06 -2.18
CA LEU A 89 7.42 7.07 -1.89
C LEU A 89 8.05 8.45 -1.76
N LYS A 90 9.31 8.48 -1.34
CA LYS A 90 10.04 9.74 -1.18
C LYS A 90 10.64 10.18 -2.50
N ALA A 91 10.91 9.23 -3.38
CA ALA A 91 11.48 9.52 -4.69
C ALA A 91 10.40 9.86 -5.71
N VAL A 92 9.17 9.41 -5.42
CA VAL A 92 8.04 9.66 -6.31
C VAL A 92 7.83 11.15 -6.52
N PRO A 93 7.58 11.55 -7.78
CA PRO A 93 7.35 12.96 -8.13
C PRO A 93 6.02 13.47 -7.61
N PRO A 94 5.92 14.79 -7.44
CA PRO A 94 4.71 15.45 -6.94
C PRO A 94 3.57 15.40 -7.95
N GLY A 95 2.39 15.85 -7.54
CA GLY A 95 1.24 15.85 -8.41
C GLY A 95 0.36 14.63 -8.22
N LEU A 96 -0.47 14.34 -9.22
CA LEU A 96 -1.37 13.19 -9.15
C LEU A 96 -0.59 11.91 -8.84
N VAL A 97 -1.07 11.17 -7.84
CA VAL A 97 -0.43 9.92 -7.44
C VAL A 97 -1.36 8.74 -7.62
N HIS A 98 -1.12 7.94 -8.65
CA HIS A 98 -1.94 6.77 -8.92
C HIS A 98 -1.36 5.52 -8.27
N LEU A 99 -1.88 5.19 -7.09
CA LEU A 99 -1.41 4.02 -6.36
C LEU A 99 -2.57 3.08 -6.02
N GLY A 100 -2.31 1.78 -6.11
CA GLY A 100 -3.35 0.80 -5.81
C GLY A 100 -3.35 0.40 -4.35
N ILE A 101 -4.52 0.00 -3.85
CA ILE A 101 -4.66 -0.41 -2.47
C ILE A 101 -5.44 -1.72 -2.35
N CYS A 102 -5.10 -2.52 -1.35
CA CYS A 102 -5.77 -3.80 -1.13
C CYS A 102 -6.55 -3.79 0.17
N SER A 103 -7.88 -3.72 0.06
CA SER A 103 -8.75 -3.70 1.23
C SER A 103 -8.27 -4.71 2.28
N GLY A 104 -7.98 -4.20 3.47
CA GLY A 104 -7.52 -5.09 4.54
C GLY A 104 -8.41 -5.01 5.76
N PRO A 105 -7.82 -5.23 6.95
CA PRO A 105 -8.56 -5.20 8.21
C PRO A 105 -9.00 -3.80 8.60
N SER A 106 -10.20 -3.42 8.15
CA SER A 106 -10.74 -2.10 8.44
C SER A 106 -10.77 -1.85 9.94
N SER A 107 -10.16 -0.73 10.36
CA SER A 107 -10.11 -0.37 11.77
C SER A 107 -10.56 1.08 11.98
N GLY A 108 -11.20 1.63 10.95
CA GLY A 108 -11.69 3.01 11.04
C GLY A 108 -12.77 3.17 12.09
N GLY A 1 -11.48 -28.68 -12.66
CA GLY A 1 -11.06 -28.80 -11.28
C GLY A 1 -11.92 -27.97 -10.35
N SER A 2 -12.53 -28.62 -9.35
CA SER A 2 -13.39 -27.95 -8.40
C SER A 2 -12.61 -26.88 -7.63
N SER A 3 -13.01 -25.62 -7.81
CA SER A 3 -12.34 -24.51 -7.13
C SER A 3 -12.29 -24.75 -5.62
N GLY A 4 -11.08 -24.95 -5.11
CA GLY A 4 -10.91 -25.18 -3.68
C GLY A 4 -9.82 -24.33 -3.08
N SER A 5 -10.18 -23.13 -2.66
CA SER A 5 -9.21 -22.20 -2.05
C SER A 5 -8.00 -22.01 -2.98
N SER A 6 -8.28 -21.72 -4.25
CA SER A 6 -7.22 -21.52 -5.23
C SER A 6 -6.56 -20.15 -5.04
N GLY A 7 -5.33 -20.16 -4.54
CA GLY A 7 -4.61 -18.93 -4.32
C GLY A 7 -5.53 -17.78 -3.91
N GLU A 8 -5.95 -17.79 -2.65
CA GLU A 8 -6.83 -16.76 -2.14
C GLU A 8 -6.27 -16.15 -0.85
N LEU A 9 -6.40 -14.83 -0.73
CA LEU A 9 -5.90 -14.12 0.45
C LEU A 9 -7.05 -13.56 1.28
N ALA A 10 -6.91 -13.63 2.59
CA ALA A 10 -7.94 -13.12 3.49
C ALA A 10 -7.61 -11.71 3.97
N LEU A 11 -6.40 -11.52 4.47
CA LEU A 11 -5.97 -10.21 4.96
C LEU A 11 -6.42 -9.10 4.01
N TRP A 12 -6.63 -9.46 2.74
CA TRP A 12 -7.07 -8.50 1.74
C TRP A 12 -7.82 -9.19 0.61
N SER A 13 -8.35 -8.40 -0.31
CA SER A 13 -9.11 -8.94 -1.43
C SER A 13 -8.30 -8.84 -2.72
N PRO A 14 -8.58 -9.76 -3.67
CA PRO A 14 -7.89 -9.79 -4.96
C PRO A 14 -8.26 -8.62 -5.85
N GLU A 15 -9.12 -7.75 -5.35
CA GLU A 15 -9.55 -6.58 -6.11
C GLU A 15 -8.80 -5.33 -5.66
N VAL A 16 -7.97 -4.81 -6.54
CA VAL A 16 -7.18 -3.61 -6.24
C VAL A 16 -7.89 -2.35 -6.71
N LYS A 17 -7.72 -1.26 -5.98
CA LYS A 17 -8.33 0.01 -6.33
C LYS A 17 -7.28 1.11 -6.45
N ILE A 18 -7.42 1.95 -7.47
CA ILE A 18 -6.49 3.05 -7.70
C ILE A 18 -6.99 4.34 -7.06
N VAL A 19 -6.22 4.86 -6.12
CA VAL A 19 -6.58 6.09 -5.43
C VAL A 19 -5.76 7.27 -5.93
N GLU A 20 -6.43 8.35 -6.29
CA GLU A 20 -5.77 9.55 -6.79
C GLU A 20 -5.35 10.45 -5.64
N LEU A 21 -4.05 10.46 -5.33
CA LEU A 21 -3.52 11.28 -4.26
C LEU A 21 -2.67 12.42 -4.81
N VAL A 22 -2.98 13.64 -4.38
CA VAL A 22 -2.26 14.81 -4.83
C VAL A 22 -1.10 15.14 -3.89
N LYS A 23 0.12 14.81 -4.33
CA LYS A 23 1.32 15.06 -3.53
C LYS A 23 1.61 16.54 -3.46
N ASP A 24 2.37 16.94 -2.44
CA ASP A 24 2.73 18.35 -2.26
C ASP A 24 4.21 18.49 -1.96
N CYS A 25 4.66 19.72 -1.74
CA CYS A 25 6.06 19.99 -1.43
C CYS A 25 6.65 18.89 -0.56
N LYS A 26 6.15 18.79 0.67
CA LYS A 26 6.62 17.80 1.61
C LYS A 26 6.52 16.39 1.01
N GLY A 27 5.34 16.07 0.48
CA GLY A 27 5.13 14.76 -0.12
C GLY A 27 3.73 14.23 0.13
N LEU A 28 3.64 13.07 0.76
CA LEU A 28 2.35 12.45 1.05
C LEU A 28 1.96 12.69 2.51
N GLY A 29 0.83 12.10 2.92
CA GLY A 29 0.36 12.26 4.28
C GLY A 29 0.06 10.93 4.95
N PHE A 30 0.77 9.88 4.52
CA PHE A 30 0.56 8.55 5.08
C PHE A 30 1.90 7.83 5.26
N SER A 31 1.84 6.66 5.89
CA SER A 31 3.05 5.88 6.13
C SER A 31 2.90 4.47 5.56
N ILE A 32 3.99 3.70 5.62
CA ILE A 32 3.99 2.34 5.10
C ILE A 32 4.91 1.44 5.92
N LEU A 33 4.67 0.13 5.85
CA LEU A 33 5.48 -0.83 6.58
C LEU A 33 5.47 -2.19 5.89
N ASP A 34 6.33 -3.09 6.34
CA ASP A 34 6.42 -4.43 5.77
C ASP A 34 5.58 -5.41 6.58
N TYR A 35 5.08 -6.45 5.91
CA TYR A 35 4.27 -7.47 6.56
C TYR A 35 4.73 -8.87 6.17
N GLN A 36 4.28 -9.87 6.93
CA GLN A 36 4.64 -11.24 6.67
C GLN A 36 3.42 -12.15 6.66
N ASP A 37 3.19 -12.81 5.53
CA ASP A 37 2.04 -13.70 5.39
C ASP A 37 2.07 -14.80 6.45
N PRO A 38 0.89 -15.12 6.99
CA PRO A 38 0.75 -16.14 8.03
C PRO A 38 0.99 -17.55 7.50
N LEU A 39 0.78 -17.73 6.20
CA LEU A 39 0.97 -19.02 5.56
C LEU A 39 2.31 -19.07 4.83
N ASP A 40 2.80 -17.90 4.41
CA ASP A 40 4.08 -17.82 3.71
C ASP A 40 5.01 -16.83 4.40
N PRO A 41 5.85 -17.35 5.31
CA PRO A 41 6.81 -16.53 6.06
C PRO A 41 7.93 -16.01 5.17
N THR A 42 8.19 -16.70 4.08
CA THR A 42 9.25 -16.31 3.15
C THR A 42 8.77 -15.20 2.21
N ARG A 43 7.54 -14.76 2.42
CA ARG A 43 6.95 -13.70 1.59
C ARG A 43 6.57 -12.50 2.44
N SER A 44 6.78 -11.29 1.90
CA SER A 44 6.45 -10.07 2.61
C SER A 44 5.60 -9.15 1.73
N VAL A 45 4.78 -8.32 2.39
CA VAL A 45 3.91 -7.39 1.67
C VAL A 45 3.81 -6.06 2.41
N ILE A 46 3.88 -4.97 1.65
CA ILE A 46 3.79 -3.63 2.24
C ILE A 46 2.34 -3.27 2.56
N VAL A 47 2.13 -2.71 3.74
CA VAL A 47 0.79 -2.30 4.16
C VAL A 47 0.74 -0.81 4.48
N ILE A 48 -0.47 -0.30 4.71
CA ILE A 48 -0.66 1.11 5.01
C ILE A 48 -0.51 1.37 6.51
N ARG A 49 0.72 1.70 6.92
CA ARG A 49 1.00 1.98 8.32
C ARG A 49 -0.12 2.80 8.95
N SER A 50 -0.30 4.03 8.47
CA SER A 50 -1.32 4.91 8.98
C SER A 50 -1.39 6.20 8.18
N LEU A 51 -2.53 6.89 8.26
CA LEU A 51 -2.72 8.14 7.53
C LEU A 51 -2.54 9.34 8.45
N VAL A 52 -1.52 10.15 8.17
CA VAL A 52 -1.23 11.33 8.96
C VAL A 52 -2.47 12.22 9.10
N ALA A 53 -2.51 13.00 10.17
CA ALA A 53 -3.64 13.90 10.41
C ALA A 53 -3.87 14.82 9.23
N ASP A 54 -5.01 14.65 8.57
CA ASP A 54 -5.36 15.47 7.41
C ASP A 54 -4.32 15.30 6.30
N GLY A 55 -3.66 14.15 6.27
CA GLY A 55 -2.65 13.90 5.26
C GLY A 55 -3.27 13.59 3.90
N VAL A 56 -2.53 13.91 2.85
CA VAL A 56 -2.99 13.67 1.49
C VAL A 56 -3.81 12.39 1.40
N ALA A 57 -3.36 11.36 2.11
CA ALA A 57 -4.05 10.07 2.12
C ALA A 57 -5.50 10.24 2.58
N GLU A 58 -5.67 10.70 3.81
CA GLU A 58 -7.00 10.89 4.37
C GLU A 58 -7.78 11.93 3.57
N ARG A 59 -7.13 13.03 3.22
CA ARG A 59 -7.77 14.08 2.45
C ARG A 59 -8.56 13.51 1.29
N SER A 60 -7.90 12.74 0.43
CA SER A 60 -8.55 12.13 -0.72
C SER A 60 -9.73 11.27 -0.28
N GLY A 61 -9.51 10.45 0.73
CA GLY A 61 -10.57 9.59 1.23
C GLY A 61 -10.62 8.26 0.51
N GLY A 62 -9.47 7.63 0.33
CA GLY A 62 -9.41 6.35 -0.35
C GLY A 62 -8.51 5.36 0.36
N LEU A 63 -7.42 5.86 0.94
CA LEU A 63 -6.46 5.02 1.65
C LEU A 63 -6.90 4.80 3.09
N LEU A 64 -6.43 3.72 3.70
CA LEU A 64 -6.76 3.40 5.08
C LEU A 64 -5.68 2.52 5.71
N PRO A 65 -5.54 2.62 7.04
CA PRO A 65 -4.55 1.84 7.79
C PRO A 65 -4.91 0.36 7.85
N GLY A 66 -4.06 -0.47 7.27
CA GLY A 66 -4.30 -1.90 7.27
C GLY A 66 -4.33 -2.48 5.87
N ASP A 67 -4.64 -1.65 4.89
CA ASP A 67 -4.70 -2.09 3.50
C ASP A 67 -3.30 -2.35 2.95
N ARG A 68 -3.22 -3.26 1.99
CA ARG A 68 -1.94 -3.61 1.37
C ARG A 68 -1.69 -2.78 0.12
N LEU A 69 -0.50 -2.19 0.03
CA LEU A 69 -0.14 -1.37 -1.11
C LEU A 69 0.51 -2.21 -2.20
N VAL A 70 -0.01 -2.10 -3.42
CA VAL A 70 0.52 -2.85 -4.55
C VAL A 70 1.65 -2.10 -5.23
N SER A 71 1.38 -0.85 -5.61
CA SER A 71 2.38 -0.02 -6.28
C SER A 71 2.07 1.46 -6.07
N VAL A 72 3.02 2.31 -6.46
CA VAL A 72 2.85 3.75 -6.32
C VAL A 72 3.45 4.49 -7.51
N ASN A 73 2.58 5.05 -8.36
CA ASN A 73 3.01 5.78 -9.53
C ASN A 73 3.75 4.86 -10.50
N GLU A 74 3.23 3.65 -10.67
CA GLU A 74 3.84 2.68 -11.57
C GLU A 74 5.10 2.09 -10.96
N TYR A 75 4.99 1.61 -9.73
CA TYR A 75 6.12 1.02 -9.02
C TYR A 75 5.70 -0.26 -8.30
N CYS A 76 6.10 -1.40 -8.84
CA CYS A 76 5.77 -2.68 -8.24
C CYS A 76 6.43 -2.84 -6.88
N LEU A 77 5.66 -2.65 -5.82
CA LEU A 77 6.17 -2.76 -4.46
C LEU A 77 5.87 -4.14 -3.88
N ASP A 78 5.91 -5.16 -4.74
CA ASP A 78 5.63 -6.53 -4.30
C ASP A 78 6.89 -7.16 -3.71
N ASN A 79 6.78 -7.62 -2.47
CA ASN A 79 7.91 -8.25 -1.78
C ASN A 79 9.07 -7.26 -1.63
N THR A 80 8.74 -5.99 -1.44
CA THR A 80 9.75 -4.95 -1.28
C THR A 80 10.01 -4.67 0.19
N SER A 81 11.24 -4.27 0.51
CA SER A 81 11.62 -3.97 1.89
C SER A 81 11.21 -2.56 2.26
N LEU A 82 10.70 -2.40 3.48
CA LEU A 82 10.26 -1.10 3.97
C LEU A 82 11.17 0.00 3.46
N ALA A 83 12.48 -0.18 3.64
CA ALA A 83 13.46 0.81 3.19
C ALA A 83 13.21 1.20 1.74
N GLU A 84 13.09 0.21 0.87
CA GLU A 84 12.86 0.45 -0.55
C GLU A 84 11.53 1.16 -0.76
N ALA A 85 10.49 0.67 -0.08
CA ALA A 85 9.16 1.27 -0.20
C ALA A 85 9.19 2.76 0.11
N VAL A 86 9.84 3.11 1.22
CA VAL A 86 9.95 4.51 1.63
C VAL A 86 10.70 5.33 0.59
N GLU A 87 11.81 4.78 0.09
CA GLU A 87 12.62 5.47 -0.91
C GLU A 87 11.82 5.70 -2.19
N ILE A 88 10.89 4.80 -2.46
CA ILE A 88 10.06 4.90 -3.66
C ILE A 88 9.04 6.03 -3.53
N LEU A 89 8.43 6.13 -2.34
CA LEU A 89 7.43 7.17 -2.09
C LEU A 89 8.09 8.54 -2.00
N LYS A 90 9.37 8.56 -1.65
CA LYS A 90 10.11 9.81 -1.54
C LYS A 90 10.69 10.23 -2.89
N ALA A 91 10.98 9.24 -3.74
CA ALA A 91 11.52 9.51 -5.06
C ALA A 91 10.42 9.89 -6.05
N VAL A 92 9.19 9.47 -5.74
CA VAL A 92 8.05 9.77 -6.60
C VAL A 92 7.84 11.27 -6.73
N PRO A 93 7.58 11.74 -7.96
CA PRO A 93 7.35 13.15 -8.25
C PRO A 93 6.03 13.65 -7.69
N PRO A 94 5.93 14.97 -7.49
CA PRO A 94 4.72 15.60 -6.96
C PRO A 94 3.56 15.57 -7.95
N GLY A 95 2.38 15.96 -7.48
CA GLY A 95 1.20 15.96 -8.34
C GLY A 95 0.36 14.71 -8.16
N LEU A 96 -0.56 14.48 -9.10
CA LEU A 96 -1.43 13.33 -9.05
C LEU A 96 -0.63 12.05 -8.76
N VAL A 97 -1.08 11.29 -7.78
CA VAL A 97 -0.41 10.05 -7.40
C VAL A 97 -1.33 8.85 -7.60
N HIS A 98 -1.02 8.03 -8.59
CA HIS A 98 -1.83 6.84 -8.89
C HIS A 98 -1.23 5.61 -8.21
N LEU A 99 -1.81 5.23 -7.07
CA LEU A 99 -1.35 4.07 -6.32
C LEU A 99 -2.50 3.12 -6.01
N GLY A 100 -2.24 1.82 -6.15
CA GLY A 100 -3.27 0.83 -5.88
C GLY A 100 -3.33 0.45 -4.41
N ILE A 101 -4.50 -0.01 -3.97
CA ILE A 101 -4.69 -0.42 -2.59
C ILE A 101 -5.54 -1.67 -2.49
N CYS A 102 -5.42 -2.38 -1.38
CA CYS A 102 -6.18 -3.61 -1.16
C CYS A 102 -6.94 -3.54 0.16
N SER A 103 -8.26 -3.54 0.08
CA SER A 103 -9.09 -3.48 1.28
C SER A 103 -8.73 -4.59 2.26
N GLY A 104 -8.26 -4.18 3.43
CA GLY A 104 -7.87 -5.15 4.45
C GLY A 104 -8.60 -4.93 5.76
N PRO A 105 -7.98 -5.38 6.86
CA PRO A 105 -8.56 -5.25 8.21
C PRO A 105 -8.57 -3.81 8.69
N SER A 106 -9.56 -3.05 8.24
CA SER A 106 -9.69 -1.64 8.62
C SER A 106 -11.15 -1.22 8.63
N SER A 107 -11.48 -0.26 9.49
CA SER A 107 -12.84 0.24 9.61
C SER A 107 -12.95 1.66 9.05
N GLY A 108 -14.07 1.96 8.41
CA GLY A 108 -14.28 3.28 7.85
C GLY A 108 -15.35 4.07 8.58
N GLY A 1 -9.69 -31.54 -12.95
CA GLY A 1 -9.36 -30.26 -12.35
C GLY A 1 -8.13 -30.32 -11.47
N SER A 2 -8.30 -30.03 -10.20
CA SER A 2 -7.19 -30.05 -9.25
C SER A 2 -5.97 -29.35 -9.83
N SER A 3 -6.20 -28.21 -10.48
CA SER A 3 -5.11 -27.45 -11.09
C SER A 3 -5.25 -25.96 -10.76
N GLY A 4 -4.11 -25.27 -10.74
CA GLY A 4 -4.11 -23.85 -10.43
C GLY A 4 -2.91 -23.43 -9.63
N SER A 5 -2.22 -22.39 -10.10
CA SER A 5 -1.02 -21.88 -9.43
C SER A 5 -1.38 -20.73 -8.50
N SER A 6 -2.21 -19.82 -8.98
CA SER A 6 -2.62 -18.67 -8.19
C SER A 6 -3.24 -19.10 -6.87
N GLY A 7 -2.89 -18.39 -5.80
CA GLY A 7 -3.42 -18.71 -4.49
C GLY A 7 -4.42 -17.69 -3.99
N GLU A 8 -5.57 -18.17 -3.52
CA GLU A 8 -6.62 -17.28 -3.03
C GLU A 8 -6.17 -16.59 -1.73
N LEU A 9 -6.43 -15.28 -1.65
CA LEU A 9 -6.05 -14.51 -0.48
C LEU A 9 -7.29 -13.97 0.24
N ALA A 10 -7.31 -14.11 1.56
CA ALA A 10 -8.43 -13.64 2.36
C ALA A 10 -8.11 -12.30 3.01
N LEU A 11 -7.01 -12.24 3.73
CA LEU A 11 -6.59 -11.01 4.40
C LEU A 11 -7.03 -9.79 3.61
N TRP A 12 -6.87 -9.85 2.29
CA TRP A 12 -7.26 -8.74 1.42
C TRP A 12 -8.15 -9.24 0.28
N SER A 13 -8.50 -8.33 -0.63
CA SER A 13 -9.34 -8.66 -1.77
C SER A 13 -8.54 -8.65 -3.07
N PRO A 14 -8.87 -9.58 -3.96
CA PRO A 14 -8.20 -9.70 -5.26
C PRO A 14 -8.52 -8.53 -6.20
N GLU A 15 -9.31 -7.58 -5.70
CA GLU A 15 -9.69 -6.42 -6.48
C GLU A 15 -9.01 -5.16 -5.96
N VAL A 16 -7.95 -4.74 -6.65
CA VAL A 16 -7.20 -3.55 -6.26
C VAL A 16 -7.90 -2.28 -6.76
N LYS A 17 -7.78 -1.22 -5.97
CA LYS A 17 -8.39 0.06 -6.33
C LYS A 17 -7.34 1.15 -6.46
N ILE A 18 -7.45 1.96 -7.52
CA ILE A 18 -6.50 3.04 -7.75
C ILE A 18 -6.99 4.34 -7.11
N VAL A 19 -6.20 4.85 -6.17
CA VAL A 19 -6.54 6.09 -5.49
C VAL A 19 -5.69 7.25 -5.98
N GLU A 20 -6.35 8.35 -6.36
CA GLU A 20 -5.64 9.52 -6.85
C GLU A 20 -5.24 10.45 -5.70
N LEU A 21 -3.95 10.45 -5.38
CA LEU A 21 -3.43 11.28 -4.30
C LEU A 21 -2.57 12.42 -4.84
N VAL A 22 -2.89 13.64 -4.44
CA VAL A 22 -2.13 14.80 -4.89
C VAL A 22 -0.97 15.10 -3.96
N LYS A 23 0.23 14.70 -4.38
CA LYS A 23 1.44 14.92 -3.59
C LYS A 23 1.90 16.37 -3.69
N ASP A 24 2.66 16.82 -2.70
CA ASP A 24 3.17 18.18 -2.68
C ASP A 24 4.65 18.20 -2.35
N CYS A 25 5.23 19.40 -2.31
CA CYS A 25 6.65 19.56 -2.00
C CYS A 25 7.09 18.57 -0.92
N LYS A 26 6.45 18.67 0.24
CA LYS A 26 6.76 17.79 1.36
C LYS A 26 6.63 16.33 0.97
N GLY A 27 5.51 16.00 0.33
CA GLY A 27 5.28 14.62 -0.09
C GLY A 27 3.87 14.16 0.21
N LEU A 28 3.75 12.93 0.69
CA LEU A 28 2.45 12.36 1.02
C LEU A 28 2.10 12.60 2.49
N GLY A 29 0.97 12.03 2.92
CA GLY A 29 0.56 12.20 4.30
C GLY A 29 0.20 10.87 4.96
N PHE A 30 0.90 9.81 4.55
CA PHE A 30 0.65 8.49 5.11
C PHE A 30 1.96 7.73 5.30
N SER A 31 1.92 6.67 6.09
CA SER A 31 3.11 5.86 6.36
C SER A 31 2.93 4.45 5.83
N ILE A 32 4.01 3.67 5.88
CA ILE A 32 3.97 2.29 5.41
C ILE A 32 4.92 1.41 6.22
N LEU A 33 4.61 0.12 6.29
CA LEU A 33 5.43 -0.83 7.03
C LEU A 33 5.58 -2.14 6.26
N ASP A 34 6.43 -3.02 6.76
CA ASP A 34 6.66 -4.32 6.12
C ASP A 34 5.87 -5.42 6.83
N TYR A 35 5.11 -6.19 6.06
CA TYR A 35 4.30 -7.27 6.62
C TYR A 35 4.75 -8.61 6.05
N GLN A 36 4.54 -9.67 6.84
CA GLN A 36 4.92 -11.02 6.41
C GLN A 36 3.72 -11.96 6.48
N ASP A 37 3.46 -12.64 5.37
CA ASP A 37 2.35 -13.58 5.29
C ASP A 37 2.44 -14.64 6.39
N PRO A 38 1.30 -14.96 7.02
CA PRO A 38 1.24 -15.95 8.09
C PRO A 38 1.46 -17.37 7.57
N LEU A 39 1.30 -17.55 6.27
CA LEU A 39 1.49 -18.87 5.66
C LEU A 39 2.78 -18.91 4.85
N ASP A 40 3.25 -17.75 4.42
CA ASP A 40 4.48 -17.66 3.65
C ASP A 40 5.44 -16.65 4.27
N PRO A 41 6.37 -17.15 5.11
CA PRO A 41 7.35 -16.31 5.79
C PRO A 41 8.39 -15.75 4.83
N THR A 42 8.56 -16.40 3.69
CA THR A 42 9.51 -15.97 2.68
C THR A 42 8.93 -14.87 1.80
N ARG A 43 7.71 -14.45 2.12
CA ARG A 43 7.04 -13.39 1.37
C ARG A 43 6.59 -12.27 2.28
N SER A 44 6.71 -11.03 1.80
CA SER A 44 6.32 -9.86 2.57
C SER A 44 5.52 -8.88 1.72
N VAL A 45 4.70 -8.06 2.37
CA VAL A 45 3.88 -7.07 1.67
C VAL A 45 3.81 -5.78 2.46
N ILE A 46 3.73 -4.65 1.74
CA ILE A 46 3.65 -3.35 2.38
C ILE A 46 2.20 -2.99 2.71
N VAL A 47 1.98 -2.56 3.95
CA VAL A 47 0.65 -2.18 4.40
C VAL A 47 0.60 -0.70 4.79
N ILE A 48 -0.61 -0.15 4.79
CA ILE A 48 -0.80 1.26 5.15
C ILE A 48 -0.63 1.46 6.66
N ARG A 49 0.57 1.85 7.06
CA ARG A 49 0.87 2.08 8.47
C ARG A 49 -0.21 2.96 9.11
N SER A 50 -0.31 4.19 8.65
CA SER A 50 -1.30 5.13 9.17
C SER A 50 -1.42 6.35 8.28
N LEU A 51 -2.56 7.03 8.36
CA LEU A 51 -2.81 8.23 7.56
C LEU A 51 -2.64 9.48 8.40
N VAL A 52 -1.60 10.25 8.12
CA VAL A 52 -1.33 11.49 8.85
C VAL A 52 -2.60 12.35 8.95
N ALA A 53 -2.69 13.11 10.04
CA ALA A 53 -3.85 13.98 10.25
C ALA A 53 -4.13 14.84 9.03
N ASP A 54 -5.32 14.67 8.47
CA ASP A 54 -5.72 15.44 7.28
C ASP A 54 -4.65 15.35 6.19
N GLY A 55 -3.87 14.27 6.22
CA GLY A 55 -2.83 14.08 5.24
C GLY A 55 -3.38 13.71 3.87
N VAL A 56 -2.61 14.01 2.83
CA VAL A 56 -3.03 13.72 1.46
C VAL A 56 -3.82 12.42 1.40
N ALA A 57 -3.38 11.42 2.16
CA ALA A 57 -4.05 10.12 2.19
C ALA A 57 -5.51 10.28 2.61
N GLU A 58 -5.72 10.72 3.84
CA GLU A 58 -7.07 10.90 4.36
C GLU A 58 -7.84 11.93 3.52
N ARG A 59 -7.19 13.04 3.20
CA ARG A 59 -7.81 14.09 2.42
C ARG A 59 -8.61 13.49 1.26
N SER A 60 -7.94 12.73 0.40
CA SER A 60 -8.60 12.11 -0.74
C SER A 60 -9.78 11.26 -0.29
N GLY A 61 -9.57 10.44 0.73
CA GLY A 61 -10.63 9.59 1.23
C GLY A 61 -10.68 8.24 0.54
N GLY A 62 -9.51 7.68 0.23
CA GLY A 62 -9.46 6.40 -0.44
C GLY A 62 -8.53 5.42 0.25
N LEU A 63 -7.51 5.95 0.93
CA LEU A 63 -6.55 5.10 1.64
C LEU A 63 -7.00 4.87 3.08
N LEU A 64 -6.50 3.80 3.68
CA LEU A 64 -6.84 3.47 5.06
C LEU A 64 -5.75 2.61 5.69
N PRO A 65 -5.60 2.74 7.02
CA PRO A 65 -4.60 1.99 7.78
C PRO A 65 -4.94 0.50 7.88
N GLY A 66 -4.10 -0.33 7.27
CA GLY A 66 -4.34 -1.76 7.30
C GLY A 66 -4.42 -2.36 5.91
N ASP A 67 -4.76 -1.54 4.93
CA ASP A 67 -4.88 -1.99 3.55
C ASP A 67 -3.51 -2.27 2.95
N ARG A 68 -3.41 -3.34 2.17
CA ARG A 68 -2.16 -3.72 1.54
C ARG A 68 -1.91 -2.88 0.28
N LEU A 69 -0.77 -2.19 0.25
CA LEU A 69 -0.41 -1.36 -0.90
C LEU A 69 0.16 -2.20 -2.03
N VAL A 70 -0.43 -2.06 -3.22
CA VAL A 70 0.03 -2.81 -4.38
C VAL A 70 1.22 -2.12 -5.05
N SER A 71 1.03 -0.86 -5.41
CA SER A 71 2.08 -0.09 -6.06
C SER A 71 1.88 1.41 -5.85
N VAL A 72 2.86 2.20 -6.27
CA VAL A 72 2.78 3.65 -6.12
C VAL A 72 3.40 4.36 -7.33
N ASN A 73 2.55 4.96 -8.16
CA ASN A 73 3.02 5.67 -9.35
C ASN A 73 3.70 4.71 -10.32
N GLU A 74 3.03 3.60 -10.62
CA GLU A 74 3.57 2.61 -11.53
C GLU A 74 4.86 2.01 -10.99
N TYR A 75 4.82 1.55 -9.74
CA TYR A 75 5.98 0.95 -9.09
C TYR A 75 5.61 -0.34 -8.40
N CYS A 76 6.12 -1.46 -8.91
CA CYS A 76 5.84 -2.77 -8.34
C CYS A 76 6.40 -2.86 -6.92
N LEU A 77 5.52 -2.73 -5.93
CA LEU A 77 5.92 -2.79 -4.54
C LEU A 77 5.64 -4.17 -3.95
N ASP A 78 5.52 -5.17 -4.83
CA ASP A 78 5.24 -6.53 -4.40
C ASP A 78 6.51 -7.20 -3.86
N ASN A 79 6.43 -7.67 -2.61
CA ASN A 79 7.57 -8.33 -1.98
C ASN A 79 8.76 -7.38 -1.90
N THR A 80 8.50 -6.13 -1.55
CA THR A 80 9.55 -5.12 -1.43
C THR A 80 9.95 -4.90 0.02
N SER A 81 11.17 -4.43 0.23
CA SER A 81 11.67 -4.17 1.57
C SER A 81 11.29 -2.77 2.04
N LEU A 82 10.85 -2.67 3.29
CA LEU A 82 10.46 -1.39 3.86
C LEU A 82 11.32 -0.26 3.32
N ALA A 83 12.64 -0.38 3.52
CA ALA A 83 13.58 0.63 3.04
C ALA A 83 13.32 0.98 1.58
N GLU A 84 13.19 -0.04 0.74
CA GLU A 84 12.93 0.18 -0.68
C GLU A 84 11.58 0.87 -0.89
N ALA A 85 10.55 0.36 -0.23
CA ALA A 85 9.21 0.93 -0.33
C ALA A 85 9.21 2.42 0.00
N VAL A 86 9.73 2.76 1.18
CA VAL A 86 9.78 4.14 1.62
C VAL A 86 10.55 5.00 0.62
N GLU A 87 11.70 4.50 0.18
CA GLU A 87 12.53 5.23 -0.78
C GLU A 87 11.75 5.52 -2.06
N ILE A 88 10.88 4.58 -2.44
CA ILE A 88 10.08 4.72 -3.64
C ILE A 88 9.05 5.84 -3.49
N LEU A 89 8.41 5.88 -2.33
CA LEU A 89 7.40 6.89 -2.05
C LEU A 89 8.05 8.25 -1.85
N LYS A 90 9.31 8.25 -1.43
CA LYS A 90 10.04 9.49 -1.21
C LYS A 90 10.62 10.03 -2.51
N ALA A 91 11.02 9.12 -3.39
CA ALA A 91 11.60 9.50 -4.68
C ALA A 91 10.50 9.91 -5.66
N VAL A 92 9.33 9.30 -5.52
CA VAL A 92 8.21 9.60 -6.40
C VAL A 92 7.99 11.11 -6.52
N PRO A 93 7.78 11.58 -7.77
CA PRO A 93 7.56 13.00 -8.04
C PRO A 93 6.21 13.48 -7.53
N PRO A 94 6.10 14.81 -7.32
CA PRO A 94 4.86 15.43 -6.83
C PRO A 94 3.74 15.38 -7.88
N GLY A 95 2.56 15.81 -7.47
CA GLY A 95 1.42 15.82 -8.38
C GLY A 95 0.54 14.59 -8.23
N LEU A 96 -0.34 14.37 -9.19
CA LEU A 96 -1.24 13.22 -9.16
C LEU A 96 -0.48 11.94 -8.84
N VAL A 97 -0.91 11.24 -7.80
CA VAL A 97 -0.28 9.99 -7.40
C VAL A 97 -1.21 8.80 -7.61
N HIS A 98 -0.89 7.97 -8.60
CA HIS A 98 -1.70 6.80 -8.91
C HIS A 98 -1.15 5.56 -8.20
N LEU A 99 -1.76 5.20 -7.08
CA LEU A 99 -1.34 4.04 -6.32
C LEU A 99 -2.51 3.11 -6.04
N GLY A 100 -2.27 1.80 -6.13
CA GLY A 100 -3.32 0.83 -5.88
C GLY A 100 -3.37 0.41 -4.43
N ILE A 101 -4.57 0.07 -3.96
CA ILE A 101 -4.75 -0.35 -2.57
C ILE A 101 -5.58 -1.64 -2.50
N CYS A 102 -5.25 -2.48 -1.54
CA CYS A 102 -5.96 -3.74 -1.35
C CYS A 102 -6.71 -3.75 -0.03
N SER A 103 -8.04 -3.63 -0.11
CA SER A 103 -8.87 -3.62 1.09
C SER A 103 -8.42 -4.69 2.08
N GLY A 104 -8.11 -4.26 3.30
CA GLY A 104 -7.66 -5.18 4.32
C GLY A 104 -8.41 -5.01 5.63
N PRO A 105 -7.80 -5.46 6.73
CA PRO A 105 -8.40 -5.36 8.06
C PRO A 105 -8.49 -3.92 8.56
N SER A 106 -9.64 -3.29 8.37
CA SER A 106 -9.85 -1.92 8.79
C SER A 106 -11.05 -1.81 9.71
N SER A 107 -11.21 -0.64 10.34
CA SER A 107 -12.32 -0.41 11.26
C SER A 107 -13.60 -0.12 10.48
N GLY A 108 -14.73 -0.23 11.17
CA GLY A 108 -16.02 0.03 10.54
C GLY A 108 -16.73 1.22 11.15
N GLY A 1 13.81 -21.65 -6.24
CA GLY A 1 12.53 -22.11 -6.74
C GLY A 1 11.67 -22.73 -5.66
N SER A 2 10.37 -22.45 -5.72
CA SER A 2 9.43 -22.97 -4.74
C SER A 2 8.28 -23.72 -5.42
N SER A 3 8.53 -24.98 -5.75
CA SER A 3 7.51 -25.80 -6.42
C SER A 3 6.14 -25.58 -5.78
N GLY A 4 5.18 -25.17 -6.60
CA GLY A 4 3.83 -24.93 -6.10
C GLY A 4 3.79 -23.84 -5.05
N SER A 5 2.59 -23.35 -4.76
CA SER A 5 2.41 -22.29 -3.78
C SER A 5 1.35 -22.68 -2.76
N SER A 6 0.11 -22.84 -3.23
CA SER A 6 -1.00 -23.20 -2.36
C SER A 6 -1.18 -22.17 -1.25
N GLY A 7 -0.78 -20.94 -1.53
CA GLY A 7 -0.90 -19.88 -0.54
C GLY A 7 -2.03 -18.92 -0.86
N GLU A 8 -3.26 -19.37 -0.66
CA GLU A 8 -4.43 -18.54 -0.93
C GLU A 8 -4.52 -17.39 0.07
N LEU A 9 -4.82 -16.20 -0.43
CA LEU A 9 -4.93 -15.01 0.42
C LEU A 9 -6.39 -14.60 0.57
N ALA A 10 -6.84 -14.50 1.82
CA ALA A 10 -8.21 -14.12 2.11
C ALA A 10 -8.27 -12.79 2.87
N LEU A 11 -7.21 -12.51 3.62
CA LEU A 11 -7.13 -11.28 4.39
C LEU A 11 -7.56 -10.07 3.56
N TRP A 12 -6.87 -9.86 2.44
CA TRP A 12 -7.19 -8.75 1.55
C TRP A 12 -8.11 -9.20 0.42
N SER A 13 -8.44 -8.27 -0.47
CA SER A 13 -9.32 -8.57 -1.60
C SER A 13 -8.53 -8.61 -2.90
N PRO A 14 -8.91 -9.53 -3.80
CA PRO A 14 -8.25 -9.70 -5.10
C PRO A 14 -8.54 -8.53 -6.05
N GLU A 15 -9.27 -7.54 -5.55
CA GLU A 15 -9.62 -6.37 -6.35
C GLU A 15 -8.86 -5.14 -5.87
N VAL A 16 -7.96 -4.65 -6.70
CA VAL A 16 -7.16 -3.47 -6.37
C VAL A 16 -7.85 -2.19 -6.83
N LYS A 17 -7.76 -1.14 -6.03
CA LYS A 17 -8.37 0.14 -6.36
C LYS A 17 -7.31 1.23 -6.47
N ILE A 18 -7.38 2.01 -7.54
CA ILE A 18 -6.43 3.09 -7.77
C ILE A 18 -6.91 4.39 -7.13
N VAL A 19 -6.24 4.81 -6.07
CA VAL A 19 -6.60 6.04 -5.37
C VAL A 19 -5.77 7.22 -5.88
N GLU A 20 -6.47 8.30 -6.23
CA GLU A 20 -5.80 9.50 -6.73
C GLU A 20 -5.35 10.39 -5.58
N LEU A 21 -4.05 10.39 -5.30
CA LEU A 21 -3.50 11.20 -4.23
C LEU A 21 -2.66 12.34 -4.79
N VAL A 22 -2.98 13.57 -4.38
CA VAL A 22 -2.25 14.74 -4.84
C VAL A 22 -1.09 15.06 -3.91
N LYS A 23 0.12 14.69 -4.34
CA LYS A 23 1.32 14.94 -3.55
C LYS A 23 1.61 16.44 -3.46
N ASP A 24 1.91 16.92 -2.26
CA ASP A 24 2.22 18.33 -2.05
C ASP A 24 3.72 18.56 -2.05
N CYS A 25 4.11 19.82 -2.10
CA CYS A 25 5.53 20.18 -2.11
C CYS A 25 6.30 19.37 -1.07
N LYS A 26 5.65 19.07 0.05
CA LYS A 26 6.27 18.31 1.11
C LYS A 26 6.29 16.83 0.77
N GLY A 27 5.15 16.30 0.34
CA GLY A 27 5.06 14.89 -0.01
C GLY A 27 3.70 14.30 0.31
N LEU A 28 3.69 13.05 0.76
CA LEU A 28 2.45 12.36 1.09
C LEU A 28 2.05 12.63 2.54
N GLY A 29 1.00 11.98 2.98
CA GLY A 29 0.53 12.16 4.36
C GLY A 29 0.20 10.84 5.03
N PHE A 30 0.89 9.77 4.63
CA PHE A 30 0.67 8.46 5.20
C PHE A 30 1.99 7.74 5.45
N SER A 31 1.90 6.52 5.98
CA SER A 31 3.10 5.73 6.27
C SER A 31 2.93 4.29 5.78
N ILE A 32 4.02 3.53 5.80
CA ILE A 32 3.99 2.15 5.37
C ILE A 32 4.90 1.28 6.23
N LEU A 33 4.62 -0.02 6.24
CA LEU A 33 5.42 -0.97 7.02
C LEU A 33 5.59 -2.29 6.29
N ASP A 34 6.42 -3.17 6.83
CA ASP A 34 6.66 -4.47 6.23
C ASP A 34 5.86 -5.56 6.92
N TYR A 35 5.06 -6.28 6.16
CA TYR A 35 4.23 -7.35 6.70
C TYR A 35 4.71 -8.71 6.22
N GLN A 36 4.32 -9.76 6.93
CA GLN A 36 4.71 -11.12 6.58
C GLN A 36 3.48 -12.03 6.48
N ASP A 37 3.35 -12.71 5.34
CA ASP A 37 2.23 -13.61 5.12
C ASP A 37 2.04 -14.55 6.31
N PRO A 38 0.77 -14.79 6.67
CA PRO A 38 0.42 -15.68 7.79
C PRO A 38 0.73 -17.14 7.50
N LEU A 39 0.99 -17.44 6.23
CA LEU A 39 1.29 -18.81 5.81
C LEU A 39 2.60 -18.86 5.03
N ASP A 40 3.09 -17.69 4.64
CA ASP A 40 4.34 -17.60 3.89
C ASP A 40 5.33 -16.67 4.59
N PRO A 41 6.23 -17.26 5.40
CA PRO A 41 7.24 -16.51 6.15
C PRO A 41 8.31 -15.91 5.23
N THR A 42 8.48 -16.53 4.06
CA THR A 42 9.47 -16.07 3.09
C THR A 42 8.91 -14.98 2.20
N ARG A 43 7.67 -14.56 2.48
CA ARG A 43 7.01 -13.52 1.70
C ARG A 43 6.76 -12.28 2.55
N SER A 44 6.73 -11.12 1.90
CA SER A 44 6.51 -9.86 2.59
C SER A 44 5.69 -8.90 1.73
N VAL A 45 4.82 -8.13 2.37
CA VAL A 45 3.98 -7.18 1.66
C VAL A 45 3.90 -5.85 2.41
N ILE A 46 3.86 -4.76 1.66
CA ILE A 46 3.78 -3.43 2.26
C ILE A 46 2.33 -3.04 2.54
N VAL A 47 2.06 -2.66 3.79
CA VAL A 47 0.72 -2.26 4.21
C VAL A 47 0.66 -0.78 4.52
N ILE A 48 -0.55 -0.28 4.77
CA ILE A 48 -0.73 1.13 5.10
C ILE A 48 -0.62 1.38 6.60
N ARG A 49 0.59 1.68 7.05
CA ARG A 49 0.84 1.93 8.47
C ARG A 49 -0.30 2.75 9.07
N SER A 50 -0.46 3.98 8.58
CA SER A 50 -1.50 4.87 9.07
C SER A 50 -1.55 6.15 8.26
N LEU A 51 -2.69 6.84 8.29
CA LEU A 51 -2.87 8.08 7.55
C LEU A 51 -2.70 9.28 8.47
N VAL A 52 -1.67 10.08 8.21
CA VAL A 52 -1.40 11.26 9.01
C VAL A 52 -2.63 12.16 9.10
N ALA A 53 -2.73 12.91 10.19
CA ALA A 53 -3.85 13.82 10.40
C ALA A 53 -4.01 14.78 9.23
N ASP A 54 -5.11 14.64 8.49
CA ASP A 54 -5.38 15.50 7.36
C ASP A 54 -4.30 15.34 6.28
N GLY A 55 -3.71 14.15 6.22
CA GLY A 55 -2.67 13.89 5.24
C GLY A 55 -3.22 13.57 3.87
N VAL A 56 -2.43 13.86 2.84
CA VAL A 56 -2.86 13.61 1.46
C VAL A 56 -3.72 12.35 1.37
N ALA A 57 -3.35 11.33 2.14
CA ALA A 57 -4.08 10.08 2.14
C ALA A 57 -5.53 10.29 2.59
N GLU A 58 -5.69 10.69 3.86
CA GLU A 58 -7.03 10.92 4.41
C GLU A 58 -7.77 11.97 3.59
N ARG A 59 -7.07 13.03 3.21
CA ARG A 59 -7.67 14.11 2.44
C ARG A 59 -8.45 13.55 1.24
N SER A 60 -7.77 12.78 0.41
CA SER A 60 -8.39 12.17 -0.77
C SER A 60 -9.59 11.33 -0.37
N GLY A 61 -9.41 10.49 0.65
CA GLY A 61 -10.49 9.64 1.11
C GLY A 61 -10.54 8.32 0.38
N GLY A 62 -9.39 7.69 0.20
CA GLY A 62 -9.33 6.43 -0.51
C GLY A 62 -8.44 5.41 0.19
N LEU A 63 -7.42 5.91 0.88
CA LEU A 63 -6.49 5.03 1.60
C LEU A 63 -6.94 4.83 3.04
N LEU A 64 -6.49 3.74 3.64
CA LEU A 64 -6.84 3.42 5.02
C LEU A 64 -5.77 2.56 5.67
N PRO A 65 -5.67 2.64 7.00
CA PRO A 65 -4.69 1.86 7.78
C PRO A 65 -5.03 0.37 7.80
N GLY A 66 -4.12 -0.44 7.25
CA GLY A 66 -4.35 -1.88 7.22
C GLY A 66 -4.37 -2.43 5.81
N ASP A 67 -4.70 -1.57 4.85
CA ASP A 67 -4.77 -1.98 3.46
C ASP A 67 -3.38 -2.23 2.89
N ARG A 68 -3.27 -3.21 2.00
CA ARG A 68 -2.00 -3.55 1.40
C ARG A 68 -1.75 -2.72 0.14
N LEU A 69 -0.61 -2.04 0.11
CA LEU A 69 -0.26 -1.20 -1.04
C LEU A 69 0.38 -2.03 -2.15
N VAL A 70 -0.29 -2.09 -3.29
CA VAL A 70 0.21 -2.84 -4.44
C VAL A 70 1.40 -2.14 -5.09
N SER A 71 1.19 -0.88 -5.47
CA SER A 71 2.24 -0.10 -6.11
C SER A 71 1.98 1.40 -5.94
N VAL A 72 2.98 2.21 -6.27
CA VAL A 72 2.86 3.66 -6.17
C VAL A 72 3.40 4.35 -7.42
N ASN A 73 2.48 4.92 -8.20
CA ASN A 73 2.86 5.61 -9.42
C ASN A 73 3.51 4.65 -10.42
N GLU A 74 2.93 3.47 -10.55
CA GLU A 74 3.45 2.45 -11.47
C GLU A 74 4.78 1.90 -10.96
N TYR A 75 4.80 1.48 -9.70
CA TYR A 75 6.00 0.93 -9.09
C TYR A 75 5.71 -0.37 -8.36
N CYS A 76 6.14 -1.48 -8.93
CA CYS A 76 5.92 -2.80 -8.33
C CYS A 76 6.57 -2.88 -6.95
N LEU A 77 5.75 -2.81 -5.90
CA LEU A 77 6.24 -2.88 -4.54
C LEU A 77 6.11 -4.29 -3.98
N ASP A 78 5.75 -5.23 -4.84
CA ASP A 78 5.59 -6.63 -4.43
C ASP A 78 6.86 -7.15 -3.79
N ASN A 79 6.73 -7.80 -2.64
CA ASN A 79 7.87 -8.35 -1.91
C ASN A 79 9.02 -7.35 -1.87
N THR A 80 8.71 -6.11 -1.50
CA THR A 80 9.72 -5.06 -1.41
C THR A 80 10.10 -4.78 0.03
N SER A 81 11.35 -4.37 0.24
CA SER A 81 11.84 -4.07 1.57
C SER A 81 11.38 -2.69 2.03
N LEU A 82 10.88 -2.61 3.26
CA LEU A 82 10.40 -1.34 3.81
C LEU A 82 11.26 -0.18 3.32
N ALA A 83 12.57 -0.32 3.48
CA ALA A 83 13.50 0.73 3.06
C ALA A 83 13.27 1.10 1.60
N GLU A 84 13.12 0.09 0.74
CA GLU A 84 12.89 0.32 -0.67
C GLU A 84 11.56 1.00 -0.91
N ALA A 85 10.52 0.53 -0.23
CA ALA A 85 9.19 1.11 -0.37
C ALA A 85 9.20 2.59 -0.02
N VAL A 86 9.80 2.92 1.11
CA VAL A 86 9.87 4.31 1.57
C VAL A 86 10.62 5.18 0.56
N GLU A 87 11.74 4.67 0.06
CA GLU A 87 12.55 5.40 -0.91
C GLU A 87 11.74 5.70 -2.17
N ILE A 88 10.92 4.73 -2.58
CA ILE A 88 10.09 4.88 -3.76
C ILE A 88 9.04 5.98 -3.57
N LEU A 89 8.52 6.08 -2.35
CA LEU A 89 7.52 7.08 -2.04
C LEU A 89 8.15 8.47 -1.90
N LYS A 90 9.45 8.49 -1.64
CA LYS A 90 10.18 9.75 -1.49
C LYS A 90 10.76 10.21 -2.82
N ALA A 91 11.05 9.26 -3.70
CA ALA A 91 11.60 9.57 -5.01
C ALA A 91 10.50 9.92 -6.00
N VAL A 92 9.26 9.55 -5.66
CA VAL A 92 8.11 9.82 -6.52
C VAL A 92 7.88 11.32 -6.66
N PRO A 93 7.61 11.77 -7.89
CA PRO A 93 7.36 13.18 -8.18
C PRO A 93 6.04 13.67 -7.62
N PRO A 94 5.93 14.99 -7.40
CA PRO A 94 4.72 15.61 -6.86
C PRO A 94 3.56 15.59 -7.85
N GLY A 95 2.38 15.97 -7.38
CA GLY A 95 1.21 15.99 -8.23
C GLY A 95 0.35 14.75 -8.05
N LEU A 96 -0.47 14.45 -9.06
CA LEU A 96 -1.36 13.29 -9.01
C LEU A 96 -0.57 12.02 -8.73
N VAL A 97 -1.03 11.24 -7.75
CA VAL A 97 -0.37 9.99 -7.38
C VAL A 97 -1.31 8.81 -7.55
N HIS A 98 -1.07 8.03 -8.61
CA HIS A 98 -1.89 6.85 -8.89
C HIS A 98 -1.29 5.61 -8.25
N LEU A 99 -1.90 5.16 -7.15
CA LEU A 99 -1.43 3.97 -6.45
C LEU A 99 -2.57 3.00 -6.18
N GLY A 100 -2.29 1.71 -6.29
CA GLY A 100 -3.30 0.71 -6.04
C GLY A 100 -3.34 0.25 -4.60
N ILE A 101 -4.54 0.06 -4.07
CA ILE A 101 -4.70 -0.37 -2.68
C ILE A 101 -5.53 -1.66 -2.61
N CYS A 102 -5.44 -2.35 -1.47
CA CYS A 102 -6.18 -3.58 -1.27
C CYS A 102 -6.91 -3.57 0.07
N SER A 103 -8.24 -3.50 0.01
CA SER A 103 -9.06 -3.46 1.21
C SER A 103 -8.59 -4.52 2.21
N GLY A 104 -8.19 -4.08 3.40
CA GLY A 104 -7.73 -4.99 4.42
C GLY A 104 -8.49 -4.84 5.72
N PRO A 105 -7.83 -5.17 6.84
CA PRO A 105 -8.44 -5.08 8.18
C PRO A 105 -8.66 -3.63 8.61
N SER A 106 -9.81 -3.08 8.25
CA SER A 106 -10.16 -1.71 8.60
C SER A 106 -11.62 -1.59 8.97
N SER A 107 -11.91 -0.74 9.96
CA SER A 107 -13.29 -0.54 10.42
C SER A 107 -13.89 0.72 9.79
N GLY A 108 -15.16 0.64 9.42
CA GLY A 108 -15.82 1.78 8.82
C GLY A 108 -16.05 2.91 9.80
#